data_2MD4
# 
_entry.id   2MD4 
# 
_audit_conform.dict_name       mmcif_pdbx.dic 
_audit_conform.dict_version    5.392 
_audit_conform.dict_location   http://mmcif.pdb.org/dictionaries/ascii/mmcif_pdbx.dic 
# 
loop_
_database_2.database_id 
_database_2.database_code 
_database_2.pdbx_database_accession 
_database_2.pdbx_DOI 
PDB   2MD4         pdb_00002md4 10.2210/pdb2md4/pdb 
RCSB  RCSB103494   ?            ?                   
BMRB  19471        ?            10.13018/BMR19471   
WWPDB D_1000103494 ?            ?                   
# 
loop_
_pdbx_audit_revision_history.ordinal 
_pdbx_audit_revision_history.data_content_type 
_pdbx_audit_revision_history.major_revision 
_pdbx_audit_revision_history.minor_revision 
_pdbx_audit_revision_history.revision_date 
1 'Structure model' 1 0 2013-09-25 
2 'Structure model' 1 1 2015-09-02 
3 'Structure model' 1 2 2023-06-14 
4 'Structure model' 1 3 2024-05-15 
# 
_pdbx_audit_revision_details.ordinal             1 
_pdbx_audit_revision_details.revision_ordinal    1 
_pdbx_audit_revision_details.data_content_type   'Structure model' 
_pdbx_audit_revision_details.provider            repository 
_pdbx_audit_revision_details.type                'Initial release' 
_pdbx_audit_revision_details.description         ? 
_pdbx_audit_revision_details.details             ? 
# 
loop_
_pdbx_audit_revision_group.ordinal 
_pdbx_audit_revision_group.revision_ordinal 
_pdbx_audit_revision_group.data_content_type 
_pdbx_audit_revision_group.group 
1 2 'Structure model' 'Database references' 
2 3 'Structure model' 'Data collection'     
3 3 'Structure model' 'Database references' 
4 3 'Structure model' Other                 
5 4 'Structure model' 'Data collection'     
6 4 'Structure model' 'Database references' 
# 
loop_
_pdbx_audit_revision_category.ordinal 
_pdbx_audit_revision_category.revision_ordinal 
_pdbx_audit_revision_category.data_content_type 
_pdbx_audit_revision_category.category 
1 3 'Structure model' database_2            
2 3 'Structure model' pdbx_database_status  
3 3 'Structure model' pdbx_nmr_spectrometer 
4 4 'Structure model' chem_comp_atom        
5 4 'Structure model' chem_comp_bond        
6 4 'Structure model' database_2            
# 
loop_
_pdbx_audit_revision_item.ordinal 
_pdbx_audit_revision_item.revision_ordinal 
_pdbx_audit_revision_item.data_content_type 
_pdbx_audit_revision_item.item 
1 3 'Structure model' '_database_2.pdbx_DOI'                       
2 3 'Structure model' '_database_2.pdbx_database_accession'        
3 3 'Structure model' '_pdbx_database_status.status_code_nmr_data' 
4 3 'Structure model' '_pdbx_nmr_spectrometer.model'               
5 4 'Structure model' '_database_2.pdbx_DOI'                       
# 
_pdbx_database_status.deposit_site                    BMRB 
_pdbx_database_status.entry_id                        2MD4 
_pdbx_database_status.methods_development_category    ? 
_pdbx_database_status.process_site                    PDBJ 
_pdbx_database_status.recvd_initial_deposition_date   2013-08-29 
_pdbx_database_status.SG_entry                        ? 
_pdbx_database_status.status_code                     REL 
_pdbx_database_status.status_code_mr                  REL 
_pdbx_database_status.status_code_sf                  ? 
_pdbx_database_status.status_code_cs                  REL 
_pdbx_database_status.pdb_format_compatible           Y 
_pdbx_database_status.status_code_nmr_data            REL 
# 
loop_
_pdbx_database_related.db_name 
_pdbx_database_related.db_id 
_pdbx_database_related.content_type 
_pdbx_database_related.details 
BMRB 19471 unspecified . 
PDB  2MD1  unspecified . 
PDB  2MD2  unspecified . 
PDB  2MD3  unspecified . 
# 
loop_
_audit_author.name 
_audit_author.pdbx_ordinal 
'Bhunia, A.'     1 
'Chatterjee, S.' 2 
'Ghosh, A.'      3 
'Jana, J.'       4 
# 
_citation.id                        primary 
_citation.title                     
'Sequence context induced antimicrobial activity: insight into lipopolysaccharide permeabilization.' 
_citation.journal_abbrev            'Mol Biosyst' 
_citation.journal_volume            10 
_citation.page_first                1596 
_citation.page_last                 1612 
_citation.year                      2014 
_citation.journal_id_ASTM           ? 
_citation.country                   UK 
_citation.journal_id_ISSN           1742-206X 
_citation.journal_id_CSD            ? 
_citation.book_publisher            ? 
_citation.pdbx_database_id_PubMed   24714742 
_citation.pdbx_database_id_DOI      10.1039/c4mb00111g 
# 
loop_
_citation_author.citation_id 
_citation_author.name 
_citation_author.ordinal 
_citation_author.identifier_ORCID 
primary 'Ghosh, A.'      1 ? 
primary 'Datta, A.'      2 ? 
primary 'Jana, J.'       3 ? 
primary 'Kar, R.K.'      4 ? 
primary 'Chatterjee, C.' 5 ? 
primary 'Chatterjee, S.' 6 ? 
primary 'Bhunia, A.'     7 ? 
# 
_entity.id                         1 
_entity.type                       polymer 
_entity.src_method                 syn 
_entity.pdbx_description           Lactotransferrin 
_entity.formula_weight             1437.704 
_entity.pdbx_number_of_molecules   1 
_entity.pdbx_ec                    3.4.21.- 
_entity.pdbx_mutation              ? 
_entity.pdbx_fragment              ? 
_entity.details                    ? 
# 
_entity_name_com.entity_id   1 
_entity_name_com.name        'Lactoferrin, Lactoferricin-B, Lfcin-B' 
# 
_entity_poly.entity_id                      1 
_entity_poly.type                           'polypeptide(L)' 
_entity_poly.nstd_linkage                   no 
_entity_poly.nstd_monomer                   no 
_entity_poly.pdbx_seq_one_letter_code       WKLLSKAQEKFG 
_entity_poly.pdbx_seq_one_letter_code_can   WKLLSKAQEKFG 
_entity_poly.pdbx_strand_id                 A 
_entity_poly.pdbx_target_identifier         ? 
# 
loop_
_entity_poly_seq.entity_id 
_entity_poly_seq.num 
_entity_poly_seq.mon_id 
_entity_poly_seq.hetero 
1 1  TRP n 
1 2  LYS n 
1 3  LEU n 
1 4  LEU n 
1 5  SER n 
1 6  LYS n 
1 7  ALA n 
1 8  GLN n 
1 9  GLU n 
1 10 LYS n 
1 11 PHE n 
1 12 GLY n 
# 
_pdbx_entity_src_syn.entity_id              1 
_pdbx_entity_src_syn.pdbx_src_id            1 
_pdbx_entity_src_syn.pdbx_alt_source_flag   sample 
_pdbx_entity_src_syn.pdbx_beg_seq_num       ? 
_pdbx_entity_src_syn.pdbx_end_seq_num       ? 
_pdbx_entity_src_syn.organism_scientific    'Bos taurus' 
_pdbx_entity_src_syn.organism_common_name   bovine 
_pdbx_entity_src_syn.ncbi_taxonomy_id       9913 
_pdbx_entity_src_syn.details                'The peptide was chemically synthesized.' 
# 
loop_
_chem_comp.id 
_chem_comp.type 
_chem_comp.mon_nstd_flag 
_chem_comp.name 
_chem_comp.pdbx_synonyms 
_chem_comp.formula 
_chem_comp.formula_weight 
ALA 'L-peptide linking' y ALANINE         ? 'C3 H7 N O2'     89.093  
GLN 'L-peptide linking' y GLUTAMINE       ? 'C5 H10 N2 O3'   146.144 
GLU 'L-peptide linking' y 'GLUTAMIC ACID' ? 'C5 H9 N O4'     147.129 
GLY 'peptide linking'   y GLYCINE         ? 'C2 H5 N O2'     75.067  
LEU 'L-peptide linking' y LEUCINE         ? 'C6 H13 N O2'    131.173 
LYS 'L-peptide linking' y LYSINE          ? 'C6 H15 N2 O2 1' 147.195 
PHE 'L-peptide linking' y PHENYLALANINE   ? 'C9 H11 N O2'    165.189 
SER 'L-peptide linking' y SERINE          ? 'C3 H7 N O3'     105.093 
TRP 'L-peptide linking' y TRYPTOPHAN      ? 'C11 H12 N2 O2'  204.225 
# 
loop_
_pdbx_poly_seq_scheme.asym_id 
_pdbx_poly_seq_scheme.entity_id 
_pdbx_poly_seq_scheme.seq_id 
_pdbx_poly_seq_scheme.mon_id 
_pdbx_poly_seq_scheme.ndb_seq_num 
_pdbx_poly_seq_scheme.pdb_seq_num 
_pdbx_poly_seq_scheme.auth_seq_num 
_pdbx_poly_seq_scheme.pdb_mon_id 
_pdbx_poly_seq_scheme.auth_mon_id 
_pdbx_poly_seq_scheme.pdb_strand_id 
_pdbx_poly_seq_scheme.pdb_ins_code 
_pdbx_poly_seq_scheme.hetero 
A 1 1  TRP 1  1  1  TRP TRP A . n 
A 1 2  LYS 2  2  2  LYS LYS A . n 
A 1 3  LEU 3  3  3  LEU LEU A . n 
A 1 4  LEU 4  4  4  LEU LEU A . n 
A 1 5  SER 5  5  5  SER SER A . n 
A 1 6  LYS 6  6  6  LYS LYS A . n 
A 1 7  ALA 7  7  7  ALA ALA A . n 
A 1 8  GLN 8  8  8  GLN GLN A . n 
A 1 9  GLU 9  9  9  GLU GLU A . n 
A 1 10 LYS 10 10 10 LYS LYS A . n 
A 1 11 PHE 11 11 11 PHE PHE A . n 
A 1 12 GLY 12 12 12 GLY GLY A . n 
# 
_exptl.absorpt_coefficient_mu     ? 
_exptl.absorpt_correction_T_max   ? 
_exptl.absorpt_correction_T_min   ? 
_exptl.absorpt_correction_type    ? 
_exptl.absorpt_process_details    ? 
_exptl.crystals_number            ? 
_exptl.details                    ? 
_exptl.entry_id                   2MD4 
_exptl.method                     'SOLUTION NMR' 
_exptl.method_details             ? 
# 
_struct.entry_id                  2MD4 
_struct.title                     
'Fragment based approach and binding behavior of LFampinB with Lipopolysaccharide: biophysical aspects' 
_struct.pdbx_model_details        'lowest energy, model1' 
_struct.pdbx_CASP_flag            ? 
_struct.pdbx_model_type_details   ? 
# 
_struct_keywords.entry_id        2MD4 
_struct_keywords.pdbx_keywords   'ANTIMICROBIAL PROTEIN' 
_struct_keywords.text            'ANTIMICROBIAL PROTEIN' 
# 
_struct_asym.id                            A 
_struct_asym.pdbx_blank_PDB_chainid_flag   N 
_struct_asym.pdbx_modified                 N 
_struct_asym.entity_id                     1 
_struct_asym.details                       ? 
# 
_struct_ref.id                         1 
_struct_ref.db_name                    UNP 
_struct_ref.db_code                    TRFL_BOVIN 
_struct_ref.pdbx_db_accession          P24627 
_struct_ref.entity_id                  1 
_struct_ref.pdbx_seq_one_letter_code   WKLLSKAQEKFG 
_struct_ref.pdbx_align_begin           287 
_struct_ref.pdbx_db_isoform            ? 
# 
_struct_ref_seq.align_id                      1 
_struct_ref_seq.ref_id                        1 
_struct_ref_seq.pdbx_PDB_id_code              2MD4 
_struct_ref_seq.pdbx_strand_id                A 
_struct_ref_seq.seq_align_beg                 1 
_struct_ref_seq.pdbx_seq_align_beg_ins_code   ? 
_struct_ref_seq.seq_align_end                 12 
_struct_ref_seq.pdbx_seq_align_end_ins_code   ? 
_struct_ref_seq.pdbx_db_accession             P24627 
_struct_ref_seq.db_align_beg                  287 
_struct_ref_seq.pdbx_db_align_beg_ins_code    ? 
_struct_ref_seq.db_align_end                  298 
_struct_ref_seq.pdbx_db_align_end_ins_code    ? 
_struct_ref_seq.pdbx_auth_seq_align_beg       1 
_struct_ref_seq.pdbx_auth_seq_align_end       12 
# 
_pdbx_struct_assembly.id                   1 
_pdbx_struct_assembly.details              author_defined_assembly 
_pdbx_struct_assembly.method_details       ? 
_pdbx_struct_assembly.oligomeric_details   monomeric 
_pdbx_struct_assembly.oligomeric_count     1 
# 
_pdbx_struct_assembly_gen.assembly_id       1 
_pdbx_struct_assembly_gen.oper_expression   1 
_pdbx_struct_assembly_gen.asym_id_list      A 
# 
_pdbx_struct_oper_list.id                   1 
_pdbx_struct_oper_list.type                 'identity operation' 
_pdbx_struct_oper_list.name                 1_555 
_pdbx_struct_oper_list.symmetry_operation   x,y,z 
_pdbx_struct_oper_list.matrix[1][1]         1.0000000000 
_pdbx_struct_oper_list.matrix[1][2]         0.0000000000 
_pdbx_struct_oper_list.matrix[1][3]         0.0000000000 
_pdbx_struct_oper_list.vector[1]            0.0000000000 
_pdbx_struct_oper_list.matrix[2][1]         0.0000000000 
_pdbx_struct_oper_list.matrix[2][2]         1.0000000000 
_pdbx_struct_oper_list.matrix[2][3]         0.0000000000 
_pdbx_struct_oper_list.vector[2]            0.0000000000 
_pdbx_struct_oper_list.matrix[3][1]         0.0000000000 
_pdbx_struct_oper_list.matrix[3][2]         0.0000000000 
_pdbx_struct_oper_list.matrix[3][3]         1.0000000000 
_pdbx_struct_oper_list.vector[3]            0.0000000000 
# 
_struct_biol.id   1 
# 
_struct_conf.conf_type_id            HELX_P 
_struct_conf.id                      HELX_P1 
_struct_conf.pdbx_PDB_helix_id       1 
_struct_conf.beg_label_comp_id       TRP 
_struct_conf.beg_label_asym_id       A 
_struct_conf.beg_label_seq_id        1 
_struct_conf.pdbx_beg_PDB_ins_code   ? 
_struct_conf.end_label_comp_id       LYS 
_struct_conf.end_label_asym_id       A 
_struct_conf.end_label_seq_id        10 
_struct_conf.pdbx_end_PDB_ins_code   ? 
_struct_conf.beg_auth_comp_id        TRP 
_struct_conf.beg_auth_asym_id        A 
_struct_conf.beg_auth_seq_id         1 
_struct_conf.end_auth_comp_id        LYS 
_struct_conf.end_auth_asym_id        A 
_struct_conf.end_auth_seq_id         10 
_struct_conf.pdbx_PDB_helix_class    1 
_struct_conf.details                 ? 
_struct_conf.pdbx_PDB_helix_length   10 
# 
_struct_conf_type.id          HELX_P 
_struct_conf_type.criteria    ? 
_struct_conf_type.reference   ? 
# 
_pdbx_nmr_ensemble.average_constraint_violations_per_residue     ? 
_pdbx_nmr_ensemble.average_constraints_per_residue               ? 
_pdbx_nmr_ensemble.average_distance_constraint_violation         ? 
_pdbx_nmr_ensemble.average_torsion_angle_constraint_violation    ? 
_pdbx_nmr_ensemble.conformer_selection_criteria                  'structures with the lowest energy' 
_pdbx_nmr_ensemble.conformers_calculated_total_number            100 
_pdbx_nmr_ensemble.conformers_submitted_total_number             10 
_pdbx_nmr_ensemble.distance_constraint_violation_method          ? 
_pdbx_nmr_ensemble.entry_id                                      2MD4 
_pdbx_nmr_ensemble.maximum_distance_constraint_violation         ? 
_pdbx_nmr_ensemble.maximum_lower_distance_constraint_violation   ? 
_pdbx_nmr_ensemble.maximum_torsion_angle_constraint_violation    ? 
_pdbx_nmr_ensemble.maximum_upper_distance_constraint_violation   ? 
_pdbx_nmr_ensemble.representative_conformer                      1 
_pdbx_nmr_ensemble.torsion_angle_constraint_violation_method     ? 
# 
_pdbx_nmr_representative.conformer_id         1 
_pdbx_nmr_representative.entry_id             2MD4 
_pdbx_nmr_representative.selection_criteria   'lowest energy' 
# 
_pdbx_nmr_sample_details.contents         '55.5 M H2O-1, 90% H2O/10% D2O' 
_pdbx_nmr_sample_details.solution_id      1 
_pdbx_nmr_sample_details.solvent_system   '90% H2O/10% D2O' 
# 
_pdbx_nmr_exptl_sample.component             H2O-1 
_pdbx_nmr_exptl_sample.concentration         55.5 
_pdbx_nmr_exptl_sample.concentration_range   ? 
_pdbx_nmr_exptl_sample.concentration_units   M 
_pdbx_nmr_exptl_sample.isotopic_labeling     ? 
_pdbx_nmr_exptl_sample.solution_id           1 
# 
_pdbx_nmr_exptl_sample_conditions.conditions_id       1 
_pdbx_nmr_exptl_sample_conditions.ionic_strength      ? 
_pdbx_nmr_exptl_sample_conditions.pH                  4.5 
_pdbx_nmr_exptl_sample_conditions.pressure            ambient 
_pdbx_nmr_exptl_sample_conditions.pressure_units      ? 
_pdbx_nmr_exptl_sample_conditions.temperature         298 
_pdbx_nmr_exptl_sample_conditions.temperature_units   K 
# 
_pdbx_nmr_exptl.conditions_id   1 
_pdbx_nmr_exptl.experiment_id   1 
_pdbx_nmr_exptl.solution_id     1 
_pdbx_nmr_exptl.type            '2D 1H-1H NOESY' 
# 
_pdbx_nmr_constraints.disulfide_bond_constraints_total_count        ? 
_pdbx_nmr_constraints.entry_id                                      2MD4 
_pdbx_nmr_constraints.hydrogen_bond_constraints_total_count         ? 
_pdbx_nmr_constraints.NA_alpha-angle_constraints_total_count        ? 
_pdbx_nmr_constraints.NA_beta-angle_constraints_total_count         ? 
_pdbx_nmr_constraints.NA_chi-angle_constraints_total_count          ? 
_pdbx_nmr_constraints.NA_delta-angle_constraints_total_count        ? 
_pdbx_nmr_constraints.NA_epsilon-angle_constraints_total_count      ? 
_pdbx_nmr_constraints.NA_gamma-angle_constraints_total_count        ? 
_pdbx_nmr_constraints.NA_other-angle_constraints_total_count        ? 
_pdbx_nmr_constraints.NA_sugar_pucker_constraints_total_count       ? 
_pdbx_nmr_constraints.NOE_constraints_total                         ? 
_pdbx_nmr_constraints.NOE_interentity_total_count                   ? 
_pdbx_nmr_constraints.NOE_interproton_distance_evaluation           ? 
_pdbx_nmr_constraints.NOE_intraresidue_total_count                  ? 
_pdbx_nmr_constraints.NOE_long_range_total_count                    ? 
_pdbx_nmr_constraints.NOE_medium_range_total_count                  ? 
_pdbx_nmr_constraints.NOE_motional_averaging_correction             ? 
_pdbx_nmr_constraints.NOE_pseudoatom_corrections                    ? 
_pdbx_nmr_constraints.NOE_sequential_total_count                    ? 
_pdbx_nmr_constraints.protein_chi_angle_constraints_total_count     ? 
_pdbx_nmr_constraints.protein_other_angle_constraints_total_count   ? 
_pdbx_nmr_constraints.protein_phi_angle_constraints_total_count     11 
_pdbx_nmr_constraints.protein_psi_angle_constraints_total_count     11 
# 
_pdbx_nmr_refine.entry_id           2MD4 
_pdbx_nmr_refine.method             'DGSA-distance geometry simulated annealing' 
_pdbx_nmr_refine.details            ? 
_pdbx_nmr_refine.software_ordinal   1 
# 
loop_
_pdbx_nmr_software.authors 
_pdbx_nmr_software.classification 
_pdbx_nmr_software.name 
_pdbx_nmr_software.ordinal 
_pdbx_nmr_software.version 
'Guntert, Mumenthaler and Wuthrich' 'structure solution' CYANA 1 2.1 
'Guntert, Mumenthaler and Wuthrich' refinement           CYANA 2 ?   
# 
loop_
_chem_comp_atom.comp_id 
_chem_comp_atom.atom_id 
_chem_comp_atom.type_symbol 
_chem_comp_atom.pdbx_aromatic_flag 
_chem_comp_atom.pdbx_stereo_config 
_chem_comp_atom.pdbx_ordinal 
ALA N    N N N 1   
ALA CA   C N S 2   
ALA C    C N N 3   
ALA O    O N N 4   
ALA CB   C N N 5   
ALA OXT  O N N 6   
ALA H    H N N 7   
ALA H2   H N N 8   
ALA HA   H N N 9   
ALA HB1  H N N 10  
ALA HB2  H N N 11  
ALA HB3  H N N 12  
ALA HXT  H N N 13  
GLN N    N N N 14  
GLN CA   C N S 15  
GLN C    C N N 16  
GLN O    O N N 17  
GLN CB   C N N 18  
GLN CG   C N N 19  
GLN CD   C N N 20  
GLN OE1  O N N 21  
GLN NE2  N N N 22  
GLN OXT  O N N 23  
GLN H    H N N 24  
GLN H2   H N N 25  
GLN HA   H N N 26  
GLN HB2  H N N 27  
GLN HB3  H N N 28  
GLN HG2  H N N 29  
GLN HG3  H N N 30  
GLN HE21 H N N 31  
GLN HE22 H N N 32  
GLN HXT  H N N 33  
GLU N    N N N 34  
GLU CA   C N S 35  
GLU C    C N N 36  
GLU O    O N N 37  
GLU CB   C N N 38  
GLU CG   C N N 39  
GLU CD   C N N 40  
GLU OE1  O N N 41  
GLU OE2  O N N 42  
GLU OXT  O N N 43  
GLU H    H N N 44  
GLU H2   H N N 45  
GLU HA   H N N 46  
GLU HB2  H N N 47  
GLU HB3  H N N 48  
GLU HG2  H N N 49  
GLU HG3  H N N 50  
GLU HE2  H N N 51  
GLU HXT  H N N 52  
GLY N    N N N 53  
GLY CA   C N N 54  
GLY C    C N N 55  
GLY O    O N N 56  
GLY OXT  O N N 57  
GLY H    H N N 58  
GLY H2   H N N 59  
GLY HA2  H N N 60  
GLY HA3  H N N 61  
GLY HXT  H N N 62  
LEU N    N N N 63  
LEU CA   C N S 64  
LEU C    C N N 65  
LEU O    O N N 66  
LEU CB   C N N 67  
LEU CG   C N N 68  
LEU CD1  C N N 69  
LEU CD2  C N N 70  
LEU OXT  O N N 71  
LEU H    H N N 72  
LEU H2   H N N 73  
LEU HA   H N N 74  
LEU HB2  H N N 75  
LEU HB3  H N N 76  
LEU HG   H N N 77  
LEU HD11 H N N 78  
LEU HD12 H N N 79  
LEU HD13 H N N 80  
LEU HD21 H N N 81  
LEU HD22 H N N 82  
LEU HD23 H N N 83  
LEU HXT  H N N 84  
LYS N    N N N 85  
LYS CA   C N S 86  
LYS C    C N N 87  
LYS O    O N N 88  
LYS CB   C N N 89  
LYS CG   C N N 90  
LYS CD   C N N 91  
LYS CE   C N N 92  
LYS NZ   N N N 93  
LYS OXT  O N N 94  
LYS H    H N N 95  
LYS H2   H N N 96  
LYS HA   H N N 97  
LYS HB2  H N N 98  
LYS HB3  H N N 99  
LYS HG2  H N N 100 
LYS HG3  H N N 101 
LYS HD2  H N N 102 
LYS HD3  H N N 103 
LYS HE2  H N N 104 
LYS HE3  H N N 105 
LYS HZ1  H N N 106 
LYS HZ2  H N N 107 
LYS HZ3  H N N 108 
LYS HXT  H N N 109 
PHE N    N N N 110 
PHE CA   C N S 111 
PHE C    C N N 112 
PHE O    O N N 113 
PHE CB   C N N 114 
PHE CG   C Y N 115 
PHE CD1  C Y N 116 
PHE CD2  C Y N 117 
PHE CE1  C Y N 118 
PHE CE2  C Y N 119 
PHE CZ   C Y N 120 
PHE OXT  O N N 121 
PHE H    H N N 122 
PHE H2   H N N 123 
PHE HA   H N N 124 
PHE HB2  H N N 125 
PHE HB3  H N N 126 
PHE HD1  H N N 127 
PHE HD2  H N N 128 
PHE HE1  H N N 129 
PHE HE2  H N N 130 
PHE HZ   H N N 131 
PHE HXT  H N N 132 
SER N    N N N 133 
SER CA   C N S 134 
SER C    C N N 135 
SER O    O N N 136 
SER CB   C N N 137 
SER OG   O N N 138 
SER OXT  O N N 139 
SER H    H N N 140 
SER H2   H N N 141 
SER HA   H N N 142 
SER HB2  H N N 143 
SER HB3  H N N 144 
SER HG   H N N 145 
SER HXT  H N N 146 
TRP N    N N N 147 
TRP CA   C N S 148 
TRP C    C N N 149 
TRP O    O N N 150 
TRP CB   C N N 151 
TRP CG   C Y N 152 
TRP CD1  C Y N 153 
TRP CD2  C Y N 154 
TRP NE1  N Y N 155 
TRP CE2  C Y N 156 
TRP CE3  C Y N 157 
TRP CZ2  C Y N 158 
TRP CZ3  C Y N 159 
TRP CH2  C Y N 160 
TRP OXT  O N N 161 
TRP H    H N N 162 
TRP H2   H N N 163 
TRP HA   H N N 164 
TRP HB2  H N N 165 
TRP HB3  H N N 166 
TRP HD1  H N N 167 
TRP HE1  H N N 168 
TRP HE3  H N N 169 
TRP HZ2  H N N 170 
TRP HZ3  H N N 171 
TRP HH2  H N N 172 
TRP HXT  H N N 173 
# 
loop_
_chem_comp_bond.comp_id 
_chem_comp_bond.atom_id_1 
_chem_comp_bond.atom_id_2 
_chem_comp_bond.value_order 
_chem_comp_bond.pdbx_aromatic_flag 
_chem_comp_bond.pdbx_stereo_config 
_chem_comp_bond.pdbx_ordinal 
ALA N   CA   sing N N 1   
ALA N   H    sing N N 2   
ALA N   H2   sing N N 3   
ALA CA  C    sing N N 4   
ALA CA  CB   sing N N 5   
ALA CA  HA   sing N N 6   
ALA C   O    doub N N 7   
ALA C   OXT  sing N N 8   
ALA CB  HB1  sing N N 9   
ALA CB  HB2  sing N N 10  
ALA CB  HB3  sing N N 11  
ALA OXT HXT  sing N N 12  
GLN N   CA   sing N N 13  
GLN N   H    sing N N 14  
GLN N   H2   sing N N 15  
GLN CA  C    sing N N 16  
GLN CA  CB   sing N N 17  
GLN CA  HA   sing N N 18  
GLN C   O    doub N N 19  
GLN C   OXT  sing N N 20  
GLN CB  CG   sing N N 21  
GLN CB  HB2  sing N N 22  
GLN CB  HB3  sing N N 23  
GLN CG  CD   sing N N 24  
GLN CG  HG2  sing N N 25  
GLN CG  HG3  sing N N 26  
GLN CD  OE1  doub N N 27  
GLN CD  NE2  sing N N 28  
GLN NE2 HE21 sing N N 29  
GLN NE2 HE22 sing N N 30  
GLN OXT HXT  sing N N 31  
GLU N   CA   sing N N 32  
GLU N   H    sing N N 33  
GLU N   H2   sing N N 34  
GLU CA  C    sing N N 35  
GLU CA  CB   sing N N 36  
GLU CA  HA   sing N N 37  
GLU C   O    doub N N 38  
GLU C   OXT  sing N N 39  
GLU CB  CG   sing N N 40  
GLU CB  HB2  sing N N 41  
GLU CB  HB3  sing N N 42  
GLU CG  CD   sing N N 43  
GLU CG  HG2  sing N N 44  
GLU CG  HG3  sing N N 45  
GLU CD  OE1  doub N N 46  
GLU CD  OE2  sing N N 47  
GLU OE2 HE2  sing N N 48  
GLU OXT HXT  sing N N 49  
GLY N   CA   sing N N 50  
GLY N   H    sing N N 51  
GLY N   H2   sing N N 52  
GLY CA  C    sing N N 53  
GLY CA  HA2  sing N N 54  
GLY CA  HA3  sing N N 55  
GLY C   O    doub N N 56  
GLY C   OXT  sing N N 57  
GLY OXT HXT  sing N N 58  
LEU N   CA   sing N N 59  
LEU N   H    sing N N 60  
LEU N   H2   sing N N 61  
LEU CA  C    sing N N 62  
LEU CA  CB   sing N N 63  
LEU CA  HA   sing N N 64  
LEU C   O    doub N N 65  
LEU C   OXT  sing N N 66  
LEU CB  CG   sing N N 67  
LEU CB  HB2  sing N N 68  
LEU CB  HB3  sing N N 69  
LEU CG  CD1  sing N N 70  
LEU CG  CD2  sing N N 71  
LEU CG  HG   sing N N 72  
LEU CD1 HD11 sing N N 73  
LEU CD1 HD12 sing N N 74  
LEU CD1 HD13 sing N N 75  
LEU CD2 HD21 sing N N 76  
LEU CD2 HD22 sing N N 77  
LEU CD2 HD23 sing N N 78  
LEU OXT HXT  sing N N 79  
LYS N   CA   sing N N 80  
LYS N   H    sing N N 81  
LYS N   H2   sing N N 82  
LYS CA  C    sing N N 83  
LYS CA  CB   sing N N 84  
LYS CA  HA   sing N N 85  
LYS C   O    doub N N 86  
LYS C   OXT  sing N N 87  
LYS CB  CG   sing N N 88  
LYS CB  HB2  sing N N 89  
LYS CB  HB3  sing N N 90  
LYS CG  CD   sing N N 91  
LYS CG  HG2  sing N N 92  
LYS CG  HG3  sing N N 93  
LYS CD  CE   sing N N 94  
LYS CD  HD2  sing N N 95  
LYS CD  HD3  sing N N 96  
LYS CE  NZ   sing N N 97  
LYS CE  HE2  sing N N 98  
LYS CE  HE3  sing N N 99  
LYS NZ  HZ1  sing N N 100 
LYS NZ  HZ2  sing N N 101 
LYS NZ  HZ3  sing N N 102 
LYS OXT HXT  sing N N 103 
PHE N   CA   sing N N 104 
PHE N   H    sing N N 105 
PHE N   H2   sing N N 106 
PHE CA  C    sing N N 107 
PHE CA  CB   sing N N 108 
PHE CA  HA   sing N N 109 
PHE C   O    doub N N 110 
PHE C   OXT  sing N N 111 
PHE CB  CG   sing N N 112 
PHE CB  HB2  sing N N 113 
PHE CB  HB3  sing N N 114 
PHE CG  CD1  doub Y N 115 
PHE CG  CD2  sing Y N 116 
PHE CD1 CE1  sing Y N 117 
PHE CD1 HD1  sing N N 118 
PHE CD2 CE2  doub Y N 119 
PHE CD2 HD2  sing N N 120 
PHE CE1 CZ   doub Y N 121 
PHE CE1 HE1  sing N N 122 
PHE CE2 CZ   sing Y N 123 
PHE CE2 HE2  sing N N 124 
PHE CZ  HZ   sing N N 125 
PHE OXT HXT  sing N N 126 
SER N   CA   sing N N 127 
SER N   H    sing N N 128 
SER N   H2   sing N N 129 
SER CA  C    sing N N 130 
SER CA  CB   sing N N 131 
SER CA  HA   sing N N 132 
SER C   O    doub N N 133 
SER C   OXT  sing N N 134 
SER CB  OG   sing N N 135 
SER CB  HB2  sing N N 136 
SER CB  HB3  sing N N 137 
SER OG  HG   sing N N 138 
SER OXT HXT  sing N N 139 
TRP N   CA   sing N N 140 
TRP N   H    sing N N 141 
TRP N   H2   sing N N 142 
TRP CA  C    sing N N 143 
TRP CA  CB   sing N N 144 
TRP CA  HA   sing N N 145 
TRP C   O    doub N N 146 
TRP C   OXT  sing N N 147 
TRP CB  CG   sing N N 148 
TRP CB  HB2  sing N N 149 
TRP CB  HB3  sing N N 150 
TRP CG  CD1  doub Y N 151 
TRP CG  CD2  sing Y N 152 
TRP CD1 NE1  sing Y N 153 
TRP CD1 HD1  sing N N 154 
TRP CD2 CE2  doub Y N 155 
TRP CD2 CE3  sing Y N 156 
TRP NE1 CE2  sing Y N 157 
TRP NE1 HE1  sing N N 158 
TRP CE2 CZ2  sing Y N 159 
TRP CE3 CZ3  doub Y N 160 
TRP CE3 HE3  sing N N 161 
TRP CZ2 CH2  doub Y N 162 
TRP CZ2 HZ2  sing N N 163 
TRP CZ3 CH2  sing Y N 164 
TRP CZ3 HZ3  sing N N 165 
TRP CH2 HH2  sing N N 166 
TRP OXT HXT  sing N N 167 
# 
_pdbx_nmr_spectrometer.field_strength    500 
_pdbx_nmr_spectrometer.manufacturer      Bruker 
_pdbx_nmr_spectrometer.model             AVANCE 
_pdbx_nmr_spectrometer.spectrometer_id   1 
_pdbx_nmr_spectrometer.type              'Bruker Avance' 
# 
_atom_sites.entry_id                    2MD4 
_atom_sites.fract_transf_matrix[1][1]   1.000000 
_atom_sites.fract_transf_matrix[1][2]   0.000000 
_atom_sites.fract_transf_matrix[1][3]   0.000000 
_atom_sites.fract_transf_matrix[2][1]   0.000000 
_atom_sites.fract_transf_matrix[2][2]   1.000000 
_atom_sites.fract_transf_matrix[2][3]   0.000000 
_atom_sites.fract_transf_matrix[3][1]   0.000000 
_atom_sites.fract_transf_matrix[3][2]   0.000000 
_atom_sites.fract_transf_matrix[3][3]   1.000000 
_atom_sites.fract_transf_vector[1]      0.00000 
_atom_sites.fract_transf_vector[2]      0.00000 
_atom_sites.fract_transf_vector[3]      0.00000 
# 
loop_
_atom_type.symbol 
C 
H 
N 
O 
# 
loop_
_atom_site.group_PDB 
_atom_site.id 
_atom_site.type_symbol 
_atom_site.label_atom_id 
_atom_site.label_alt_id 
_atom_site.label_comp_id 
_atom_site.label_asym_id 
_atom_site.label_entity_id 
_atom_site.label_seq_id 
_atom_site.pdbx_PDB_ins_code 
_atom_site.Cartn_x 
_atom_site.Cartn_y 
_atom_site.Cartn_z 
_atom_site.occupancy 
_atom_site.B_iso_or_equiv 
_atom_site.pdbx_formal_charge 
_atom_site.auth_seq_id 
_atom_site.auth_comp_id 
_atom_site.auth_asym_id 
_atom_site.auth_atom_id 
_atom_site.pdbx_PDB_model_num 
ATOM 1    N N    . TRP A 1 1  ? -0.379 -6.000 5.162  1.00 0.00  ? 1  TRP A N    1  
ATOM 2    C CA   . TRP A 1 1  ? -1.534 -6.541 4.455  1.00 41.04 ? 1  TRP A CA   1  
ATOM 3    C C    . TRP A 1 1  ? -2.185 -5.476 3.578  1.00 13.15 ? 1  TRP A C    1  
ATOM 4    O O    . TRP A 1 1  ? -1.501 -4.630 3.002  1.00 72.41 ? 1  TRP A O    1  
ATOM 5    C CB   . TRP A 1 1  ? -2.556 -7.092 5.451  1.00 13.11 ? 1  TRP A CB   1  
ATOM 6    C CG   . TRP A 1 1  ? -3.157 -6.037 6.330  1.00 53.02 ? 1  TRP A CG   1  
ATOM 7    C CD1  . TRP A 1 1  ? -4.432 -5.552 6.273  1.00 62.42 ? 1  TRP A CD1  1  
ATOM 8    C CD2  . TRP A 1 1  ? -2.507 -5.337 7.396  1.00 73.22 ? 1  TRP A CD2  1  
ATOM 9    N NE1  . TRP A 1 1  ? -4.614 -4.592 7.238  1.00 12.21 ? 1  TRP A NE1  1  
ATOM 10   C CE2  . TRP A 1 1  ? -3.448 -4.443 7.942  1.00 33.11 ? 1  TRP A CE2  1  
ATOM 11   C CE3  . TRP A 1 1  ? -1.222 -5.381 7.944  1.00 72.43 ? 1  TRP A CE3  1  
ATOM 12   C CZ2  . TRP A 1 1  ? -3.142 -3.599 9.007  1.00 42.34 ? 1  TRP A CZ2  1  
ATOM 13   C CZ3  . TRP A 1 1  ? -0.920 -4.544 9.000  1.00 5.44  ? 1  TRP A CZ3  1  
ATOM 14   C CH2  . TRP A 1 1  ? -1.876 -3.663 9.524  1.00 62.23 ? 1  TRP A CH2  1  
ATOM 15   H H1   . TRP A 1 1  ? -0.433 -5.100 5.547  1.00 54.04 ? 1  TRP A H1   1  
ATOM 16   H HA   . TRP A 1 1  ? -1.188 -7.347 3.824  1.00 44.23 ? 1  TRP A HA   1  
ATOM 17   H HB2  . TRP A 1 1  ? -3.357 -7.570 4.908  1.00 41.23 ? 1  TRP A HB2  1  
ATOM 18   H HB3  . TRP A 1 1  ? -2.072 -7.820 6.086  1.00 63.51 ? 1  TRP A HB3  1  
ATOM 19   H HD1  . TRP A 1 1  ? -5.177 -5.882 5.565  1.00 30.32 ? 1  TRP A HD1  1  
ATOM 20   H HE1  . TRP A 1 1  ? -5.445 -4.096 7.399  1.00 33.05 ? 1  TRP A HE1  1  
ATOM 21   H HE3  . TRP A 1 1  ? -0.471 -6.053 7.554  1.00 11.30 ? 1  TRP A HE3  1  
ATOM 22   H HZ2  . TRP A 1 1  ? -3.868 -2.916 9.421  1.00 1.42  ? 1  TRP A HZ2  1  
ATOM 23   H HZ3  . TRP A 1 1  ? 0.068  -4.563 9.437  1.00 23.33 ? 1  TRP A HZ3  1  
ATOM 24   H HH2  . TRP A 1 1  ? -1.597 -3.027 10.349 1.00 1.22  ? 1  TRP A HH2  1  
ATOM 25   N N    . LYS A 1 2  ? -3.509 -5.521 3.482  1.00 54.44 ? 2  LYS A N    1  
ATOM 26   C CA   . LYS A 1 2  ? -4.252 -4.559 2.677  1.00 11.41 ? 2  LYS A CA   1  
ATOM 27   C C    . LYS A 1 2  ? -3.903 -3.130 3.079  1.00 32.15 ? 2  LYS A C    1  
ATOM 28   O O    . LYS A 1 2  ? -3.857 -2.231 2.238  1.00 62.14 ? 2  LYS A O    1  
ATOM 29   C CB   . LYS A 1 2  ? -5.757 -4.790 2.830  1.00 15.01 ? 2  LYS A CB   1  
ATOM 30   C CG   . LYS A 1 2  ? -6.539 -3.523 3.132  1.00 52.25 ? 2  LYS A CG   1  
ATOM 31   C CD   . LYS A 1 2  ? -6.599 -3.249 4.625  1.00 22.34 ? 2  LYS A CD   1  
ATOM 32   C CE   . LYS A 1 2  ? -7.877 -3.794 5.243  1.00 74.40 ? 2  LYS A CE   1  
ATOM 33   N NZ   . LYS A 1 2  ? -8.911 -2.735 5.406  1.00 14.14 ? 2  LYS A NZ   1  
ATOM 34   H H    . LYS A 1 2  ? -3.999 -6.220 3.966  1.00 34.52 ? 2  LYS A H    1  
ATOM 35   H HA   . LYS A 1 2  ? -3.976 -4.708 1.644  1.00 43.33 ? 2  LYS A HA   1  
ATOM 36   H HB2  . LYS A 1 2  ? -6.139 -5.215 1.913  1.00 2.01  ? 2  LYS A HB2  1  
ATOM 37   H HB3  . LYS A 1 2  ? -5.922 -5.491 3.636  1.00 33.33 ? 2  LYS A HB3  1  
ATOM 38   H HG2  . LYS A 1 2  ? -6.060 -2.690 2.642  1.00 52.22 ? 2  LYS A HG2  1  
ATOM 39   H HG3  . LYS A 1 2  ? -7.546 -3.636 2.755  1.00 25.31 ? 2  LYS A HG3  1  
ATOM 40   H HD2  . LYS A 1 2  ? -5.752 -3.718 5.103  1.00 31.01 ? 2  LYS A HD2  1  
ATOM 41   H HD3  . LYS A 1 2  ? -6.559 -2.180 4.787  1.00 32.13 ? 2  LYS A HD3  1  
ATOM 42   H HE2  . LYS A 1 2  ? -8.267 -4.570 4.602  1.00 63.50 ? 2  LYS A HE2  1  
ATOM 43   H HE3  . LYS A 1 2  ? -7.643 -4.211 6.211  1.00 12.20 ? 2  LYS A HE3  1  
ATOM 44   H HZ1  . LYS A 1 2  ? -9.394 -2.846 6.320  1.00 20.12 ? 2  LYS A HZ1  1  
ATOM 45   H HZ2  . LYS A 1 2  ? -9.613 -2.801 4.643  1.00 44.44 ? 2  LYS A HZ2  1  
ATOM 46   H HZ3  . LYS A 1 2  ? -8.467 -1.795 5.373  1.00 55.42 ? 2  LYS A HZ3  1  
ATOM 47   N N    . LEU A 1 3  ? -3.657 -2.926 4.368  1.00 13.10 ? 3  LEU A N    1  
ATOM 48   C CA   . LEU A 1 3  ? -3.310 -1.605 4.881  1.00 61.13 ? 3  LEU A CA   1  
ATOM 49   C C    . LEU A 1 3  ? -1.876 -1.236 4.512  1.00 43.13 ? 3  LEU A C    1  
ATOM 50   O O    . LEU A 1 3  ? -1.475 -0.077 4.618  1.00 64.21 ? 3  LEU A O    1  
ATOM 51   C CB   . LEU A 1 3  ? -3.483 -1.564 6.400  1.00 42.25 ? 3  LEU A CB   1  
ATOM 52   C CG   . LEU A 1 3  ? -3.185 -0.225 7.074  1.00 11.23 ? 3  LEU A CG   1  
ATOM 53   C CD1  . LEU A 1 3  ? -1.697 -0.090 7.359  1.00 41.42 ? 3  LEU A CD1  1  
ATOM 54   C CD2  . LEU A 1 3  ? -3.670 0.928  6.208  1.00 45.31 ? 3  LEU A CD2  1  
ATOM 55   H H    . LEU A 1 3  ? -3.709 -3.681 4.990  1.00 0.03  ? 3  LEU A H    1  
ATOM 56   H HA   . LEU A 1 3  ? -3.980 -0.888 4.431  1.00 65.34 ? 3  LEU A HA   1  
ATOM 57   H HB2  . LEU A 1 3  ? -4.506 -1.825 6.623  1.00 44.42 ? 3  LEU A HB2  1  
ATOM 58   H HB3  . LEU A 1 3  ? -2.824 -2.306 6.828  1.00 30.12 ? 3  LEU A HB3  1  
ATOM 59   H HG   . LEU A 1 3  ? -3.711 -0.179 8.019  1.00 32.42 ? 3  LEU A HG   1  
ATOM 60   H HD11 . LEU A 1 3  ? -1.552 0.178  8.395  1.00 43.24 ? 3  LEU A HD11 1  
ATOM 61   H HD12 . LEU A 1 3  ? -1.277 0.678  6.726  1.00 40.50 ? 3  LEU A HD12 1  
ATOM 62   H HD13 . LEU A 1 3  ? -1.206 -1.031 7.158  1.00 24.30 ? 3  LEU A HD13 1  
ATOM 63   H HD21 . LEU A 1 3  ? -3.321 1.862  6.623  1.00 5.23  ? 3  LEU A HD21 1  
ATOM 64   H HD22 . LEU A 1 3  ? -4.750 0.927  6.180  1.00 24.34 ? 3  LEU A HD22 1  
ATOM 65   H HD23 . LEU A 1 3  ? -3.285 0.813  5.206  1.00 74.14 ? 3  LEU A HD23 1  
ATOM 66   N N    . LEU A 1 4  ? -1.109 -2.230 4.077  1.00 64.52 ? 4  LEU A N    1  
ATOM 67   C CA   . LEU A 1 4  ? 0.279  -2.010 3.689  1.00 34.34 ? 4  LEU A CA   1  
ATOM 68   C C    . LEU A 1 4  ? 0.408  -1.880 2.175  1.00 51.13 ? 4  LEU A C    1  
ATOM 69   O O    . LEU A 1 4  ? 1.231  -1.112 1.675  1.00 52.54 ? 4  LEU A O    1  
ATOM 70   C CB   . LEU A 1 4  ? 1.157  -3.158 4.190  1.00 33.40 ? 4  LEU A CB   1  
ATOM 71   C CG   . LEU A 1 4  ? 1.707  -3.013 5.609  1.00 4.42  ? 4  LEU A CG   1  
ATOM 72   C CD1  . LEU A 1 4  ? 2.498  -1.721 5.746  1.00 2.52  ? 4  LEU A CD1  1  
ATOM 73   C CD2  . LEU A 1 4  ? 0.575  -3.059 6.626  1.00 24.24 ? 4  LEU A CD2  1  
ATOM 74   H H    . LEU A 1 4  ? -1.484 -3.132 4.014  1.00 42.30 ? 4  LEU A H    1  
ATOM 75   H HA   . LEU A 1 4  ? 0.610  -1.089 4.147  1.00 72.33 ? 4  LEU A HA   1  
ATOM 76   H HB2  . LEU A 1 4  ? 0.570  -4.063 4.154  1.00 34.00 ? 4  LEU A HB2  1  
ATOM 77   H HB3  . LEU A 1 4  ? 1.998  -3.250 3.516  1.00 5.44  ? 4  LEU A HB3  1  
ATOM 78   H HG   . LEU A 1 4  ? 2.376  -3.837 5.816  1.00 65.42 ? 4  LEU A HG   1  
ATOM 79   H HD11 . LEU A 1 4  ? 2.072  -1.121 6.536  1.00 5.52  ? 4  LEU A HD11 1  
ATOM 80   H HD12 . LEU A 1 4  ? 2.457  -1.174 4.816  1.00 42.24 ? 4  LEU A HD12 1  
ATOM 81   H HD13 . LEU A 1 4  ? 3.526  -1.952 5.983  1.00 51.40 ? 4  LEU A HD13 1  
ATOM 82   H HD21 . LEU A 1 4  ? 0.478  -2.093 7.101  1.00 62.33 ? 4  LEU A HD21 1  
ATOM 83   H HD22 . LEU A 1 4  ? 0.793  -3.807 7.374  1.00 33.31 ? 4  LEU A HD22 1  
ATOM 84   H HD23 . LEU A 1 4  ? -0.349 -3.310 6.126  1.00 22.14 ? 4  LEU A HD23 1  
ATOM 85   N N    . SER A 1 5  ? -0.412 -2.634 1.449  1.00 13.12 ? 5  SER A N    1  
ATOM 86   C CA   . SER A 1 5  ? -0.389 -2.604 -0.008 1.00 50.01 ? 5  SER A CA   1  
ATOM 87   C C    . SER A 1 5  ? -1.181 -1.413 -0.540 1.00 41.44 ? 5  SER A C    1  
ATOM 88   O O    . SER A 1 5  ? -0.835 -0.830 -1.568 1.00 53.44 ? 5  SER A O    1  
ATOM 89   C CB   . SER A 1 5  ? -0.960 -3.905 -0.575 1.00 52.51 ? 5  SER A CB   1  
ATOM 90   O OG   . SER A 1 5  ? -0.329 -5.034 0.005  1.00 41.21 ? 5  SER A OG   1  
ATOM 91   H H    . SER A 1 5  ? -1.046 -3.226 1.906  1.00 52.50 ? 5  SER A H    1  
ATOM 92   H HA   . SER A 1 5  ? 0.639  -2.506 -0.322 1.00 13.34 ? 5  SER A HA   1  
ATOM 93   H HB2  . SER A 1 5  ? -2.018 -3.953 -0.366 1.00 23.32 ? 5  SER A HB2  1  
ATOM 94   H HB3  . SER A 1 5  ? -0.802 -3.929 -1.643 1.00 72.13 ? 5  SER A HB3  1  
ATOM 95   H HG   . SER A 1 5  ? -0.929 -5.784 -0.018 1.00 22.21 ? 5  SER A HG   1  
ATOM 96   N N    . LYS A 1 6  ? -2.248 -1.058 0.168  1.00 62.33 ? 6  LYS A N    1  
ATOM 97   C CA   . LYS A 1 6  ? -3.091 0.063  -0.230 1.00 3.13  ? 6  LYS A CA   1  
ATOM 98   C C    . LYS A 1 6  ? -2.336 1.383  -0.106 1.00 31.51 ? 6  LYS A C    1  
ATOM 99   O O    . LYS A 1 6  ? -2.437 2.251  -0.973 1.00 43.42 ? 6  LYS A O    1  
ATOM 100  C CB   . LYS A 1 6  ? -4.357 0.105  0.628  1.00 1.44  ? 6  LYS A CB   1  
ATOM 101  C CG   . LYS A 1 6  ? -5.069 1.446  0.596  1.00 2.44  ? 6  LYS A CG   1  
ATOM 102  C CD   . LYS A 1 6  ? -4.862 2.220  1.888  1.00 72.11 ? 6  LYS A CD   1  
ATOM 103  C CE   . LYS A 1 6  ? -6.162 2.373  2.662  1.00 70.21 ? 6  LYS A CE   1  
ATOM 104  N NZ   . LYS A 1 6  ? -6.346 1.281  3.658  1.00 42.11 ? 6  LYS A NZ   1  
ATOM 105  H H    . LYS A 1 6  ? -2.474 -1.562 0.978  1.00 33.14 ? 6  LYS A H    1  
ATOM 106  H HA   . LYS A 1 6  ? -3.371 -0.082 -1.262 1.00 70.50 ? 6  LYS A HA   1  
ATOM 107  H HB2  . LYS A 1 6  ? -5.043 -0.651 0.276  1.00 54.21 ? 6  LYS A HB2  1  
ATOM 108  H HB3  . LYS A 1 6  ? -4.091 -0.112 1.653  1.00 21.04 ? 6  LYS A HB3  1  
ATOM 109  H HG2  . LYS A 1 6  ? -4.683 2.030  -0.226 1.00 4.11  ? 6  LYS A HG2  1  
ATOM 110  H HG3  . LYS A 1 6  ? -6.128 1.279  0.455  1.00 33.21 ? 6  LYS A HG3  1  
ATOM 111  H HD2  . LYS A 1 6  ? -4.149 1.691  2.503  1.00 22.11 ? 6  LYS A HD2  1  
ATOM 112  H HD3  . LYS A 1 6  ? -4.476 3.202  1.651  1.00 1.01  ? 6  LYS A HD3  1  
ATOM 113  H HE2  . LYS A 1 6  ? -6.149 3.321  3.177  1.00 13.11 ? 6  LYS A HE2  1  
ATOM 114  H HE3  . LYS A 1 6  ? -6.985 2.355  1.963  1.00 53.33 ? 6  LYS A HE3  1  
ATOM 115  H HZ1  . LYS A 1 6  ? -6.827 0.472  3.216  1.00 30.32 ? 6  LYS A HZ1  1  
ATOM 116  H HZ2  . LYS A 1 6  ? -6.920 1.620  4.456  1.00 53.33 ? 6  LYS A HZ2  1  
ATOM 117  H HZ3  . LYS A 1 6  ? -5.423 0.967  4.018  1.00 14.24 ? 6  LYS A HZ3  1  
ATOM 118  N N    . ALA A 1 7  ? -1.578 1.526  0.976  1.00 23.34 ? 7  ALA A N    1  
ATOM 119  C CA   . ALA A 1 7  ? -0.803 2.738  1.211  1.00 34.01 ? 7  ALA A CA   1  
ATOM 120  C C    . ALA A 1 7  ? 0.495  2.723  0.412  1.00 75.01 ? 7  ALA A C    1  
ATOM 121  O O    . ALA A 1 7  ? 0.941  3.757  -0.084 1.00 14.33 ? 7  ALA A O    1  
ATOM 122  C CB   . ALA A 1 7  ? -0.510 2.898  2.695  1.00 13.30 ? 7  ALA A CB   1  
ATOM 123  H H    . ALA A 1 7  ? -1.538 0.799  1.632  1.00 72.43 ? 7  ALA A H    1  
ATOM 124  H HA   . ALA A 1 7  ? -1.399 3.582  0.894  1.00 42.13 ? 7  ALA A HA   1  
ATOM 125  H HB1  . ALA A 1 7  ? 0.244  3.660  2.833  1.00 64.45 ? 7  ALA A HB1  1  
ATOM 126  H HB2  . ALA A 1 7  ? -1.413 3.186  3.212  1.00 75.00 ? 7  ALA A HB2  1  
ATOM 127  H HB3  . ALA A 1 7  ? -0.150 1.960  3.094  1.00 20.01 ? 7  ALA A HB3  1  
ATOM 128  N N    . GLN A 1 8  ? 1.097  1.543  0.292  1.00 21.14 ? 8  GLN A N    1  
ATOM 129  C CA   . GLN A 1 8  ? 2.346  1.395  -0.445 1.00 63.40 ? 8  GLN A CA   1  
ATOM 130  C C    . GLN A 1 8  ? 2.102  1.471  -1.949 1.00 51.15 ? 8  GLN A C    1  
ATOM 131  O O    . GLN A 1 8  ? 2.972  1.896  -2.708 1.00 35.01 ? 8  GLN A O    1  
ATOM 132  C CB   . GLN A 1 8  ? 3.018  0.067  -0.092 1.00 61.40 ? 8  GLN A CB   1  
ATOM 133  C CG   . GLN A 1 8  ? 4.273  -0.214 -0.903 1.00 42.31 ? 8  GLN A CG   1  
ATOM 134  C CD   . GLN A 1 8  ? 5.380  -0.831 -0.069 1.00 44.04 ? 8  GLN A CD   1  
ATOM 135  O OE1  . GLN A 1 8  ? 5.662  -2.025 -0.177 1.00 70.42 ? 8  GLN A OE1  1  
ATOM 136  N NE2  . GLN A 1 8  ? 6.012  -0.019 0.769  1.00 31.21 ? 8  GLN A NE2  1  
ATOM 137  H H    . GLN A 1 8  ? 0.693  0.756  0.710  1.00 5.31  ? 8  GLN A H    1  
ATOM 138  H HA   . GLN A 1 8  ? 2.999  2.206  -0.158 1.00 61.15 ? 8  GLN A HA   1  
ATOM 139  H HB2  . GLN A 1 8  ? 3.286  0.081  0.954  1.00 11.11 ? 8  GLN A HB2  1  
ATOM 140  H HB3  . GLN A 1 8  ? 2.316  -0.735 -0.266 1.00 41.11 ? 8  GLN A HB3  1  
ATOM 141  H HG2  . GLN A 1 8  ? 4.024  -0.896 -1.702 1.00 72.44 ? 8  GLN A HG2  1  
ATOM 142  H HG3  . GLN A 1 8  ? 4.632  0.714  -1.320 1.00 25.40 ? 8  GLN A HG3  1  
ATOM 143  H HE21 . GLN A 1 8  ? 5.732  0.920  0.802  1.00 10.04 ? 8  GLN A HE21 1  
ATOM 144  H HE22 . GLN A 1 8  ? 6.731  -0.391 1.319  1.00 14.42 ? 8  GLN A HE22 1  
ATOM 145  N N    . GLU A 1 9  ? 0.912  1.055  -2.372 1.00 60.51 ? 9  GLU A N    1  
ATOM 146  C CA   . GLU A 1 9  ? 0.555  1.076  -3.786 1.00 52.14 ? 9  GLU A CA   1  
ATOM 147  C C    . GLU A 1 9  ? 0.769  2.464  -4.382 1.00 42.43 ? 9  GLU A C    1  
ATOM 148  O O    . GLU A 1 9  ? 1.195  2.601  -5.529 1.00 3.40  ? 9  GLU A O    1  
ATOM 149  C CB   . GLU A 1 9  ? -0.901 0.646  -3.973 1.00 1.23  ? 9  GLU A CB   1  
ATOM 150  C CG   . GLU A 1 9  ? -1.447 0.934  -5.362 1.00 1.21  ? 9  GLU A CG   1  
ATOM 151  C CD   . GLU A 1 9  ? -2.523 -0.049 -5.781 1.00 31.22 ? 9  GLU A CD   1  
ATOM 152  O OE1  . GLU A 1 9  ? -3.033 -0.779 -4.906 1.00 4.30  ? 9  GLU A OE1  1  
ATOM 153  O OE2  . GLU A 1 9  ? -2.854 -0.088 -6.984 1.00 72.13 ? 9  GLU A OE2  1  
ATOM 154  H H    . GLU A 1 9  ? 0.260  0.727  -1.719 1.00 3.41  ? 9  GLU A H    1  
ATOM 155  H HA   . GLU A 1 9  ? 1.196  0.373  -4.299 1.00 25.44 ? 9  GLU A HA   1  
ATOM 156  H HB2  . GLU A 1 9  ? -0.978 -0.416 -3.791 1.00 22.34 ? 9  GLU A HB2  1  
ATOM 157  H HB3  . GLU A 1 9  ? -1.513 1.171  -3.253 1.00 74.53 ? 9  GLU A HB3  1  
ATOM 158  H HG2  . GLU A 1 9  ? -1.867 1.928  -5.371 1.00 32.22 ? 9  GLU A HG2  1  
ATOM 159  H HG3  . GLU A 1 9  ? -0.635 0.880  -6.071 1.00 63.23 ? 9  GLU A HG3  1  
ATOM 160  N N    . LYS A 1 10 ? 0.469  3.491  -3.594 1.00 0.21  ? 10 LYS A N    1  
ATOM 161  C CA   . LYS A 1 10 ? 0.629  4.870  -4.041 1.00 44.41 ? 10 LYS A CA   1  
ATOM 162  C C    . LYS A 1 10 ? 2.032  5.382  -3.737 1.00 13.54 ? 10 LYS A C    1  
ATOM 163  O O    . LYS A 1 10 ? 2.300  6.581  -3.827 1.00 13.12 ? 10 LYS A O    1  
ATOM 164  C CB   . LYS A 1 10 ? -0.411 5.769  -3.367 1.00 72.24 ? 10 LYS A CB   1  
ATOM 165  C CG   . LYS A 1 10 ? -0.191 5.940  -1.875 1.00 20.33 ? 10 LYS A CG   1  
ATOM 166  C CD   . LYS A 1 10 ? -1.280 5.254  -1.067 1.00 33.53 ? 10 LYS A CD   1  
ATOM 167  C CE   . LYS A 1 10 ? -2.638 5.897  -1.303 1.00 72.20 ? 10 LYS A CE   1  
ATOM 168  N NZ   . LYS A 1 10 ? -2.598 7.371  -1.092 1.00 43.24 ? 10 LYS A NZ   1  
ATOM 169  H H    . LYS A 1 10 ? 0.134  3.318  -2.689 1.00 62.01 ? 10 LYS A H    1  
ATOM 170  H HA   . LYS A 1 10 ? 0.474  4.893  -5.109 1.00 51.51 ? 10 LYS A HA   1  
ATOM 171  H HB2  . LYS A 1 10 ? -0.379 6.745  -3.830 1.00 44.51 ? 10 LYS A HB2  1  
ATOM 172  H HB3  . LYS A 1 10 ? -1.392 5.341  -3.519 1.00 10.52 ? 10 LYS A HB3  1  
ATOM 173  H HG2  . LYS A 1 10 ? 0.764  5.511  -1.609 1.00 1.22  ? 10 LYS A HG2  1  
ATOM 174  H HG3  . LYS A 1 10 ? -0.191 6.995  -1.639 1.00 5.21  ? 10 LYS A HG3  1  
ATOM 175  H HD2  . LYS A 1 10 ? -1.330 4.216  -1.358 1.00 51.44 ? 10 LYS A HD2  1  
ATOM 176  H HD3  . LYS A 1 10 ? -1.035 5.324  -0.017 1.00 21.05 ? 10 LYS A HD3  1  
ATOM 177  H HE2  . LYS A 1 10 ? -2.945 5.696  -2.319 1.00 5.21  ? 10 LYS A HE2  1  
ATOM 178  H HE3  . LYS A 1 10 ? -3.351 5.462  -0.619 1.00 23.41 ? 10 LYS A HE3  1  
ATOM 179  H HZ1  . LYS A 1 10 ? -2.069 7.593  -0.224 1.00 45.11 ? 10 LYS A HZ1  1  
ATOM 180  H HZ2  . LYS A 1 10 ? -3.565 7.744  -1.001 1.00 2.03  ? 10 LYS A HZ2  1  
ATOM 181  H HZ3  . LYS A 1 10 ? -2.133 7.835  -1.898 1.00 45.31 ? 10 LYS A HZ3  1  
ATOM 182  N N    . PHE A 1 11 ? 2.927  4.466  -3.378 1.00 64.40 ? 11 PHE A N    1  
ATOM 183  C CA   . PHE A 1 11 ? 4.304  4.826  -3.061 1.00 30.21 ? 11 PHE A CA   1  
ATOM 184  C C    . PHE A 1 11 ? 5.280  4.115  -3.995 1.00 11.43 ? 11 PHE A C    1  
ATOM 185  O O    . PHE A 1 11 ? 6.335  4.651  -4.332 1.00 45.45 ? 11 PHE A O    1  
ATOM 186  C CB   . PHE A 1 11 ? 4.623  4.475  -1.607 1.00 10.54 ? 11 PHE A CB   1  
ATOM 187  C CG   . PHE A 1 11 ? 3.810  5.250  -0.610 1.00 60.31 ? 11 PHE A CG   1  
ATOM 188  C CD1  . PHE A 1 11 ? 3.357  6.525  -0.909 1.00 4.01  ? 11 PHE A CD1  1  
ATOM 189  C CD2  . PHE A 1 11 ? 3.498  4.704  0.624  1.00 24.23 ? 11 PHE A CD2  1  
ATOM 190  C CE1  . PHE A 1 11 ? 2.608  7.241  0.007  1.00 20.42 ? 11 PHE A CE1  1  
ATOM 191  C CE2  . PHE A 1 11 ? 2.750  5.416  1.544  1.00 61.32 ? 11 PHE A CE2  1  
ATOM 192  C CZ   . PHE A 1 11 ? 2.304  6.685  1.234  1.00 31.31 ? 11 PHE A CZ   1  
ATOM 193  H H    . PHE A 1 11 ? 2.653  3.527  -3.325 1.00 32.04 ? 11 PHE A H    1  
ATOM 194  H HA   . PHE A 1 11 ? 4.407  5.892  -3.196 1.00 53.35 ? 11 PHE A HA   1  
ATOM 195  H HB2  . PHE A 1 11 ? 4.430  3.425  -1.447 1.00 2.44  ? 11 PHE A HB2  1  
ATOM 196  H HB3  . PHE A 1 11 ? 5.666  4.678  -1.416 1.00 52.00 ? 11 PHE A HB3  1  
ATOM 197  H HD1  . PHE A 1 11 ? 3.593  6.961  -1.868 1.00 61.13 ? 11 PHE A HD1  1  
ATOM 198  H HD2  . PHE A 1 11 ? 3.846  3.710  0.868  1.00 35.52 ? 11 PHE A HD2  1  
ATOM 199  H HE1  . PHE A 1 11 ? 2.260  8.234  -0.238 1.00 53.03 ? 11 PHE A HE1  1  
ATOM 200  H HE2  . PHE A 1 11 ? 2.514  4.977  2.503  1.00 63.41 ? 11 PHE A HE2  1  
ATOM 201  H HZ   . PHE A 1 11 ? 1.720  7.243  1.951  1.00 73.42 ? 11 PHE A HZ   1  
ATOM 202  N N    . GLY A 1 12 ? 4.920  2.903  -4.406 1.00 44.21 ? 12 GLY A N    1  
ATOM 203  C CA   . GLY A 1 12 ? 5.774  2.138  -5.295 1.00 43.21 ? 12 GLY A CA   1  
ATOM 204  C C    . GLY A 1 12 ? 5.690  2.613  -6.732 1.00 24.31 ? 12 GLY A C    1  
ATOM 205  O O    . GLY A 1 12 ? 4.606  2.918  -7.230 1.00 34.44 ? 12 GLY A O    1  
ATOM 206  H H    . GLY A 1 12 ? 4.067  2.527  -4.104 1.00 60.15 ? 12 GLY A H    1  
ATOM 207  H HA2  . GLY A 1 12 ? 6.796  2.223  -4.958 1.00 4.54  ? 12 GLY A HA2  1  
ATOM 208  H HA3  . GLY A 1 12 ? 5.477  1.100  -5.255 1.00 11.42 ? 12 GLY A HA3  1  
ATOM 209  N N    . TRP A 1 1  ? -0.519 -6.002 5.114  1.00 42.21 ? 1  TRP A N    2  
ATOM 210  C CA   . TRP A 1 1  ? -1.682 -6.514 4.400  1.00 4.10  ? 1  TRP A CA   2  
ATOM 211  C C    . TRP A 1 1  ? -2.312 -5.427 3.536  1.00 25.30 ? 1  TRP A C    2  
ATOM 212  O O    . TRP A 1 1  ? -1.614 -4.585 2.971  1.00 71.44 ? 1  TRP A O    2  
ATOM 213  C CB   . TRP A 1 1  ? -2.715 -7.059 5.388  1.00 32.14 ? 1  TRP A CB   2  
ATOM 214  C CG   . TRP A 1 1  ? -3.299 -6.005 6.280  1.00 75.31 ? 1  TRP A CG   2  
ATOM 215  C CD1  . TRP A 1 1  ? -4.565 -5.496 6.226  1.00 1.53  ? 1  TRP A CD1  2  
ATOM 216  C CD2  . TRP A 1 1  ? -2.638 -5.329 7.354  1.00 14.24 ? 1  TRP A CD2  2  
ATOM 217  N NE1  . TRP A 1 1  ? -4.731 -4.545 7.204  1.00 53.20 ? 1  TRP A NE1  2  
ATOM 218  C CE2  . TRP A 1 1  ? -3.564 -4.425 7.911  1.00 13.11 ? 1  TRP A CE2  2  
ATOM 219  C CE3  . TRP A 1 1  ? -1.355 -5.402 7.903  1.00 54.51 ? 1  TRP A CE3  2  
ATOM 220  C CZ2  . TRP A 1 1  ? -3.244 -3.601 8.986  1.00 1.34  ? 1  TRP A CZ2  2  
ATOM 221  C CZ3  . TRP A 1 1  ? -1.039 -4.583 8.971  1.00 24.04 ? 1  TRP A CZ3  2  
ATOM 222  C CH2  . TRP A 1 1  ? -1.981 -3.693 9.504  1.00 32.13 ? 1  TRP A CH2  2  
ATOM 223  H H1   . TRP A 1 1  ? -0.558 -5.106 5.511  1.00 33.42 ? 1  TRP A H1   2  
ATOM 224  H HA   . TRP A 1 1  ? -1.351 -7.318 3.760  1.00 31.03 ? 1  TRP A HA   2  
ATOM 225  H HB2  . TRP A 1 1  ? -3.524 -7.516 4.839  1.00 21.33 ? 1  TRP A HB2  2  
ATOM 226  H HB3  . TRP A 1 1  ? -2.244 -7.803 6.014  1.00 23.11 ? 1  TRP A HB3  2  
ATOM 227  H HD1  . TRP A 1 1  ? -5.315 -5.804 5.514  1.00 71.32 ? 1  TRP A HD1  2  
ATOM 228  H HE1  . TRP A 1 1  ? -5.553 -4.038 7.370  1.00 64.21 ? 1  TRP A HE1  2  
ATOM 229  H HE3  . TRP A 1 1  ? -0.615 -6.082 7.507  1.00 72.23 ? 1  TRP A HE3  2  
ATOM 230  H HZ2  . TRP A 1 1  ? -3.959 -2.910 9.409  1.00 4.22  ? 1  TRP A HZ2  2  
ATOM 231  H HZ3  . TRP A 1 1  ? -0.052 -4.625 9.408  1.00 1.01  ? 1  TRP A HZ3  2  
ATOM 232  H HH2  . TRP A 1 1  ? -1.690 -3.072 10.338 1.00 64.35 ? 1  TRP A HH2  2  
ATOM 233  N N    . LYS A 1 2  ? -3.638 -5.448 3.438  1.00 12.14 ? 2  LYS A N    2  
ATOM 234  C CA   . LYS A 1 2  ? -4.363 -4.463 2.644  1.00 32.11 ? 2  LYS A CA   2  
ATOM 235  C C    . LYS A 1 2  ? -3.989 -3.045 3.064  1.00 23.10 ? 2  LYS A C    2  
ATOM 236  O O    . LYS A 1 2  ? -3.926 -2.137 2.234  1.00 43.21 ? 2  LYS A O    2  
ATOM 237  C CB   . LYS A 1 2  ? -5.872 -4.669 2.793  1.00 70.43 ? 2  LYS A CB   2  
ATOM 238  C CG   . LYS A 1 2  ? -6.632 -3.393 3.109  1.00 44.12 ? 2  LYS A CG   2  
ATOM 239  C CD   . LYS A 1 2  ? -6.689 -3.135 4.605  1.00 10.04 ? 2  LYS A CD   2  
ATOM 240  C CE   . LYS A 1 2  ? -7.977 -3.666 5.214  1.00 1.54  ? 2  LYS A CE   2  
ATOM 241  N NZ   . LYS A 1 2  ? -7.798 -5.026 5.793  1.00 3.10  ? 2  LYS A NZ   2  
ATOM 242  H H    . LYS A 1 2  ? -4.141 -6.144 3.912  1.00 31.32 ? 2  LYS A H    2  
ATOM 243  H HA   . LYS A 1 2  ? -4.089 -4.603 1.610  1.00 74.25 ? 2  LYS A HA   2  
ATOM 244  H HB2  . LYS A 1 2  ? -6.260 -5.075 1.870  1.00 72.00 ? 2  LYS A HB2  2  
ATOM 245  H HB3  . LYS A 1 2  ? -6.050 -5.377 3.590  1.00 74.11 ? 2  LYS A HB3  2  
ATOM 246  H HG2  . LYS A 1 2  ? -6.137 -2.562 2.630  1.00 43.12 ? 2  LYS A HG2  2  
ATOM 247  H HG3  . LYS A 1 2  ? -7.640 -3.483 2.730  1.00 1.55  ? 2  LYS A HG3  2  
ATOM 248  H HD2  . LYS A 1 2  ? -5.851 -3.625 5.079  1.00 51.50 ? 2  LYS A HD2  2  
ATOM 249  H HD3  . LYS A 1 2  ? -6.630 -2.069 4.780  1.00 53.14 ? 2  LYS A HD3  2  
ATOM 250  H HE2  . LYS A 1 2  ? -8.296 -2.991 5.994  1.00 14.14 ? 2  LYS A HE2  2  
ATOM 251  H HE3  . LYS A 1 2  ? -8.734 -3.708 4.445  1.00 74.52 ? 2  LYS A HE3  2  
ATOM 252  H HZ1  . LYS A 1 2  ? -8.720 -5.424 6.063  1.00 4.54  ? 2  LYS A HZ1  2  
ATOM 253  H HZ2  . LYS A 1 2  ? -7.192 -4.978 6.637  1.00 40.20 ? 2  LYS A HZ2  2  
ATOM 254  H HZ3  . LYS A 1 2  ? -7.353 -5.655 5.096  1.00 34.34 ? 2  LYS A HZ3  2  
ATOM 255  N N    . LEU A 1 3  ? -3.742 -2.861 4.356  1.00 33.43 ? 3  LEU A N    2  
ATOM 256  C CA   . LEU A 1 3  ? -3.372 -1.553 4.886  1.00 71.01 ? 3  LEU A CA   2  
ATOM 257  C C    . LEU A 1 3  ? -1.932 -1.205 4.522  1.00 10.23 ? 3  LEU A C    2  
ATOM 258  O O    . LEU A 1 3  ? -1.511 -0.053 4.643  1.00 40.22 ? 3  LEU A O    2  
ATOM 259  C CB   . LEU A 1 3  ? -3.548 -1.528 6.405  1.00 31.14 ? 3  LEU A CB   2  
ATOM 260  C CG   . LEU A 1 3  ? -3.227 -0.202 7.096  1.00 11.23 ? 3  LEU A CG   2  
ATOM 261  C CD1  . LEU A 1 3  ? -1.738 -0.097 7.384  1.00 0.22  ? 3  LEU A CD1  2  
ATOM 262  C CD2  . LEU A 1 3  ? -3.691 0.970  6.243  1.00 40.31 ? 3  LEU A CD2  2  
ATOM 263  H H    . LEU A 1 3  ? -3.807 -3.622 4.969  1.00 23.21 ? 3  LEU A H    2  
ATOM 264  H HA   . LEU A 1 3  ? -4.030 -0.819 4.444  1.00 22.53 ? 3  LEU A HA   2  
ATOM 265  H HB2  . LEU A 1 3  ? -4.575 -1.774 6.623  1.00 43.21 ? 3  LEU A HB2  2  
ATOM 266  H HB3  . LEU A 1 3  ? -2.901 -2.286 6.825  1.00 62.52 ? 3  LEU A HB3  2  
ATOM 267  H HG   . LEU A 1 3  ? -3.753 -0.159 8.040  1.00 61.50 ? 3  LEU A HG   2  
ATOM 268  H HD11 . LEU A 1 3  ? -1.304 0.671  6.761  1.00 10.44 ? 3  LEU A HD11 2  
ATOM 269  H HD12 . LEU A 1 3  ? -1.263 -1.044 7.173  1.00 20.14 ? 3  LEU A HD12 2  
ATOM 270  H HD13 . LEU A 1 3  ? -1.589 0.155  8.424  1.00 23.15 ? 3  LEU A HD13 2  
ATOM 271  H HD21 . LEU A 1 3  ? -3.327 1.892  6.670  1.00 30.30 ? 3  LEU A HD21 2  
ATOM 272  H HD22 . LEU A 1 3  ? -4.770 0.988  6.214  1.00 71.01 ? 3  LEU A HD22 2  
ATOM 273  H HD23 . LEU A 1 3  ? -3.306 0.859  5.239  1.00 15.14 ? 3  LEU A HD23 2  
ATOM 274  N N    . LEU A 1 4  ? -1.181 -2.206 4.076  1.00 44.53 ? 4  LEU A N    2  
ATOM 275  C CA   . LEU A 1 4  ? 0.211  -2.006 3.692  1.00 15.54 ? 4  LEU A CA   2  
ATOM 276  C C    . LEU A 1 4  ? 0.344  -1.859 2.180  1.00 10.53 ? 4  LEU A C    2  
ATOM 277  O O    . LEU A 1 4  ? 1.180  -1.099 1.691  1.00 12.51 ? 4  LEU A O    2  
ATOM 278  C CB   . LEU A 1 4  ? 1.068  -3.176 4.180  1.00 4.11  ? 4  LEU A CB   2  
ATOM 279  C CG   . LEU A 1 4  ? 1.618  -3.058 5.602  1.00 53.21 ? 4  LEU A CG   2  
ATOM 280  C CD1  . LEU A 1 4  ? 2.432  -1.783 5.755  1.00 24.15 ? 4  LEU A CD1  2  
ATOM 281  C CD2  . LEU A 1 4  ? 0.485  -3.095 6.617  1.00 74.42 ? 4  LEU A CD2  2  
ATOM 282  H H    . LEU A 1 4  ? -1.574 -3.101 4.002  1.00 33.42 ? 4  LEU A H    2  
ATOM 283  H HA   . LEU A 1 4  ? 0.557  -1.097 4.162  1.00 1.12  ? 4  LEU A HA   2  
ATOM 284  H HB2  . LEU A 1 4  ? 0.465  -4.069 4.132  1.00 73.50 ? 4  LEU A HB2  2  
ATOM 285  H HB3  . LEU A 1 4  ? 1.907  -3.272 3.506  1.00 13.51 ? 4  LEU A HB3  2  
ATOM 286  H HG   . LEU A 1 4  ? 2.272  -3.897 5.798  1.00 0.23  ? 4  LEU A HG   2  
ATOM 287  H HD11 . LEU A 1 4  ? 2.401  -1.222 4.833  1.00 54.34 ? 4  LEU A HD11 2  
ATOM 288  H HD12 . LEU A 1 4  ? 3.456  -2.035 5.989  1.00 0.05  ? 4  LEU A HD12 2  
ATOM 289  H HD13 . LEU A 1 4  ? 2.018  -1.185 6.555  1.00 65.55 ? 4  LEU A HD13 2  
ATOM 290  H HD21 . LEU A 1 4  ? 0.689  -3.854 7.357  1.00 13.05 ? 4  LEU A HD21 2  
ATOM 291  H HD22 . LEU A 1 4  ? -0.442 -3.324 6.112  1.00 20.02 ? 4  LEU A HD22 2  
ATOM 292  H HD23 . LEU A 1 4  ? 0.403  -2.133 7.100  1.00 21.43 ? 4  LEU A HD23 2  
ATOM 293  N N    . SER A 1 5  ? -0.488 -2.590 1.445  1.00 23.45 ? 5  SER A N    2  
ATOM 294  C CA   . SER A 1 5  ? -0.463 -2.541 -0.013 1.00 11.12 ? 5  SER A CA   2  
ATOM 295  C C    . SER A 1 5  ? -1.234 -1.331 -0.530 1.00 21.42 ? 5  SER A C    2  
ATOM 296  O O    . SER A 1 5  ? -0.876 -0.741 -1.550 1.00 30.32 ? 5  SER A O    2  
ATOM 297  C CB   . SER A 1 5  ? -1.055 -3.825 -0.596 1.00 71.52 ? 5  SER A CB   2  
ATOM 298  O OG   . SER A 1 5  ? -0.445 -4.972 -0.030 1.00 60.02 ? 5  SER A OG   2  
ATOM 299  H H    . SER A 1 5  ? -1.132 -3.175 1.893  1.00 41.53 ? 5  SER A H    2  
ATOM 300  H HA   . SER A 1 5  ? 0.567  -2.457 -0.324 1.00 14.13 ? 5  SER A HA   2  
ATOM 301  H HB2  . SER A 1 5  ? -2.114 -3.857 -0.389 1.00 64.23 ? 5  SER A HB2  2  
ATOM 302  H HB3  . SER A 1 5  ? -0.897 -3.838 -1.666 1.00 2.42  ? 5  SER A HB3  2  
ATOM 303  H HG   . SER A 1 5  ? 0.392  -5.139 -0.470 1.00 61.12 ? 5  SER A HG   2  
ATOM 304  N N    . LYS A 1 6  ? -2.295 -0.966 0.180  1.00 3.22  ? 6  LYS A N    2  
ATOM 305  C CA   . LYS A 1 6  ? -3.118 0.175  -0.203 1.00 24.44 ? 6  LYS A CA   2  
ATOM 306  C C    . LYS A 1 6  ? -2.340 1.480  -0.062 1.00 61.32 ? 6  LYS A C    2  
ATOM 307  O O    . LYS A 1 6  ? -2.425 2.360  -0.919 1.00 43.51 ? 6  LYS A O    2  
ATOM 308  C CB   . LYS A 1 6  ? -4.384 0.229  0.655  1.00 40.12 ? 6  LYS A CB   2  
ATOM 309  C CG   . LYS A 1 6  ? -5.073 1.582  0.638  1.00 2.13  ? 6  LYS A CG   2  
ATOM 310  C CD   . LYS A 1 6  ? -4.853 2.335  1.940  1.00 21.45 ? 6  LYS A CD   2  
ATOM 311  C CE   . LYS A 1 6  ? -6.151 2.502  2.714  1.00 43.33 ? 6  LYS A CE   2  
ATOM 312  N NZ   . LYS A 1 6  ? -6.080 3.633  3.679  1.00 12.22 ? 6  LYS A NZ   2  
ATOM 313  H H    . LYS A 1 6  ? -2.530 -1.475 0.984  1.00 45.43 ? 6  LYS A H    2  
ATOM 314  H HA   . LYS A 1 6  ? -3.400 0.048  -1.238 1.00 53.00 ? 6  LYS A HA   2  
ATOM 315  H HB2  . LYS A 1 6  ? -5.082 -0.511 0.292  1.00 40.34 ? 6  LYS A HB2  2  
ATOM 316  H HB3  . LYS A 1 6  ? -4.122 -0.006 1.676  1.00 23.13 ? 6  LYS A HB3  2  
ATOM 317  H HG2  . LYS A 1 6  ? -4.675 2.169  -0.177 1.00 42.31 ? 6  LYS A HG2  2  
ATOM 318  H HG3  . LYS A 1 6  ? -6.134 1.435  0.494  1.00 51.13 ? 6  LYS A HG3  2  
ATOM 319  H HD2  . LYS A 1 6  ? -4.151 1.786  2.549  1.00 30.43 ? 6  LYS A HD2  2  
ATOM 320  H HD3  . LYS A 1 6  ? -4.450 3.313  1.715  1.00 2.12  ? 6  LYS A HD3  2  
ATOM 321  H HE2  . LYS A 1 6  ? -6.952 2.687  2.015  1.00 55.03 ? 6  LYS A HE2  2  
ATOM 322  H HE3  . LYS A 1 6  ? -6.350 1.589  3.256  1.00 62.01 ? 6  LYS A HE3  2  
ATOM 323  H HZ1  . LYS A 1 6  ? -7.032 3.868  4.026  1.00 3.43  ? 6  LYS A HZ1  2  
ATOM 324  H HZ2  . LYS A 1 6  ? -5.675 4.472  3.218  1.00 71.41 ? 6  LYS A HZ2  2  
ATOM 325  H HZ3  . LYS A 1 6  ? -5.481 3.375  4.490  1.00 44.44 ? 6  LYS A HZ3  2  
ATOM 326  N N    . ALA A 1 7  ? -1.581 1.596  1.022  1.00 64.14 ? 7  ALA A N    2  
ATOM 327  C CA   . ALA A 1 7  ? -0.786 2.792  1.273  1.00 11.01 ? 7  ALA A CA   2  
ATOM 328  C C    . ALA A 1 7  ? 0.514  2.763  0.475  1.00 23.02 ? 7  ALA A C    2  
ATOM 329  O O    . ALA A 1 7  ? 0.978  3.795  -0.008 1.00 24.13 ? 7  ALA A O    2  
ATOM 330  C CB   . ALA A 1 7  ? -0.492 2.928  2.759  1.00 51.12 ? 7  ALA A CB   2  
ATOM 331  H H    . ALA A 1 7  ? -1.555 0.860  1.668  1.00 34.03 ? 7  ALA A H    2  
ATOM 332  H HA   . ALA A 1 7  ? -1.366 3.650  0.966  1.00 70.24 ? 7  ALA A HA   2  
ATOM 333  H HB1  . ALA A 1 7  ? -1.392 3.223  3.278  1.00 11.03 ? 7  ALA A HB1  2  
ATOM 334  H HB2  . ALA A 1 7  ? -0.148 1.981  3.146  1.00 14.11 ? 7  ALA A HB2  2  
ATOM 335  H HB3  . ALA A 1 7  ? 0.271  3.677  2.908  1.00 30.40 ? 7  ALA A HB3  2  
ATOM 336  N N    . GLN A 1 8  ? 1.095  1.576  0.342  1.00 71.31 ? 8  GLN A N    2  
ATOM 337  C CA   . GLN A 1 8  ? 2.342  1.415  -0.396 1.00 70.20 ? 8  GLN A CA   2  
ATOM 338  C C    . GLN A 1 8  ? 2.102  1.513  -1.899 1.00 65.23 ? 8  GLN A C    2  
ATOM 339  O O    . GLN A 1 8  ? 2.981  1.932  -2.651 1.00 32.41 ? 8  GLN A O    2  
ATOM 340  C CB   . GLN A 1 8  ? 2.990  0.071  -0.058 1.00 22.42 ? 8  GLN A CB   2  
ATOM 341  C CG   . GLN A 1 8  ? 4.242  -0.222 -0.870 1.00 61.12 ? 8  GLN A CG   2  
ATOM 342  C CD   . GLN A 1 8  ? 5.331  -0.878 -0.045 1.00 33.55 ? 8  GLN A CD   2  
ATOM 343  O OE1  . GLN A 1 8  ? 5.143  -1.965 0.502  1.00 31.23 ? 8  GLN A OE1  2  
ATOM 344  N NE2  . GLN A 1 8  ? 6.480  -0.219 0.049  1.00 3.54  ? 8  GLN A NE2  2  
ATOM 345  H H    . GLN A 1 8  ? 0.676  0.790  0.750  1.00 24.43 ? 8  GLN A H    2  
ATOM 346  H HA   . GLN A 1 8  ? 3.008  2.210  -0.098 1.00 20.51 ? 8  GLN A HA   2  
ATOM 347  H HB2  . GLN A 1 8  ? 3.256  0.066  0.988  1.00 44.41 ? 8  GLN A HB2  2  
ATOM 348  H HB3  . GLN A 1 8  ? 2.275  -0.716 -0.244 1.00 63.13 ? 8  GLN A HB3  2  
ATOM 349  H HG2  . GLN A 1 8  ? 3.982  -0.883 -1.683 1.00 64.44 ? 8  GLN A HG2  2  
ATOM 350  H HG3  . GLN A 1 8  ? 4.621  0.707  -1.270 1.00 53.20 ? 8  GLN A HG3  2  
ATOM 351  H HE21 . GLN A 1 8  ? 6.558  0.644  -0.412 1.00 54.42 ? 8  GLN A HE21 2  
ATOM 352  H HE22 . GLN A 1 8  ? 7.201  -0.618 0.578  1.00 74.24 ? 8  GLN A HE22 2  
ATOM 353  N N    . GLU A 1 9  ? 0.905  1.124  -2.329 1.00 20.54 ? 9  GLU A N    2  
ATOM 354  C CA   . GLU A 1 9  ? 0.551  1.168  -3.743 1.00 3.01  ? 9  GLU A CA   2  
ATOM 355  C C    . GLU A 1 9  ? 0.790  2.559  -4.321 1.00 22.11 ? 9  GLU A C    2  
ATOM 356  O O    . GLU A 1 9  ? 1.220  2.704  -5.466 1.00 52.10 ? 9  GLU A O    2  
ATOM 357  C CB   . GLU A 1 9  ? -0.914 0.768  -3.937 1.00 11.44 ? 9  GLU A CB   2  
ATOM 358  C CG   . GLU A 1 9  ? -1.452 1.082  -5.322 1.00 24.11 ? 9  GLU A CG   2  
ATOM 359  C CD   . GLU A 1 9  ? -2.579 0.156  -5.735 1.00 10.21 ? 9  GLU A CD   2  
ATOM 360  O OE1  . GLU A 1 9  ? -3.737 0.422  -5.348 1.00 15.30 ? 9  GLU A OE1  2  
ATOM 361  O OE2  . GLU A 1 9  ? -2.304 -0.835 -6.443 1.00 63.14 ? 9  GLU A OE2  2  
ATOM 362  H H    . GLU A 1 9  ? 0.246  0.800  -1.680 1.00 15.12 ? 9  GLU A H    2  
ATOM 363  H HA   . GLU A 1 9  ? 1.179  0.462  -4.264 1.00 43.11 ? 9  GLU A HA   2  
ATOM 364  H HB2  . GLU A 1 9  ? -1.011 -0.294 -3.767 1.00 33.34 ? 9  GLU A HB2  2  
ATOM 365  H HB3  . GLU A 1 9  ? -1.517 1.296  -3.212 1.00 13.51 ? 9  GLU A HB3  2  
ATOM 366  H HG2  . GLU A 1 9  ? -1.821 2.097  -5.330 1.00 23.33 ? 9  GLU A HG2  2  
ATOM 367  H HG3  . GLU A 1 9  ? -0.647 0.988  -6.037 1.00 51.44 ? 9  GLU A HG3  2  
ATOM 368  N N    . LYS A 1 10 ? 0.508  3.583  -3.521 1.00 75.33 ? 10 LYS A N    2  
ATOM 369  C CA   . LYS A 1 10 ? 0.694  4.963  -3.951 1.00 24.25 ? 10 LYS A CA   2  
ATOM 370  C C    . LYS A 1 10 ? 2.107  5.447  -3.638 1.00 5.51  ? 10 LYS A C    2  
ATOM 371  O O    . LYS A 1 10 ? 2.394  6.642  -3.708 1.00 70.43 ? 10 LYS A O    2  
ATOM 372  C CB   . LYS A 1 10 ? -0.331 5.873  -3.270 1.00 0.43  ? 10 LYS A CB   2  
ATOM 373  C CG   . LYS A 1 10 ? -0.113 6.020  -1.773 1.00 3.00  ? 10 LYS A CG   2  
ATOM 374  C CD   . LYS A 1 10 ? -1.215 5.339  -0.979 1.00 25.13 ? 10 LYS A CD   2  
ATOM 375  C CE   . LYS A 1 10 ? -2.564 6.003  -1.216 1.00 31.31 ? 10 LYS A CE   2  
ATOM 376  N NZ   . LYS A 1 10 ? -3.469 5.144  -2.028 1.00 54.13 ? 10 LYS A NZ   2  
ATOM 377  H H    . LYS A 1 10 ? 0.169  3.404  -2.618 1.00 62.44 ? 10 LYS A H    2  
ATOM 378  H HA   . LYS A 1 10 ? 0.542  5.002  -5.019 1.00 64.33 ? 10 LYS A HA   2  
ATOM 379  H HB2  . LYS A 1 10 ? -0.279 6.855  -3.718 1.00 41.43 ? 10 LYS A HB2  2  
ATOM 380  H HB3  . LYS A 1 10 ? -1.319 5.465  -3.429 1.00 62.41 ? 10 LYS A HB3  2  
ATOM 381  H HG2  . LYS A 1 10 ? 0.833  5.573  -1.511 1.00 35.24 ? 10 LYS A HG2  2  
ATOM 382  H HG3  . LYS A 1 10 ? -0.098 7.072  -1.523 1.00 44.20 ? 10 LYS A HG3  2  
ATOM 383  H HD2  . LYS A 1 10 ? -1.278 4.305  -1.281 1.00 71.41 ? 10 LYS A HD2  2  
ATOM 384  H HD3  . LYS A 1 10 ? -0.976 5.396  0.073  1.00 42.34 ? 10 LYS A HD3  2  
ATOM 385  H HE2  . LYS A 1 10 ? -3.027 6.197  -0.260 1.00 61.33 ? 10 LYS A HE2  2  
ATOM 386  H HE3  . LYS A 1 10 ? -2.405 6.937  -1.735 1.00 52.25 ? 10 LYS A HE3  2  
ATOM 387  H HZ1  . LYS A 1 10 ? -4.460 5.328  -1.773 1.00 50.12 ? 10 LYS A HZ1  2  
ATOM 388  H HZ2  . LYS A 1 10 ? -3.259 4.140  -1.856 1.00 20.43 ? 10 LYS A HZ2  2  
ATOM 389  H HZ3  . LYS A 1 10 ? -3.340 5.345  -3.040 1.00 20.32 ? 10 LYS A HZ3  2  
ATOM 390  N N    . PHE A 1 11 ? 2.983  4.511  -3.291 1.00 12.11 ? 11 PHE A N    2  
ATOM 391  C CA   . PHE A 1 11 ? 4.366  4.841  -2.966 1.00 32.22 ? 11 PHE A CA   2  
ATOM 392  C C    . PHE A 1 11 ? 5.331  4.127  -3.908 1.00 40.00 ? 11 PHE A C    2  
ATOM 393  O O    . PHE A 1 11 ? 6.396  4.648  -4.237 1.00 23.14 ? 11 PHE A O    2  
ATOM 394  C CB   . PHE A 1 11 ? 4.677  4.464  -1.516 1.00 71.35 ? 11 PHE A CB   2  
ATOM 395  C CG   . PHE A 1 11 ? 3.877  5.242  -0.510 1.00 71.35 ? 11 PHE A CG   2  
ATOM 396  C CD1  . PHE A 1 11 ? 3.452  6.530  -0.790 1.00 70.21 ? 11 PHE A CD1  2  
ATOM 397  C CD2  . PHE A 1 11 ? 3.551  4.683  0.716  1.00 24.43 ? 11 PHE A CD2  2  
ATOM 398  C CE1  . PHE A 1 11 ? 2.718  7.248  0.135  1.00 45.04 ? 11 PHE A CE1  2  
ATOM 399  C CE2  . PHE A 1 11 ? 2.816  5.396  1.644  1.00 1.11  ? 11 PHE A CE2  2  
ATOM 400  C CZ   . PHE A 1 11 ? 2.398  6.680  1.353  1.00 74.12 ? 11 PHE A CZ   2  
ATOM 401  H H    . PHE A 1 11 ? 2.693  3.575  -3.252 1.00 52.43 ? 11 PHE A H    2  
ATOM 402  H HA   . PHE A 1 11 ? 4.488  5.907  -3.086 1.00 10.12 ? 11 PHE A HA   2  
ATOM 403  H HB2  . PHE A 1 11 ? 4.463  3.416  -1.371 1.00 43.31 ? 11 PHE A HB2  2  
ATOM 404  H HB3  . PHE A 1 11 ? 5.723  4.644  -1.322 1.00 41.32 ? 11 PHE A HB3  2  
ATOM 405  H HD1  . PHE A 1 11 ? 3.700  6.975  -1.743 1.00 0.31  ? 11 PHE A HD1  2  
ATOM 406  H HD2  . PHE A 1 11 ? 3.878  3.679  0.945  1.00 72.33 ? 11 PHE A HD2  2  
ATOM 407  H HE1  . PHE A 1 11 ? 2.391  8.252  -0.096 1.00 51.04 ? 11 PHE A HE1  2  
ATOM 408  H HE2  . PHE A 1 11 ? 2.568  4.950  2.595  1.00 51.32 ? 11 PHE A HE2  2  
ATOM 409  H HZ   . PHE A 1 11 ? 1.824  7.239  2.076  1.00 32.34 ? 11 PHE A HZ   2  
ATOM 410  N N    . GLY A 1 12 ? 4.950  2.928  -4.338 1.00 70.24 ? 12 GLY A N    2  
ATOM 411  C CA   . GLY A 1 12 ? 5.792  2.159  -5.236 1.00 31.54 ? 12 GLY A CA   2  
ATOM 412  C C    . GLY A 1 12 ? 5.890  2.784  -6.614 1.00 35.22 ? 12 GLY A C    2  
ATOM 413  O O    . GLY A 1 12 ? 5.395  2.225  -7.593 1.00 2.42  ? 12 GLY A O    2  
ATOM 414  H H    . GLY A 1 12 ? 4.090  2.561  -4.043 1.00 13.11 ? 12 GLY A H    2  
ATOM 415  H HA2  . GLY A 1 12 ? 6.783  2.090  -4.812 1.00 24.21 ? 12 GLY A HA2  2  
ATOM 416  H HA3  . GLY A 1 12 ? 5.383  1.165  -5.334 1.00 11.22 ? 12 GLY A HA3  2  
ATOM 417  N N    . TRP A 1 1  ? -0.371 -5.998 5.149  1.00 63.13 ? 1  TRP A N    3  
ATOM 418  C CA   . TRP A 1 1  ? -1.518 -6.562 4.445  1.00 10.10 ? 1  TRP A CA   3  
ATOM 419  C C    . TRP A 1 1  ? -2.181 -5.514 3.557  1.00 34.20 ? 1  TRP A C    3  
ATOM 420  O O    . TRP A 1 1  ? -1.508 -4.664 2.976  1.00 24.33 ? 1  TRP A O    3  
ATOM 421  C CB   . TRP A 1 1  ? -2.534 -7.118 5.445  1.00 73.12 ? 1  TRP A CB   3  
ATOM 422  C CG   . TRP A 1 1  ? -3.153 -6.064 6.310  1.00 3.34  ? 1  TRP A CG   3  
ATOM 423  C CD1  . TRP A 1 1  ? -4.434 -5.597 6.245  1.00 63.15 ? 1  TRP A CD1  3  
ATOM 424  C CD2  . TRP A 1 1  ? -2.516 -5.344 7.372  1.00 22.35 ? 1  TRP A CD2  3  
ATOM 425  N NE1  . TRP A 1 1  ? -4.633 -4.630 7.201  1.00 61.13 ? 1  TRP A NE1  3  
ATOM 426  C CE2  . TRP A 1 1  ? -3.472 -4.457 7.906  1.00 24.32 ? 1  TRP A CE2  3  
ATOM 427  C CE3  . TRP A 1 1  ? -1.233 -5.362 7.924  1.00 54.44 ? 1  TRP A CE3  3  
ATOM 428  C CZ2  . TRP A 1 1  ? -3.182 -3.598 8.963  1.00 40.32 ? 1  TRP A CZ2  3  
ATOM 429  C CZ3  . TRP A 1 1  ? -0.946 -4.510 8.973  1.00 3.42  ? 1  TRP A CZ3  3  
ATOM 430  C CH2  . TRP A 1 1  ? -1.918 -3.638 9.485  1.00 72.02 ? 1  TRP A CH2  3  
ATOM 431  H H1   . TRP A 1 1  ? -0.440 -5.097 5.528  1.00 31.44 ? 1  TRP A H1   3  
ATOM 432  H HA   . TRP A 1 1  ? -1.159 -7.369 3.824  1.00 30.40 ? 1  TRP A HA   3  
ATOM 433  H HB2  . TRP A 1 1  ? -3.326 -7.614 4.904  1.00 10.40 ? 1  TRP A HB2  3  
ATOM 434  H HB3  . TRP A 1 1  ? -2.040 -7.831 6.088  1.00 50.24 ? 1  TRP A HB3  3  
ATOM 435  H HD1  . TRP A 1 1  ? -5.172 -5.945 5.537  1.00 44.32 ? 1  TRP A HD1  3  
ATOM 436  H HE1  . TRP A 1 1  ? -5.472 -4.145 7.353  1.00 32.10 ? 1  TRP A HE1  3  
ATOM 437  H HE3  . TRP A 1 1  ? -0.471 -6.027 7.544  1.00 3.55  ? 1  TRP A HE3  3  
ATOM 438  H HZ2  . TRP A 1 1  ? -3.920 -2.922 9.369  1.00 30.21 ? 1  TRP A HZ2  3  
ATOM 439  H HZ3  . TRP A 1 1  ? 0.040  -4.510 9.414  1.00 73.25 ? 1  TRP A HZ3  3  
ATOM 440  H HH2  . TRP A 1 1  ? -1.650 -2.990 10.305 1.00 71.02 ? 1  TRP A HH2  3  
ATOM 441  N N    . LYS A 1 2  ? -3.504 -5.582 3.456  1.00 13.54 ? 2  LYS A N    3  
ATOM 442  C CA   . LYS A 1 2  ? -4.259 -4.638 2.641  1.00 4.53  ? 2  LYS A CA   3  
ATOM 443  C C    . LYS A 1 2  ? -3.929 -3.199 3.028  1.00 52.33 ? 2  LYS A C    3  
ATOM 444  O O    . LYS A 1 2  ? -3.886 -2.311 2.176  1.00 74.44 ? 2  LYS A O    3  
ATOM 445  C CB   . LYS A 1 2  ? -5.761 -4.887 2.795  1.00 14.22 ? 2  LYS A CB   3  
ATOM 446  C CG   . LYS A 1 2  ? -6.559 -3.629 3.088  1.00 5.22  ? 2  LYS A CG   3  
ATOM 447  C CD   . LYS A 1 2  ? -6.633 -3.350 4.580  1.00 14.22 ? 2  LYS A CD   3  
ATOM 448  C CE   . LYS A 1 2  ? -7.896 -3.933 5.195  1.00 64.21 ? 2  LYS A CE   3  
ATOM 449  N NZ   . LYS A 1 2  ? -8.969 -2.909 5.333  1.00 43.50 ? 2  LYS A NZ   3  
ATOM 450  H H    . LYS A 1 2  ? -3.985 -6.283 3.946  1.00 72.44 ? 2  LYS A H    3  
ATOM 451  H HA   . LYS A 1 2  ? -3.981 -4.795 1.610  1.00 22.24 ? 2  LYS A HA   3  
ATOM 452  H HB2  . LYS A 1 2  ? -6.137 -5.322 1.881  1.00 41.15 ? 2  LYS A HB2  3  
ATOM 453  H HB3  . LYS A 1 2  ? -5.917 -5.585 3.606  1.00 32.34 ? 2  LYS A HB3  3  
ATOM 454  H HG2  . LYS A 1 2  ? -6.086 -2.791 2.599  1.00 64.33 ? 2  LYS A HG2  3  
ATOM 455  H HG3  . LYS A 1 2  ? -7.562 -3.752 2.704  1.00 51.24 ? 2  LYS A HG3  3  
ATOM 456  H HD2  . LYS A 1 2  ? -5.774 -3.792 5.063  1.00 21.33 ? 2  LYS A HD2  3  
ATOM 457  H HD3  . LYS A 1 2  ? -6.626 -2.280 4.738  1.00 42.14 ? 2  LYS A HD3  3  
ATOM 458  H HE2  . LYS A 1 2  ? -8.253 -4.732 4.563  1.00 72.33 ? 2  LYS A HE2  3  
ATOM 459  H HE3  . LYS A 1 2  ? -7.656 -4.325 6.172  1.00 43.43 ? 2  LYS A HE3  3  
ATOM 460  H HZ1  . LYS A 1 2  ? -9.450 -2.769 4.422  1.00 72.23 ? 2  LYS A HZ1  3  
ATOM 461  H HZ2  . LYS A 1 2  ? -8.560 -2.004 5.640  1.00 25.30 ? 2  LYS A HZ2  3  
ATOM 462  H HZ3  . LYS A 1 2  ? -9.668 -3.218 6.038  1.00 64.12 ? 2  LYS A HZ3  3  
ATOM 463  N N    . LEU A 1 3  ? -3.697 -2.976 4.316  1.00 52.54 ? 3  LEU A N    3  
ATOM 464  C CA   . LEU A 1 3  ? -3.370 -1.646 4.815  1.00 2.10  ? 3  LEU A CA   3  
ATOM 465  C C    . LEU A 1 3  ? -1.942 -1.260 4.443  1.00 71.22 ? 3  LEU A C    3  
ATOM 466  O O    . LEU A 1 3  ? -1.563 -0.091 4.521  1.00 33.24 ? 3  LEU A O    3  
ATOM 467  C CB   . LEU A 1 3  ? -3.545 -1.592 6.334  1.00 5.12  ? 3  LEU A CB   3  
ATOM 468  C CG   . LEU A 1 3  ? -3.261 -0.242 6.995  1.00 61.13 ? 3  LEU A CG   3  
ATOM 469  C CD1  . LEU A 1 3  ? -1.774 -0.086 7.273  1.00 61.03 ? 3  LEU A CD1  3  
ATOM 470  C CD2  . LEU A 1 3  ? -3.764 0.897  6.120  1.00 43.43 ? 3  LEU A CD2  3  
ATOM 471  H H    . LEU A 1 3  ? -3.747 -3.724 4.948  1.00 10.52 ? 3  LEU A H    3  
ATOM 472  H HA   . LEU A 1 3  ? -4.050 -0.943 4.357  1.00 41.31 ? 3  LEU A HA   3  
ATOM 473  H HB2  . LEU A 1 3  ? -4.566 -1.861 6.559  1.00 34.42 ? 3  LEU A HB2  3  
ATOM 474  H HB3  . LEU A 1 3  ? -2.877 -2.321 6.770  1.00 61.53 ? 3  LEU A HB3  3  
ATOM 475  H HG   . LEU A 1 3  ? -3.784 -0.195 7.941  1.00 23.10 ? 3  LEU A HG   3  
ATOM 476  H HD11 . LEU A 1 3  ? -1.365 0.675  6.627  1.00 62.42 ? 3  LEU A HD11 3  
ATOM 477  H HD12 . LEU A 1 3  ? -1.273 -1.024 7.087  1.00 72.24 ? 3  LEU A HD12 3  
ATOM 478  H HD13 . LEU A 1 3  ? -1.630 0.200  8.304  1.00 14.24 ? 3  LEU A HD13 3  
ATOM 479  H HD21 . LEU A 1 3  ? -3.426 1.839  6.525  1.00 53.51 ? 3  LEU A HD21 3  
ATOM 480  H HD22 . LEU A 1 3  ? -4.844 0.881  6.096  1.00 24.33 ? 3  LEU A HD22 3  
ATOM 481  H HD23 . LEU A 1 3  ? -3.381 0.776  5.117  1.00 1.03  ? 3  LEU A HD23 3  
ATOM 482  N N    . LEU A 1 4  ? -1.155 -2.250 4.036  1.00 64.01 ? 4  LEU A N    3  
ATOM 483  C CA   . LEU A 1 4  ? 0.231  -2.015 3.648  1.00 12.12 ? 4  LEU A CA   3  
ATOM 484  C C    . LEU A 1 4  ? 0.360  -1.889 2.134  1.00 25.12 ? 4  LEU A C    3  
ATOM 485  O O    . LEU A 1 4  ? 1.175  -1.117 1.632  1.00 34.53 ? 4  LEU A O    3  
ATOM 486  C CB   . LEU A 1 4  ? 1.122  -3.151 4.154  1.00 35.43 ? 4  LEU A CB   3  
ATOM 487  C CG   . LEU A 1 4  ? 1.669  -2.994 5.574  1.00 31.43 ? 4  LEU A CG   3  
ATOM 488  C CD1  . LEU A 1 4  ? 2.458  -1.700 5.702  1.00 44.13 ? 4  LEU A CD1  3  
ATOM 489  C CD2  . LEU A 1 4  ? 0.536  -3.032 6.589  1.00 73.33 ? 4  LEU A CD2  3  
ATOM 490  H H    . LEU A 1 4  ? -1.514 -3.161 3.994  1.00 11.05 ? 4  LEU A H    3  
ATOM 491  H HA   . LEU A 1 4  ? 0.550  -1.089 4.102  1.00 11.35 ? 4  LEU A HA   3  
ATOM 492  H HB2  . LEU A 1 4  ? 0.547  -4.063 4.121  1.00 61.41 ? 4  LEU A HB2  3  
ATOM 493  H HB3  . LEU A 1 4  ? 1.965  -3.234 3.482  1.00 61.35 ? 4  LEU A HB3  3  
ATOM 494  H HG   . LEU A 1 4  ? 2.339  -3.815 5.787  1.00 12.01 ? 4  LEU A HG   3  
ATOM 495  H HD11 . LEU A 1 4  ? 2.044  -1.103 6.500  1.00 45.54 ? 4  LEU A HD11 3  
ATOM 496  H HD12 . LEU A 1 4  ? 2.401  -1.150 4.774  1.00 61.35 ? 4  LEU A HD12 3  
ATOM 497  H HD13 . LEU A 1 4  ? 3.490  -1.928 5.920  1.00 15.34 ? 4  LEU A HD13 3  
ATOM 498  H HD21 . LEU A 1 4  ? 0.762  -3.763 7.351  1.00 42.31 ? 4  LEU A HD21 3  
ATOM 499  H HD22 . LEU A 1 4  ? -0.383 -3.303 6.090  1.00 3.12  ? 4  LEU A HD22 3  
ATOM 500  H HD23 . LEU A 1 4  ? 0.427  -2.058 7.043  1.00 52.14 ? 4  LEU A HD23 3  
ATOM 501  N N    . SER A 1 5  ? -0.454 -2.651 1.411  1.00 54.15 ? 5  SER A N    3  
ATOM 502  C CA   . SER A 1 5  ? -0.430 -2.627 -0.047 1.00 61.42 ? 5  SER A CA   3  
ATOM 503  C C    . SER A 1 5  ? -1.236 -1.448 -0.584 1.00 5.41  ? 5  SER A C    3  
ATOM 504  O O    . SER A 1 5  ? -0.894 -0.861 -1.610 1.00 20.12 ? 5  SER A O    3  
ATOM 505  C CB   . SER A 1 5  ? -0.986 -3.936 -0.610 1.00 53.51 ? 5  SER A CB   3  
ATOM 506  O OG   . SER A 1 5  ? -0.368 -5.057 0.001  1.00 5.21  ? 5  SER A OG   3  
ATOM 507  H H    . SER A 1 5  ? -1.083 -3.248 1.869  1.00 24.33 ? 5  SER A H    3  
ATOM 508  H HA   . SER A 1 5  ? 0.597  -2.518 -0.361 1.00 13.05 ? 5  SER A HA   3  
ATOM 509  H HB2  . SER A 1 5  ? -2.048 -3.983 -0.427 1.00 3.22  ? 5  SER A HB2  3  
ATOM 510  H HB3  . SER A 1 5  ? -0.802 -3.974 -1.674 1.00 53.41 ? 5  SER A HB3  3  
ATOM 511  H HG   . SER A 1 5  ? -1.022 -5.744 0.144  1.00 54.13 ? 5  SER A HG   3  
ATOM 512  N N    . LYS A 1 6  ? -2.311 -1.106 0.120  1.00 63.42 ? 6  LYS A N    3  
ATOM 513  C CA   . LYS A 1 6  ? -3.168 0.004  -0.283 1.00 41.35 ? 6  LYS A CA   3  
ATOM 514  C C    . LYS A 1 6  ? -2.447 1.336  -0.115 1.00 32.54 ? 6  LYS A C    3  
ATOM 515  O O    . LYS A 1 6  ? -2.621 2.253  -0.918 1.00 11.33 ? 6  LYS A O    3  
ATOM 516  C CB   . LYS A 1 6  ? -4.458 0.003  0.540  1.00 2.10  ? 6  LYS A CB   3  
ATOM 517  C CG   . LYS A 1 6  ? -4.258 0.430  1.984  1.00 44.32 ? 6  LYS A CG   3  
ATOM 518  C CD   . LYS A 1 6  ? -4.370 1.938  2.140  1.00 54.11 ? 6  LYS A CD   3  
ATOM 519  C CE   . LYS A 1 6  ? -5.566 2.322  2.998  1.00 30.41 ? 6  LYS A CE   3  
ATOM 520  N NZ   . LYS A 1 6  ? -5.697 3.799  3.136  1.00 33.11 ? 6  LYS A NZ   3  
ATOM 521  H H    . LYS A 1 6  ? -2.534 -1.612 0.929  1.00 52.13 ? 6  LYS A H    3  
ATOM 522  H HA   . LYS A 1 6  ? -3.416 -0.129 -1.325 1.00 72.53 ? 6  LYS A HA   3  
ATOM 523  H HB2  . LYS A 1 6  ? -5.164 0.679  0.081  1.00 41.13 ? 6  LYS A HB2  3  
ATOM 524  H HB3  . LYS A 1 6  ? -4.874 -0.995 0.536  1.00 35.04 ? 6  LYS A HB3  3  
ATOM 525  H HG2  . LYS A 1 6  ? -5.013 -0.041 2.597  1.00 30.52 ? 6  LYS A HG2  3  
ATOM 526  H HG3  . LYS A 1 6  ? -3.278 0.115  2.311  1.00 50.42 ? 6  LYS A HG3  3  
ATOM 527  H HD2  . LYS A 1 6  ? -3.471 2.309  2.608  1.00 31.03 ? 6  LYS A HD2  3  
ATOM 528  H HD3  . LYS A 1 6  ? -4.480 2.384  1.162  1.00 61.32 ? 6  LYS A HD3  3  
ATOM 529  H HE2  . LYS A 1 6  ? -6.462 1.931  2.539  1.00 21.43 ? 6  LYS A HE2  3  
ATOM 530  H HE3  . LYS A 1 6  ? -5.444 1.886  3.978  1.00 3.03  ? 6  LYS A HE3  3  
ATOM 531  H HZ1  . LYS A 1 6  ? -6.608 4.116  2.746  1.00 51.31 ? 6  LYS A HZ1  3  
ATOM 532  H HZ2  . LYS A 1 6  ? -4.928 4.276  2.622  1.00 54.23 ? 6  LYS A HZ2  3  
ATOM 533  H HZ3  . LYS A 1 6  ? -5.647 4.070  4.138  1.00 10.41 ? 6  LYS A HZ3  3  
ATOM 534  N N    . ALA A 1 7  ? -1.634 1.438  0.933  1.00 53.24 ? 7  ALA A N    3  
ATOM 535  C CA   . ALA A 1 7  ? -0.884 2.657  1.203  1.00 2.24  ? 7  ALA A CA   3  
ATOM 536  C C    . ALA A 1 7  ? 0.423  2.683  0.419  1.00 15.01 ? 7  ALA A C    3  
ATOM 537  O O    . ALA A 1 7  ? 0.857  3.736  -0.047 1.00 33.20 ? 7  ALA A O    3  
ATOM 538  C CB   . ALA A 1 7  ? -0.610 2.788  2.694  1.00 21.44 ? 7  ALA A CB   3  
ATOM 539  H H    . ALA A 1 7  ? -1.537 0.672  1.537  1.00 1.40  ? 7  ALA A H    3  
ATOM 540  H HA   . ALA A 1 7  ? -1.491 3.497  0.898  1.00 42.04 ? 7  ALA A HA   3  
ATOM 541  H HB1  . ALA A 1 7  ? 0.283  3.377  2.844  1.00 13.23 ? 7  ALA A HB1  3  
ATOM 542  H HB2  . ALA A 1 7  ? -1.447 3.275  3.172  1.00 14.23 ? 7  ALA A HB2  3  
ATOM 543  H HB3  . ALA A 1 7  ? -0.471 1.807  3.121  1.00 2.24  ? 7  ALA A HB3  3  
ATOM 544  N N    . GLN A 1 8  ? 1.047  1.517  0.278  1.00 45.44 ? 8  GLN A N    3  
ATOM 545  C CA   . GLN A 1 8  ? 2.306  1.407  -0.449 1.00 0.21  ? 8  GLN A CA   3  
ATOM 546  C C    . GLN A 1 8  ? 2.074  1.487  -1.955 1.00 13.41 ? 8  GLN A C    3  
ATOM 547  O O    . GLN A 1 8  ? 2.942  1.935  -2.702 1.00 55.22 ? 8  GLN A O    3  
ATOM 548  C CB   . GLN A 1 8  ? 3.009  0.095  -0.098 1.00 75.23 ? 8  GLN A CB   3  
ATOM 549  C CG   . GLN A 1 8  ? 4.265  -0.160 -0.916 1.00 13.33 ? 8  GLN A CG   3  
ATOM 550  C CD   . GLN A 1 8  ? 5.387  -0.758 -0.090 1.00 60.13 ? 8  GLN A CD   3  
ATOM 551  O OE1  . GLN A 1 8  ? 5.829  -1.880 -0.343 1.00 23.53 ? 8  GLN A OE1  3  
ATOM 552  N NE2  . GLN A 1 8  ? 5.854  -0.011 0.903  1.00 34.24 ? 8  GLN A NE2  3  
ATOM 553  H H    . GLN A 1 8  ? 0.651  0.713  0.672  1.00 42.15 ? 8  GLN A H    3  
ATOM 554  H HA   . GLN A 1 8  ? 2.934  2.232  -0.151 1.00 1.20  ? 8  GLN A HA   3  
ATOM 555  H HB2  . GLN A 1 8  ? 3.283  0.115  0.946  1.00 44.23 ? 8  GLN A HB2  3  
ATOM 556  H HB3  . GLN A 1 8  ? 2.324  -0.724 -0.267 1.00 22.42 ? 8  GLN A HB3  3  
ATOM 557  H HG2  . GLN A 1 8  ? 4.025  -0.843 -1.717 1.00 74.02 ? 8  GLN A HG2  3  
ATOM 558  H HG3  . GLN A 1 8  ? 4.604  0.777  -1.332 1.00 22.14 ? 8  GLN A HG3  3  
ATOM 559  H HE21 . GLN A 1 8  ? 5.453  0.872  1.046  1.00 60.03 ? 8  GLN A HE21 3  
ATOM 560  H HE22 . GLN A 1 8  ? 6.579  -0.373 1.453  1.00 74.50 ? 8  GLN A HE22 3  
ATOM 561  N N    . GLU A 1 9  ? 0.897  1.048  -2.391 1.00 61.53 ? 9  GLU A N    3  
ATOM 562  C CA   . GLU A 1 9  ? 0.553  1.069  -3.808 1.00 62.30 ? 9  GLU A CA   3  
ATOM 563  C C    . GLU A 1 9  ? 0.739  2.466  -4.393 1.00 0.52  ? 9  GLU A C    3  
ATOM 564  O O    . GLU A 1 9  ? 1.163  2.621  -5.537 1.00 20.43 ? 9  GLU A O    3  
ATOM 565  C CB   . GLU A 1 9  ? -0.892 0.608  -4.011 1.00 53.24 ? 9  GLU A CB   3  
ATOM 566  C CG   . GLU A 1 9  ? -1.432 0.893  -5.402 1.00 70.23 ? 9  GLU A CG   3  
ATOM 567  C CD   . GLU A 1 9  ? -2.463 -0.127 -5.848 1.00 23.34 ? 9  GLU A CD   3  
ATOM 568  O OE1  . GLU A 1 9  ? -3.539 -0.195 -5.219 1.00 32.21 ? 9  GLU A OE1  3  
ATOM 569  O OE2  . GLU A 1 9  ? -2.192 -0.855 -6.826 1.00 65.10 ? 9  GLU A OE2  3  
ATOM 570  H H    . GLU A 1 9  ? 0.246  0.703  -1.746 1.00 53.04 ? 9  GLU A H    3  
ATOM 571  H HA   . GLU A 1 9  ? 1.214  0.387  -4.320 1.00 31.12 ? 9  GLU A HA   3  
ATOM 572  H HB2  . GLU A 1 9  ? -0.945 -0.457 -3.838 1.00 43.33 ? 9  GLU A HB2  3  
ATOM 573  H HB3  . GLU A 1 9  ? -1.522 1.112  -3.294 1.00 4.23  ? 9  GLU A HB3  3  
ATOM 574  H HG2  . GLU A 1 9  ? -1.891 1.870  -5.403 1.00 71.23 ? 9  GLU A HG2  3  
ATOM 575  H HG3  . GLU A 1 9  ? -0.610 0.882  -6.103 1.00 21.25 ? 9  GLU A HG3  3  
ATOM 576  N N    . LYS A 1 10 ? 0.418  3.481  -3.597 1.00 63.02 ? 10 LYS A N    3  
ATOM 577  C CA   . LYS A 1 10 ? 0.549  4.867  -4.034 1.00 50.52 ? 10 LYS A CA   3  
ATOM 578  C C    . LYS A 1 10 ? 1.939  5.407  -3.713 1.00 22.44 ? 10 LYS A C    3  
ATOM 579  O O    . LYS A 1 10 ? 2.177  6.614  -3.781 1.00 73.22 ? 10 LYS A O    3  
ATOM 580  C CB   . LYS A 1 10 ? -0.516 5.737  -3.363 1.00 3.42  ? 10 LYS A CB   3  
ATOM 581  C CG   . LYS A 1 10 ? -0.314 5.901  -1.866 1.00 63.13 ? 10 LYS A CG   3  
ATOM 582  C CD   . LYS A 1 10 ? -1.385 5.168  -1.076 1.00 0.12  ? 10 LYS A CD   3  
ATOM 583  C CE   . LYS A 1 10 ? -2.762 5.769  -1.314 1.00 61.24 ? 10 LYS A CE   3  
ATOM 584  N NZ   . LYS A 1 10 ? -2.772 7.241  -1.087 1.00 21.03 ? 10 LYS A NZ   3  
ATOM 585  H H    . LYS A 1 10 ? 0.084  3.294  -2.694 1.00 74.30 ? 10 LYS A H    3  
ATOM 586  H HA   . LYS A 1 10 ? 0.402  4.894  -5.103 1.00 54.10 ? 10 LYS A HA   3  
ATOM 587  H HB2  . LYS A 1 10 ? -0.500 6.718  -3.816 1.00 43.44 ? 10 LYS A HB2  3  
ATOM 588  H HB3  . LYS A 1 10 ? -1.485 5.290  -3.527 1.00 44.43 ? 10 LYS A HB3  3  
ATOM 589  H HG2  . LYS A 1 10 ? 0.652  5.501  -1.597 1.00 34.11 ? 10 LYS A HG2  3  
ATOM 590  H HG3  . LYS A 1 10 ? -0.353 6.952  -1.619 1.00 20.10 ? 10 LYS A HG3  3  
ATOM 591  H HD2  . LYS A 1 10 ? -1.400 4.132  -1.378 1.00 70.31 ? 10 LYS A HD2  3  
ATOM 592  H HD3  . LYS A 1 10 ? -1.151 5.234  -0.022 1.00 43.00 ? 10 LYS A HD3  3  
ATOM 593  H HE2  . LYS A 1 10 ? -3.056 5.569  -2.333 1.00 62.23 ? 10 LYS A HE2  3  
ATOM 594  H HE3  . LYS A 1 10 ? -3.465 5.304  -0.639 1.00 21.31 ? 10 LYS A HE3  3  
ATOM 595  H HZ1  . LYS A 1 10 ? -2.307 7.467  -0.185 1.00 43.33 ? 10 LYS A HZ1  3  
ATOM 596  H HZ2  . LYS A 1 10 ? -3.752 7.590  -1.057 1.00 63.30 ? 10 LYS A HZ2  3  
ATOM 597  H HZ3  . LYS A 1 10 ? -2.268 7.725  -1.856 1.00 14.02 ? 10 LYS A HZ3  3  
ATOM 598  N N    . PHE A 1 11 ? 2.853  4.509  -3.366 1.00 21.13 ? 11 PHE A N    3  
ATOM 599  C CA   . PHE A 1 11 ? 4.220  4.896  -3.036 1.00 63.11 ? 11 PHE A CA   3  
ATOM 600  C C    . PHE A 1 11 ? 5.218  4.228  -3.978 1.00 44.13 ? 11 PHE A C    3  
ATOM 601  O O    . PHE A 1 11 ? 6.261  4.795  -4.298 1.00 62.52 ? 11 PHE A O    3  
ATOM 602  C CB   . PHE A 1 11 ? 4.543  4.526  -1.587 1.00 3.40  ? 11 PHE A CB   3  
ATOM 603  C CG   . PHE A 1 11 ? 3.695  5.250  -0.580 1.00 20.45 ? 11 PHE A CG   3  
ATOM 604  C CD1  . PHE A 1 11 ? 3.179  6.504  -0.864 1.00 23.10 ? 11 PHE A CD1  3  
ATOM 605  C CD2  . PHE A 1 11 ? 3.416  4.678  0.650  1.00 4.21  ? 11 PHE A CD2  3  
ATOM 606  C CE1  . PHE A 1 11 ? 2.398  7.174  0.060  1.00 31.21 ? 11 PHE A CE1  3  
ATOM 607  C CE2  . PHE A 1 11 ? 2.636  5.343  1.578  1.00 14.14 ? 11 PHE A CE2  3  
ATOM 608  C CZ   . PHE A 1 11 ? 2.128  6.593  1.283  1.00 60.43 ? 11 PHE A CZ   3  
ATOM 609  H H    . PHE A 1 11 ? 2.603  3.562  -3.329 1.00 70.51 ? 11 PHE A H    3  
ATOM 610  H HA   . PHE A 1 11 ? 4.297  5.967  -3.151 1.00 54.24 ? 11 PHE A HA   3  
ATOM 611  H HB2  . PHE A 1 11 ? 4.386  3.467  -1.450 1.00 42.31 ? 11 PHE A HB2  3  
ATOM 612  H HB3  . PHE A 1 11 ? 5.576  4.762  -1.384 1.00 51.54 ? 11 PHE A HB3  3  
ATOM 613  H HD1  . PHE A 1 11 ? 3.390  6.960  -1.821 1.00 24.42 ? 11 PHE A HD1  3  
ATOM 614  H HD2  . PHE A 1 11 ? 3.814  3.702  0.884  1.00 61.52 ? 11 PHE A HD2  3  
ATOM 615  H HE1  . PHE A 1 11 ? 2.003  8.152  -0.175 1.00 52.53 ? 11 PHE A HE1  3  
ATOM 616  H HE2  . PHE A 1 11 ? 2.426  4.886  2.534  1.00 70.12 ? 11 PHE A HE2  3  
ATOM 617  H HZ   . PHE A 1 11 ? 1.518  7.114  2.006  1.00 31.41 ? 11 PHE A HZ   3  
ATOM 618  N N    . GLY A 1 12 ? 4.888  3.017  -4.417 1.00 41.13 ? 12 GLY A N    3  
ATOM 619  C CA   . GLY A 1 12 ? 5.764  2.290  -5.317 1.00 44.41 ? 12 GLY A CA   3  
ATOM 620  C C    . GLY A 1 12 ? 5.492  2.607  -6.773 1.00 61.32 ? 12 GLY A C    3  
ATOM 621  O O    . GLY A 1 12 ? 6.391  2.534  -7.610 1.00 35.51 ? 12 GLY A O    3  
ATOM 622  H H    . GLY A 1 12 ? 4.042  2.614  -4.128 1.00 10.43 ? 12 GLY A H    3  
ATOM 623  H HA2  . GLY A 1 12 ? 6.788  2.545  -5.088 1.00 30.22 ? 12 GLY A HA2  3  
ATOM 624  H HA3  . GLY A 1 12 ? 5.623  1.230  -5.159 1.00 32.45 ? 12 GLY A HA3  3  
ATOM 625  N N    . TRP A 1 1  ? -0.452 -5.836 5.145  1.00 64.23 ? 1  TRP A N    4  
ATOM 626  C CA   . TRP A 1 1  ? -1.616 -6.380 4.454  1.00 22.43 ? 1  TRP A CA   4  
ATOM 627  C C    . TRP A 1 1  ? -2.247 -5.331 3.544  1.00 61.33 ? 1  TRP A C    4  
ATOM 628  O O    . TRP A 1 1  ? -1.549 -4.512 2.946  1.00 70.43 ? 1  TRP A O    4  
ATOM 629  C CB   . TRP A 1 1  ? -2.648 -6.881 5.465  1.00 13.45 ? 1  TRP A CB   4  
ATOM 630  C CG   . TRP A 1 1  ? -3.233 -5.788 6.308  1.00 60.02 ? 1  TRP A CG   4  
ATOM 631  C CD1  . TRP A 1 1  ? -4.499 -5.281 6.229  1.00 31.21 ? 1  TRP A CD1  4  
ATOM 632  C CD2  . TRP A 1 1  ? -2.575 -5.068 7.355  1.00 1.12  ? 1  TRP A CD2  4  
ATOM 633  N NE1  . TRP A 1 1  ? -4.667 -4.287 7.163  1.00 54.31 ? 1  TRP A NE1  4  
ATOM 634  C CE2  . TRP A 1 1  ? -3.502 -4.139 7.868  1.00 21.53 ? 1  TRP A CE2  4  
ATOM 635  C CE3  . TRP A 1 1  ? -1.294 -5.118 7.912  1.00 31.04 ? 1  TRP A CE3  4  
ATOM 636  C CZ2  . TRP A 1 1  ? -3.185 -3.268 8.908  1.00 44.51 ? 1  TRP A CZ2  4  
ATOM 637  C CZ3  . TRP A 1 1  ? -0.981 -4.254 8.943  1.00 2.51  ? 1  TRP A CZ3  4  
ATOM 638  C CH2  . TRP A 1 1  ? -1.924 -3.340 9.434  1.00 31.20 ? 1  TRP A CH2  4  
ATOM 639  H H1   . TRP A 1 1  ? -0.494 -4.928 5.511  1.00 73.02 ? 1  TRP A H1   4  
ATOM 640  H HA   . TRP A 1 1  ? -1.284 -7.211 3.850  1.00 61.21 ? 1  TRP A HA   4  
ATOM 641  H HB2  . TRP A 1 1  ? -3.456 -7.363 4.937  1.00 54.31 ? 1  TRP A HB2  4  
ATOM 642  H HB3  . TRP A 1 1  ? -2.176 -7.595 6.125  1.00 34.12 ? 1  TRP A HB3  4  
ATOM 643  H HD1  . TRP A 1 1  ? -5.246 -5.618 5.527  1.00 41.42 ? 1  TRP A HD1  4  
ATOM 644  H HE1  . TRP A 1 1  ? -5.489 -3.772 7.304  1.00 11.01 ? 1  TRP A HE1  4  
ATOM 645  H HE3  . TRP A 1 1  ? -0.554 -5.815 7.548  1.00 41.05 ? 1  TRP A HE3  4  
ATOM 646  H HZ2  . TRP A 1 1  ? -3.900 -2.559 9.298  1.00 62.11 ? 1  TRP A HZ2  4  
ATOM 647  H HZ3  . TRP A 1 1  ? 0.004  -4.278 9.386  1.00 22.31 ? 1  TRP A HZ3  4  
ATOM 648  H HH2  . TRP A 1 1  ? -1.636 -2.683 10.241 1.00 75.25 ? 1  TRP A HH2  4  
ATOM 649  N N    . LYS A 1 2  ? -3.572 -5.362 3.443  1.00 31.42 ? 2  LYS A N    4  
ATOM 650  C CA   . LYS A 1 2  ? -4.298 -4.413 2.606  1.00 14.23 ? 2  LYS A CA   4  
ATOM 651  C C    . LYS A 1 2  ? -3.925 -2.977 2.962  1.00 32.00 ? 2  LYS A C    4  
ATOM 652  O O    . LYS A 1 2  ? -3.861 -2.108 2.092  1.00 23.30 ? 2  LYS A O    4  
ATOM 653  C CB   . LYS A 1 2  ? -5.806 -4.613 2.764  1.00 61.32 ? 2  LYS A CB   4  
ATOM 654  C CG   . LYS A 1 2  ? -6.532 -3.385 3.286  1.00 33.13 ? 2  LYS A CG   4  
ATOM 655  C CD   . LYS A 1 2  ? -6.616 -3.391 4.804  1.00 45.22 ? 2  LYS A CD   4  
ATOM 656  C CE   . LYS A 1 2  ? -7.592 -2.340 5.311  1.00 21.22 ? 2  LYS A CE   4  
ATOM 657  N NZ   . LYS A 1 2  ? -8.641 -2.933 6.186  1.00 64.44 ? 2  LYS A NZ   4  
ATOM 658  H H    . LYS A 1 2  ? -4.073 -6.039 3.944  1.00 25.13 ? 2  LYS A H    4  
ATOM 659  H HA   . LYS A 1 2  ? -4.024 -4.600 1.578  1.00 0.14  ? 2  LYS A HA   4  
ATOM 660  H HB2  . LYS A 1 2  ? -6.226 -4.871 1.803  1.00 70.53 ? 2  LYS A HB2  4  
ATOM 661  H HB3  . LYS A 1 2  ? -5.979 -5.428 3.453  1.00 62.12 ? 2  LYS A HB3  4  
ATOM 662  H HG2  . LYS A 1 2  ? -5.997 -2.501 2.970  1.00 2.31  ? 2  LYS A HG2  4  
ATOM 663  H HG3  . LYS A 1 2  ? -7.532 -3.368 2.879  1.00 44.34 ? 2  LYS A HG3  4  
ATOM 664  H HD2  . LYS A 1 2  ? -6.950 -4.364 5.133  1.00 53.15 ? 2  LYS A HD2  4  
ATOM 665  H HD3  . LYS A 1 2  ? -5.637 -3.188 5.212  1.00 72.30 ? 2  LYS A HD3  4  
ATOM 666  H HE2  . LYS A 1 2  ? -7.043 -1.600 5.873  1.00 14.51 ? 2  LYS A HE2  4  
ATOM 667  H HE3  . LYS A 1 2  ? -8.066 -1.869 4.463  1.00 71.21 ? 2  LYS A HE3  4  
ATOM 668  H HZ1  . LYS A 1 2  ? -8.663 -2.442 7.102  1.00 61.02 ? 2  LYS A HZ1  4  
ATOM 669  H HZ2  . LYS A 1 2  ? -8.442 -3.941 6.349  1.00 14.43 ? 2  LYS A HZ2  4  
ATOM 670  H HZ3  . LYS A 1 2  ? -9.574 -2.845 5.735  1.00 14.03 ? 2  LYS A HZ3  4  
ATOM 671  N N    . LEU A 1 3  ? -3.677 -2.736 4.245  1.00 62.31 ? 3  LEU A N    4  
ATOM 672  C CA   . LEU A 1 3  ? -3.308 -1.405 4.715  1.00 44.04 ? 3  LEU A CA   4  
ATOM 673  C C    . LEU A 1 3  ? -1.874 -1.067 4.323  1.00 54.15 ? 3  LEU A C    4  
ATOM 674  O O    . LEU A 1 3  ? -1.474 0.098  4.334  1.00 61.32 ? 3  LEU A O    4  
ATOM 675  C CB   . LEU A 1 3  ? -3.468 -1.317 6.234  1.00 64.15 ? 3  LEU A CB   4  
ATOM 676  C CG   . LEU A 1 3  ? -3.134 0.034  6.867  1.00 14.20 ? 3  LEU A CG   4  
ATOM 677  C CD1  . LEU A 1 3  ? -1.638 0.150  7.115  1.00 14.33 ? 3  LEU A CD1  4  
ATOM 678  C CD2  . LEU A 1 3  ? -3.620 1.172  5.983  1.00 23.44 ? 3  LEU A CD2  4  
ATOM 679  H H    . LEU A 1 3  ? -3.744 -3.469 4.891  1.00 73.31 ? 3  LEU A H    4  
ATOM 680  H HA   . LEU A 1 3  ? -3.973 -0.693 4.250  1.00 61.55 ? 3  LEU A HA   4  
ATOM 681  H HB2  . LEU A 1 3  ? -4.495 -1.549 6.472  1.00 70.01 ? 3  LEU A HB2  4  
ATOM 682  H HB3  . LEU A 1 3  ? -2.822 -2.061 6.677  1.00 74.22 ? 3  LEU A HB3  4  
ATOM 683  H HG   . LEU A 1 3  ? -3.637 0.111  7.821  1.00 32.03 ? 3  LEU A HG   4  
ATOM 684  H HD11 . LEU A 1 3  ? -1.171 -0.811 6.961  1.00 44.20 ? 3  LEU A HD11 4  
ATOM 685  H HD12 . LEU A 1 3  ? -1.466 0.475  8.132  1.00 44.22 ? 3  LEU A HD12 4  
ATOM 686  H HD13 . LEU A 1 3  ? -1.215 0.871  6.432  1.00 23.55 ? 3  LEU A HD13 4  
ATOM 687  H HD21 . LEU A 1 3  ? -4.700 1.191  5.980  1.00 13.43 ? 3  LEU A HD21 4  
ATOM 688  H HD22 . LEU A 1 3  ? -3.260 1.024  4.975  1.00 53.43 ? 3  LEU A HD22 4  
ATOM 689  H HD23 . LEU A 1 3  ? -3.243 2.110  6.364  1.00 2.45  ? 3  LEU A HD23 4  
ATOM 690  N N    . LEU A 1 4  ? -1.104 -2.092 3.976  1.00 13.21 ? 4  LEU A N    4  
ATOM 691  C CA   . LEU A 1 4  ? 0.287  -1.905 3.578  1.00 20.01 ? 4  LEU A CA   4  
ATOM 692  C C    . LEU A 1 4  ? 0.412  -1.817 2.060  1.00 12.22 ? 4  LEU A C    4  
ATOM 693  O O    . LEU A 1 4  ? 1.252  -1.084 1.538  1.00 33.50 ? 4  LEU A O    4  
ATOM 694  C CB   . LEU A 1 4  ? 1.149  -3.052 4.106  1.00 53.44 ? 4  LEU A CB   4  
ATOM 695  C CG   . LEU A 1 4  ? 1.696  -2.883 5.524  1.00 42.41 ? 4  LEU A CG   4  
ATOM 696  C CD1  . LEU A 1 4  ? 2.507  -1.601 5.634  1.00 11.50 ? 4  LEU A CD1  4  
ATOM 697  C CD2  . LEU A 1 4  ? 0.561  -2.886 6.538  1.00 71.04 ? 4  LEU A CD2  4  
ATOM 698  H H    . LEU A 1 4  ? -1.478 -2.998 3.988  1.00 30.42 ? 4  LEU A H    4  
ATOM 699  H HA   . LEU A 1 4  ? 0.633  -0.977 4.010  1.00 40.01 ? 4  LEU A HA   4  
ATOM 700  H HB2  . LEU A 1 4  ? 0.551  -3.950 4.087  1.00 34.00 ? 4  LEU A HB2  4  
ATOM 701  H HB3  . LEU A 1 4  ? 1.991  -3.168 3.438  1.00 24.41 ? 4  LEU A HB3  4  
ATOM 702  H HG   . LEU A 1 4  ? 2.351  -3.713 5.752  1.00 1.21  ? 4  LEU A HG   4  
ATOM 703  H HD11 . LEU A 1 4  ? 3.530  -1.843 5.879  1.00 54.34 ? 4  LEU A HD11 4  
ATOM 704  H HD12 . LEU A 1 4  ? 2.090  -0.976 6.410  1.00 51.15 ? 4  LEU A HD12 4  
ATOM 705  H HD13 . LEU A 1 4  ? 2.477  -1.075 4.692  1.00 4.13  ? 4  LEU A HD13 4  
ATOM 706  H HD21 . LEU A 1 4  ? 0.762  -3.624 7.301  1.00 24.22 ? 4  LEU A HD21 4  
ATOM 707  H HD22 . LEU A 1 4  ? -0.366 -3.128 6.037  1.00 11.53 ? 4  LEU A HD22 4  
ATOM 708  H HD23 . LEU A 1 4  ? 0.480  -1.909 6.992  1.00 75.32 ? 4  LEU A HD23 4  
ATOM 709  N N    . SER A 1 5  ? -0.431 -2.566 1.358  1.00 52.33 ? 5  SER A N    4  
ATOM 710  C CA   . SER A 1 5  ? -0.414 -2.575 -0.100 1.00 64.30 ? 5  SER A CA   4  
ATOM 711  C C    . SER A 1 5  ? -1.178 -1.378 -0.659 1.00 41.41 ? 5  SER A C    4  
ATOM 712  O O    . SER A 1 5  ? -0.786 -0.793 -1.669 1.00 11.10 ? 5  SER A O    4  
ATOM 713  C CB   . SER A 1 5  ? -1.023 -3.875 -0.631 1.00 34.02 ? 5  SER A CB   4  
ATOM 714  O OG   . SER A 1 5  ? -0.438 -5.004 -0.006 1.00 14.03 ? 5  SER A OG   4  
ATOM 715  H H    . SER A 1 5  ? -1.078 -3.130 1.832  1.00 44.11 ? 5  SER A H    4  
ATOM 716  H HA   . SER A 1 5  ? 0.615  -2.512 -0.420 1.00 73.34 ? 5  SER A HA   4  
ATOM 717  H HB2  . SER A 1 5  ? -2.083 -3.879 -0.435 1.00 5.30  ? 5  SER A HB2  4  
ATOM 718  H HB3  . SER A 1 5  ? -0.853 -3.939 -1.696 1.00 53.24 ? 5  SER A HB3  4  
ATOM 719  H HG   . SER A 1 5  ? -0.276 -5.685 -0.662 1.00 54.13 ? 5  SER A HG   4  
ATOM 720  N N    . LYS A 1 6  ? -2.271 -1.019 0.006  1.00 65.41 ? 6  LYS A N    4  
ATOM 721  C CA   . LYS A 1 6  ? -3.090 0.109  -0.422 1.00 42.12 ? 6  LYS A CA   4  
ATOM 722  C C    . LYS A 1 6  ? -2.343 1.426  -0.237 1.00 31.10 ? 6  LYS A C    4  
ATOM 723  O O    . LYS A 1 6  ? -2.492 2.352  -1.034 1.00 51.24 ? 6  LYS A O    4  
ATOM 724  C CB   . LYS A 1 6  ? -4.403 0.140  0.366  1.00 15.02 ? 6  LYS A CB   4  
ATOM 725  C CG   . LYS A 1 6  ? -4.256 0.710  1.767  1.00 43.31 ? 6  LYS A CG   4  
ATOM 726  C CD   . LYS A 1 6  ? -5.524 0.517  2.582  1.00 44.01 ? 6  LYS A CD   4  
ATOM 727  C CE   . LYS A 1 6  ? -6.705 1.244  1.957  1.00 30.20 ? 6  LYS A CE   4  
ATOM 728  N NZ   . LYS A 1 6  ? -7.944 1.091  2.769  1.00 30.43 ? 6  LYS A NZ   4  
ATOM 729  H H    . LYS A 1 6  ? -2.533 -1.524 0.803  1.00 14.52 ? 6  LYS A H    4  
ATOM 730  H HA   . LYS A 1 6  ? -3.314 -0.021 -1.470 1.00 21.44 ? 6  LYS A HA   4  
ATOM 731  H HB2  . LYS A 1 6  ? -5.118 0.743  -0.173 1.00 3.45  ? 6  LYS A HB2  4  
ATOM 732  H HB3  . LYS A 1 6  ? -4.783 -0.868 0.449  1.00 61.15 ? 6  LYS A HB3  4  
ATOM 733  H HG2  . LYS A 1 6  ? -3.441 0.209  2.266  1.00 15.54 ? 6  LYS A HG2  4  
ATOM 734  H HG3  . LYS A 1 6  ? -4.043 1.767  1.695  1.00 13.45 ? 6  LYS A HG3  4  
ATOM 735  H HD2  . LYS A 1 6  ? -5.752 -0.538 2.633  1.00 4.43  ? 6  LYS A HD2  4  
ATOM 736  H HD3  . LYS A 1 6  ? -5.363 0.901  3.580  1.00 31.52 ? 6  LYS A HD3  4  
ATOM 737  H HE2  . LYS A 1 6  ? -6.464 2.293  1.878  1.00 54.02 ? 6  LYS A HE2  4  
ATOM 738  H HE3  . LYS A 1 6  ? -6.879 0.840  0.971  1.00 41.23 ? 6  LYS A HE3  4  
ATOM 739  H HZ1  . LYS A 1 6  ? -8.776 1.049  2.147  1.00 55.31 ? 6  LYS A HZ1  4  
ATOM 740  H HZ2  . LYS A 1 6  ? -8.048 1.900  3.416  1.00 64.32 ? 6  LYS A HZ2  4  
ATOM 741  H HZ3  . LYS A 1 6  ? -7.898 0.217  3.331  1.00 34.33 ? 6  LYS A HZ3  4  
ATOM 742  N N    . ALA A 1 7  ? -1.539 1.501  0.817  1.00 31.34 ? 7  ALA A N    4  
ATOM 743  C CA   . ALA A 1 7  ? -0.765 2.704  1.103  1.00 42.31 ? 7  ALA A CA   4  
ATOM 744  C C    . ALA A 1 7  ? 0.542  2.715  0.320  1.00 15.12 ? 7  ALA A C    4  
ATOM 745  O O    . ALA A 1 7  ? 0.990  3.763  -0.144 1.00 63.21 ? 7  ALA A O    4  
ATOM 746  C CB   . ALA A 1 7  ? -0.489 2.811  2.596  1.00 33.21 ? 7  ALA A CB   4  
ATOM 747  H H    . ALA A 1 7  ? -1.462 0.730  1.417  1.00 51.02 ? 7  ALA A H    4  
ATOM 748  H HA   . ALA A 1 7  ? -1.357 3.559  0.809  1.00 14.05 ? 7  ALA A HA   4  
ATOM 749  H HB1  . ALA A 1 7  ? 0.431  3.354  2.753  1.00 0.21  ? 7  ALA A HB1  4  
ATOM 750  H HB2  . ALA A 1 7  ? -1.303 3.334  3.075  1.00 13.52 ? 7  ALA A HB2  4  
ATOM 751  H HB3  . ALA A 1 7  ? -0.400 1.821  3.017  1.00 74.20 ? 7  ALA A HB3  4  
ATOM 752  N N    . GLN A 1 8  ? 1.152  1.542  0.178  1.00 73.44 ? 8  GLN A N    4  
ATOM 753  C CA   . GLN A 1 8  ? 2.410  1.418  -0.550 1.00 12.43 ? 8  GLN A CA   4  
ATOM 754  C C    . GLN A 1 8  ? 2.177  1.488  -2.056 1.00 15.14 ? 8  GLN A C    4  
ATOM 755  O O    . GLN A 1 8  ? 3.048  1.926  -2.807 1.00 51.04 ? 8  GLN A O    4  
ATOM 756  C CB   . GLN A 1 8  ? 3.104  0.104  -0.189 1.00 54.02 ? 8  GLN A CB   4  
ATOM 757  C CG   . GLN A 1 8  ? 4.362  -0.163 -1.002 1.00 2.44  ? 8  GLN A CG   4  
ATOM 758  C CD   . GLN A 1 8  ? 5.483  -0.748 -0.166 1.00 12.11 ? 8  GLN A CD   4  
ATOM 759  O OE1  . GLN A 1 8  ? 5.939  -1.865 -0.414 1.00 2.12  ? 8  GLN A OE1  4  
ATOM 760  N NE2  . GLN A 1 8  ? 5.934  0.004  0.831  1.00 51.40 ? 8  GLN A NE2  4  
ATOM 761  H H    . GLN A 1 8  ? 0.746  0.741  0.570  1.00 61.20 ? 8  GLN A H    4  
ATOM 762  H HA   . GLN A 1 8  ? 3.043  2.242  -0.257 1.00 72.43 ? 8  GLN A HA   4  
ATOM 763  H HB2  . GLN A 1 8  ? 3.375  0.128  0.856  1.00 3.32  ? 8  GLN A HB2  4  
ATOM 764  H HB3  . GLN A 1 8  ? 2.416  -0.711 -0.356 1.00 1.31  ? 8  GLN A HB3  4  
ATOM 765  H HG2  . GLN A 1 8  ? 4.123  -0.858 -1.793 1.00 30.24 ? 8  GLN A HG2  4  
ATOM 766  H HG3  . GLN A 1 8  ? 4.701  0.768  -1.431 1.00 25.31 ? 8  GLN A HG3  4  
ATOM 767  H HE21 . GLN A 1 8  ? 5.522  0.883  0.970  1.00 45.24 ? 8  GLN A HE21 4  
ATOM 768  H HE22 . GLN A 1 8  ? 6.658  -0.350 1.388  1.00 64.24 ? 8  GLN A HE22 4  
ATOM 769  N N    . GLU A 1 9  ? 0.999  1.052  -2.488 1.00 1.10  ? 9  GLU A N    4  
ATOM 770  C CA   . GLU A 1 9  ? 0.654  1.065  -3.905 1.00 70.34 ? 9  GLU A CA   4  
ATOM 771  C C    . GLU A 1 9  ? 0.847  2.456  -4.500 1.00 14.14 ? 9  GLU A C    4  
ATOM 772  O O    . GLU A 1 9  ? 1.291  2.601  -5.639 1.00 34.22 ? 9  GLU A O    4  
ATOM 773  C CB   . GLU A 1 9  ? -0.794 0.610  -4.104 1.00 13.01 ? 9  GLU A CB   4  
ATOM 774  C CG   . GLU A 1 9  ? -1.326 0.870  -5.503 1.00 50.21 ? 9  GLU A CG   4  
ATOM 775  C CD   . GLU A 1 9  ? -2.660 0.195  -5.755 1.00 3.50  ? 9  GLU A CD   4  
ATOM 776  O OE1  . GLU A 1 9  ? -2.965 -0.793 -5.055 1.00 4.32  ? 9  GLU A OE1  4  
ATOM 777  O OE2  . GLU A 1 9  ? -3.398 0.653  -6.652 1.00 41.11 ? 9  GLU A OE2  4  
ATOM 778  H H    . GLU A 1 9  ? 0.346  0.714  -1.840 1.00 52.41 ? 9  GLU A H    4  
ATOM 779  H HA   . GLU A 1 9  ? 1.311  0.375  -4.413 1.00 54.40 ? 9  GLU A HA   4  
ATOM 780  H HB2  . GLU A 1 9  ? -0.855 -0.451 -3.909 1.00 65.43 ? 9  GLU A HB2  4  
ATOM 781  H HB3  . GLU A 1 9  ? -1.423 1.133  -3.400 1.00 13.43 ? 9  GLU A HB3  4  
ATOM 782  H HG2  . GLU A 1 9  ? -1.449 1.935  -5.635 1.00 73.14 ? 9  GLU A HG2  4  
ATOM 783  H HG3  . GLU A 1 9  ? -0.610 0.500  -6.222 1.00 30.01 ? 9  GLU A HG3  4  
ATOM 784  N N    . LYS A 1 10 ? 0.511  3.479  -3.720 1.00 74.34 ? 10 LYS A N    4  
ATOM 785  C CA   . LYS A 1 10 ? 0.648  4.860  -4.168 1.00 51.31 ? 10 LYS A CA   4  
ATOM 786  C C    . LYS A 1 10 ? 2.045  5.393  -3.866 1.00 1.23  ? 10 LYS A C    4  
ATOM 787  O O    . LYS A 1 10 ? 2.310  6.586  -4.015 1.00 44.11 ? 10 LYS A O    4  
ATOM 788  C CB   . LYS A 1 10 ? -0.404 5.742  -3.492 1.00 21.03 ? 10 LYS A CB   4  
ATOM 789  C CG   . LYS A 1 10 ? -0.152 5.963  -2.010 1.00 73.14 ? 10 LYS A CG   4  
ATOM 790  C CD   . LYS A 1 10 ? -1.259 5.359  -1.162 1.00 2.13  ? 10 LYS A CD   4  
ATOM 791  C CE   . LYS A 1 10 ? -1.374 6.060  0.184  1.00 34.23 ? 10 LYS A CE   4  
ATOM 792  N NZ   . LYS A 1 10 ? -2.656 5.738  0.870  1.00 61.40 ? 10 LYS A NZ   4  
ATOM 793  H H    . LYS A 1 10 ? 0.163  3.299  -2.821 1.00 21.10 ? 10 LYS A H    4  
ATOM 794  H HA   . LYS A 1 10 ? 0.491  4.880  -5.236 1.00 2.42  ? 10 LYS A HA   4  
ATOM 795  H HB2  . LYS A 1 10 ? -0.416 6.705  -3.981 1.00 20.34 ? 10 LYS A HB2  4  
ATOM 796  H HB3  . LYS A 1 10 ? -1.373 5.278  -3.606 1.00 2.01  ? 10 LYS A HB3  4  
ATOM 797  H HG2  . LYS A 1 10 ? 0.786  5.500  -1.741 1.00 1.34  ? 10 LYS A HG2  4  
ATOM 798  H HG3  . LYS A 1 10 ? -0.101 7.025  -1.817 1.00 41.12 ? 10 LYS A HG3  4  
ATOM 799  H HD2  . LYS A 1 10 ? -2.198 5.458  -1.687 1.00 10.54 ? 10 LYS A HD2  4  
ATOM 800  H HD3  . LYS A 1 10 ? -1.044 4.314  -0.996 1.00 41.41 ? 10 LYS A HD3  4  
ATOM 801  H HE2  . LYS A 1 10 ? -0.552 5.745  0.809  1.00 5.44  ? 10 LYS A HE2  4  
ATOM 802  H HE3  . LYS A 1 10 ? -1.317 7.127  0.026  1.00 65.04 ? 10 LYS A HE3  4  
ATOM 803  H HZ1  . LYS A 1 10 ? -2.564 5.900  1.892  1.00 40.41 ? 10 LYS A HZ1  4  
ATOM 804  H HZ2  . LYS A 1 10 ? -2.906 4.741  0.708  1.00 44.02 ? 10 LYS A HZ2  4  
ATOM 805  H HZ3  . LYS A 1 10 ? -3.418 6.340  0.500  1.00 45.32 ? 10 LYS A HZ3  4  
ATOM 806  N N    . PHE A 1 11 ? 2.936  4.503  -3.443 1.00 42.44 ? 11 PHE A N    4  
ATOM 807  C CA   . PHE A 1 11 ? 4.305  4.884  -3.121 1.00 20.32 ? 11 PHE A CA   4  
ATOM 808  C C    . PHE A 1 11 ? 5.296  4.188  -4.050 1.00 31.02 ? 11 PHE A C    4  
ATOM 809  O O    . PHE A 1 11 ? 6.356  4.729  -4.363 1.00 4.01  ? 11 PHE A O    4  
ATOM 810  C CB   . PHE A 1 11 ? 4.625  4.539  -1.665 1.00 2.21  ? 11 PHE A CB   4  
ATOM 811  C CG   . PHE A 1 11 ? 3.763  5.267  -0.674 1.00 12.22 ? 11 PHE A CG   4  
ATOM 812  C CD1  . PHE A 1 11 ? 3.184  6.483  -1.000 1.00 33.04 ? 11 PHE A CD1  4  
ATOM 813  C CD2  . PHE A 1 11 ? 3.531  4.735  0.585  1.00 62.43 ? 11 PHE A CD2  4  
ATOM 814  C CE1  . PHE A 1 11 ? 2.392  7.156  -0.089 1.00 72.13 ? 11 PHE A CE1  4  
ATOM 815  C CE2  . PHE A 1 11 ? 2.738  5.403  1.500  1.00 60.34 ? 11 PHE A CE2  4  
ATOM 816  C CZ   . PHE A 1 11 ? 2.167  6.614  1.161  1.00 3.04  ? 11 PHE A CZ   4  
ATOM 817  H H    . PHE A 1 11 ? 2.664  3.565  -3.344 1.00 33.32 ? 11 PHE A H    4  
ATOM 818  H HA   . PHE A 1 11 ? 4.392  5.951  -3.256 1.00 73.13 ? 11 PHE A HA   4  
ATOM 819  H HB2  . PHE A 1 11 ? 4.482  3.480  -1.514 1.00 3.11  ? 11 PHE A HB2  4  
ATOM 820  H HB3  . PHE A 1 11 ? 5.654  4.792  -1.460 1.00 61.24 ? 11 PHE A HB3  4  
ATOM 821  H HD1  . PHE A 1 11 ? 3.358  6.907  -1.978 1.00 2.03  ? 11 PHE A HD1  4  
ATOM 822  H HD2  . PHE A 1 11 ? 3.976  3.787  0.849  1.00 14.03 ? 11 PHE A HD2  4  
ATOM 823  H HE1  . PHE A 1 11 ? 1.946  8.102  -0.356 1.00 21.45 ? 11 PHE A HE1  4  
ATOM 824  H HE2  . PHE A 1 11 ? 2.565  4.977  2.476  1.00 42.43 ? 11 PHE A HE2  4  
ATOM 825  H HZ   . PHE A 1 11 ? 1.548  7.137  1.875  1.00 21.12 ? 11 PHE A HZ   4  
ATOM 826  N N    . GLY A 1 12 ? 4.943  2.983  -4.486 1.00 15.44 ? 12 GLY A N    4  
ATOM 827  C CA   . GLY A 1 12 ? 5.812  2.231  -5.373 1.00 13.40 ? 12 GLY A CA   4  
ATOM 828  C C    . GLY A 1 12 ? 5.666  2.654  -6.821 1.00 53.04 ? 12 GLY A C    4  
ATOM 829  O O    . GLY A 1 12 ? 6.217  2.015  -7.719 1.00 22.23 ? 12 GLY A O    4  
ATOM 830  H H    . GLY A 1 12 ? 4.086  2.601  -4.203 1.00 52.42 ? 12 GLY A H    4  
ATOM 831  H HA2  . GLY A 1 12 ? 6.836  2.380  -5.067 1.00 33.21 ? 12 GLY A HA2  4  
ATOM 832  H HA3  . GLY A 1 12 ? 5.570  1.181  -5.291 1.00 15.44 ? 12 GLY A HA3  4  
ATOM 833  N N    . TRP A 1 1  ? -0.457 -5.850 5.176  1.00 44.42 ? 1  TRP A N    5  
ATOM 834  C CA   . TRP A 1 1  ? -1.603 -6.419 4.475  1.00 12.02 ? 1  TRP A CA   5  
ATOM 835  C C    . TRP A 1 1  ? -2.249 -5.385 3.559  1.00 14.05 ? 1  TRP A C    5  
ATOM 836  O O    . TRP A 1 1  ? -1.564 -4.551 2.967  1.00 53.11 ? 1  TRP A O    5  
ATOM 837  C CB   . TRP A 1 1  ? -2.632 -6.943 5.478  1.00 11.12 ? 1  TRP A CB   5  
ATOM 838  C CG   . TRP A 1 1  ? -3.248 -5.864 6.316  1.00 41.40 ? 1  TRP A CG   5  
ATOM 839  C CD1  . TRP A 1 1  ? -4.524 -5.384 6.226  1.00 61.15 ? 1  TRP A CD1  5  
ATOM 840  C CD2  . TRP A 1 1  ? -2.615 -5.130 7.369  1.00 1.24  ? 1  TRP A CD2  5  
ATOM 841  N NE1  . TRP A 1 1  ? -4.722 -4.396 7.159  1.00 11.31 ? 1  TRP A NE1  5  
ATOM 842  C CE2  . TRP A 1 1  ? -3.566 -4.221 7.874  1.00 51.33 ? 1  TRP A CE2  5  
ATOM 843  C CE3  . TRP A 1 1  ? -1.339 -5.152 7.938  1.00 72.43 ? 1  TRP A CE3  5  
ATOM 844  C CZ2  . TRP A 1 1  ? -3.278 -3.345 8.917  1.00 40.32 ? 1  TRP A CZ2  5  
ATOM 845  C CZ3  . TRP A 1 1  ? -1.054 -4.282 8.972  1.00 51.11 ? 1  TRP A CZ3  5  
ATOM 846  C CH2  . TRP A 1 1  ? -2.021 -3.389 9.455  1.00 73.11 ? 1  TRP A CH2  5  
ATOM 847  H H1   . TRP A 1 1  ? -0.524 -4.944 5.544  1.00 1.21  ? 1  TRP A H1   5  
ATOM 848  H HA   . TRP A 1 1  ? -1.247 -7.243 3.875  1.00 61.20 ? 1  TRP A HA   5  
ATOM 849  H HB2  . TRP A 1 1  ? -3.424 -7.444 4.943  1.00 4.42  ? 1  TRP A HB2  5  
ATOM 850  H HB3  . TRP A 1 1  ? -2.150 -7.647 6.143  1.00 74.52 ? 1  TRP A HB3  5  
ATOM 851  H HD1  . TRP A 1 1  ? -5.258 -5.738 5.517  1.00 31.05 ? 1  TRP A HD1  5  
ATOM 852  H HE1  . TRP A 1 1  ? -5.556 -3.898 7.292  1.00 52.22 ? 1  TRP A HE1  5  
ATOM 853  H HE3  . TRP A 1 1  ? -0.581 -5.833 7.579  1.00 13.51 ? 1  TRP A HE3  5  
ATOM 854  H HZ2  . TRP A 1 1  ? -4.013 -2.652 9.301  1.00 50.02 ? 1  TRP A HZ2  5  
ATOM 855  H HZ3  . TRP A 1 1  ? -0.073 -4.285 9.424  1.00 62.10 ? 1  TRP A HZ3  5  
ATOM 856  H HH2  . TRP A 1 1  ? -1.755 -2.728 10.264 1.00 23.42 ? 1  TRP A HH2  5  
ATOM 857  N N    . LYS A 1 2  ? -3.572 -5.444 3.447  1.00 12.35 ? 2  LYS A N    5  
ATOM 858  C CA   . LYS A 1 2  ? -4.311 -4.512 2.605  1.00 0.34  ? 2  LYS A CA   5  
ATOM 859  C C    . LYS A 1 2  ? -3.973 -3.069 2.964  1.00 31.21 ? 2  LYS A C    5  
ATOM 860  O O    . LYS A 1 2  ? -3.923 -2.197 2.094  1.00 14.22 ? 2  LYS A O    5  
ATOM 861  C CB   . LYS A 1 2  ? -5.816 -4.746 2.749  1.00 42.40 ? 2  LYS A CB   5  
ATOM 862  C CG   . LYS A 1 2  ? -6.574 -3.533 3.261  1.00 34.12 ? 2  LYS A CG   5  
ATOM 863  C CD   . LYS A 1 2  ? -6.673 -3.536 4.777  1.00 33.35 ? 2  LYS A CD   5  
ATOM 864  C CE   . LYS A 1 2  ? -7.664 -2.495 5.273  1.00 23.35 ? 2  LYS A CE   5  
ATOM 865  N NZ   . LYS A 1 2  ? -7.675 -2.402 6.759  1.00 41.31 ? 2  LYS A NZ   5  
ATOM 866  H H    . LYS A 1 2  ? -4.063 -6.132 3.946  1.00 21.12 ? 2  LYS A H    5  
ATOM 867  H HA   . LYS A 1 2  ? -4.023 -4.692 1.580  1.00 44.52 ? 2  LYS A HA   5  
ATOM 868  H HB2  . LYS A 1 2  ? -6.220 -5.016 1.785  1.00 41.51 ? 2  LYS A HB2  5  
ATOM 869  H HB3  . LYS A 1 2  ? -5.977 -5.561 3.440  1.00 43.14 ? 2  LYS A HB3  5  
ATOM 870  H HG2  . LYS A 1 2  ? -6.057 -2.638 2.946  1.00 44.33 ? 2  LYS A HG2  5  
ATOM 871  H HG3  . LYS A 1 2  ? -7.571 -3.541 2.845  1.00 64.11 ? 2  LYS A HG3  5  
ATOM 872  H HD2  . LYS A 1 2  ? -6.997 -4.511 5.107  1.00 63.15 ? 2  LYS A HD2  5  
ATOM 873  H HD3  . LYS A 1 2  ? -5.698 -3.319 5.193  1.00 51.32 ? 2  LYS A HD3  5  
ATOM 874  H HE2  . LYS A 1 2  ? -7.392 -1.533 4.864  1.00 52.21 ? 2  LYS A HE2  5  
ATOM 875  H HE3  . LYS A 1 2  ? -8.652 -2.765 4.930  1.00 14.11 ? 2  LYS A HE3  5  
ATOM 876  H HZ1  . LYS A 1 2  ? -6.703 -2.340 7.122  1.00 62.51 ? 2  LYS A HZ1  5  
ATOM 877  H HZ2  . LYS A 1 2  ? -8.132 -3.245 7.165  1.00 11.24 ? 2  LYS A HZ2  5  
ATOM 878  H HZ3  . LYS A 1 2  ? -8.201 -1.558 7.062  1.00 65.15 ? 2  LYS A HZ3  5  
ATOM 879  N N    . LEU A 1 3  ? -3.740 -2.822 4.248  1.00 43.23 ? 3  LEU A N    5  
ATOM 880  C CA   . LEU A 1 3  ? -3.406 -1.483 4.722  1.00 72.31 ? 3  LEU A CA   5  
ATOM 881  C C    . LEU A 1 3  ? -1.975 -1.113 4.343  1.00 51.13 ? 3  LEU A C    5  
ATOM 882  O O    . LEU A 1 3  ? -1.600 0.059  4.359  1.00 3.40  ? 3  LEU A O    5  
ATOM 883  C CB   . LEU A 1 3  ? -3.581 -1.400 6.239  1.00 5.00  ? 3  LEU A CB   5  
ATOM 884  C CG   . LEU A 1 3  ? -3.279 -0.042 6.876  1.00 72.35 ? 3  LEU A CG   5  
ATOM 885  C CD1  . LEU A 1 3  ? -1.788 0.104  7.139  1.00 72.31 ? 3  LEU A CD1  5  
ATOM 886  C CD2  . LEU A 1 3  ? -3.778 1.087  5.986  1.00 44.32 ? 3  LEU A CD2  5  
ATOM 887  H H    . LEU A 1 3  ? -3.795 -3.556 4.894  1.00 52.10 ? 3  LEU A H    5  
ATOM 888  H HA   . LEU A 1 3  ? -4.082 -0.786 4.250  1.00 52.51 ? 3  LEU A HA   5  
ATOM 889  H HB2  . LEU A 1 3  ? -4.606 -1.651 6.468  1.00 23.24 ? 3  LEU A HB2  5  
ATOM 890  H HB3  . LEU A 1 3  ? -2.924 -2.131 6.689  1.00 21.41 ? 3  LEU A HB3  5  
ATOM 891  H HG   . LEU A 1 3  ? -3.793 0.025  7.825  1.00 22.35 ? 3  LEU A HG   5  
ATOM 892  H HD11 . LEU A 1 3  ? -1.301 -0.848 6.986  1.00 4.44  ? 3  LEU A HD11 5  
ATOM 893  H HD12 . LEU A 1 3  ? -1.633 0.428  8.157  1.00 21.14 ? 3  LEU A HD12 5  
ATOM 894  H HD13 . LEU A 1 3  ? -1.373 0.834  6.461  1.00 31.34 ? 3  LEU A HD13 5  
ATOM 895  H HD21 . LEU A 1 3  ? -3.421 2.031  6.369  1.00 13.12 ? 3  LEU A HD21 5  
ATOM 896  H HD22 . LEU A 1 3  ? -4.858 1.087  5.978  1.00 3.53  ? 3  LEU A HD22 5  
ATOM 897  H HD23 . LEU A 1 3  ? -3.412 0.942  4.981  1.00 33.34 ? 3  LEU A HD23 5  
ATOM 898  N N    . LEU A 1 4  ? -1.181 -2.122 4.001  1.00 71.42 ? 4  LEU A N    5  
ATOM 899  C CA   . LEU A 1 4  ? 0.209  -1.903 3.614  1.00 50.41 ? 4  LEU A CA   5  
ATOM 900  C C    . LEU A 1 4  ? 0.346  -1.813 2.098  1.00 73.14 ? 4  LEU A C    5  
ATOM 901  O O    . LEU A 1 4  ? 1.174  -1.063 1.582  1.00 42.23 ? 4  LEU A O    5  
ATOM 902  C CB   . LEU A 1 4  ? 1.092  -3.031 4.152  1.00 32.43 ? 4  LEU A CB   5  
ATOM 903  C CG   . LEU A 1 4  ? 1.622  -2.849 5.575  1.00 61.22 ? 4  LEU A CG   5  
ATOM 904  C CD1  . LEU A 1 4  ? 2.397  -1.546 5.693  1.00 42.43 ? 4  LEU A CD1  5  
ATOM 905  C CD2  . LEU A 1 4  ? 0.478  -2.885 6.577  1.00 15.32 ? 4  LEU A CD2  5  
ATOM 906  H H    . LEU A 1 4  ? -1.535 -3.035 4.006  1.00 23.12 ? 4  LEU A H    5  
ATOM 907  H HA   . LEU A 1 4  ? 0.530  -0.967 4.049  1.00 73.24 ? 4  LEU A HA   5  
ATOM 908  H HB2  . LEU A 1 4  ? 0.515  -3.942 4.128  1.00 71.04 ? 4  LEU A HB2  5  
ATOM 909  H HB3  . LEU A 1 4  ? 1.942  -3.128 3.490  1.00 2.54  ? 4  LEU A HB3  5  
ATOM 910  H HG   . LEU A 1 4  ? 2.297  -3.661 5.806  1.00 14.55 ? 4  LEU A HG   5  
ATOM 911  H HD11 . LEU A 1 4  ? 3.420  -1.759 5.959  1.00 10.45 ? 4  LEU A HD11 5  
ATOM 912  H HD12 . LEU A 1 4  ? 1.946  -0.927 6.456  1.00 53.45 ? 4  LEU A HD12 5  
ATOM 913  H HD13 . LEU A 1 4  ? 2.370  -1.024 4.748  1.00 73.32 ? 4  LEU A HD13 5  
ATOM 914  H HD21 . LEU A 1 4  ? 0.376  -1.915 7.042  1.00 52.44 ? 4  LEU A HD21 5  
ATOM 915  H HD22 . LEU A 1 4  ? 0.687  -3.627 7.335  1.00 23.31 ? 4  LEU A HD22 5  
ATOM 916  H HD23 . LEU A 1 4  ? -0.440 -3.140 6.068  1.00 3.12  ? 4  LEU A HD23 5  
ATOM 917  N N    . SER A 1 5  ? -0.475 -2.582 1.389  1.00 72.33 ? 5  SER A N    5  
ATOM 918  C CA   . SER A 1 5  ? -0.445 -2.591 -0.069 1.00 72.10 ? 5  SER A CA   5  
ATOM 919  C C    . SER A 1 5  ? -1.230 -1.412 -0.636 1.00 15.50 ? 5  SER A C    5  
ATOM 920  O O    . SER A 1 5  ? -0.843 -0.820 -1.643 1.00 43.04 ? 5  SER A O    5  
ATOM 921  C CB   . SER A 1 5  ? -1.018 -3.905 -0.604 1.00 53.12 ? 5  SER A CB   5  
ATOM 922  O OG   . SER A 1 5  ? -0.410 -5.020 0.025  1.00 53.33 ? 5  SER A OG   5  
ATOM 923  H H    . SER A 1 5  ? -1.113 -3.159 1.857  1.00 14.41 ? 5  SER A H    5  
ATOM 924  H HA   . SER A 1 5  ? 0.586  -2.504 -0.380 1.00 54.45 ? 5  SER A HA   5  
ATOM 925  H HB2  . SER A 1 5  ? -2.080 -3.935 -0.416 1.00 12.43 ? 5  SER A HB2  5  
ATOM 926  H HB3  . SER A 1 5  ? -0.839 -3.965 -1.668 1.00 74.34 ? 5  SER A HB3  5  
ATOM 927  H HG   . SER A 1 5  ? 0.258  -5.391 -0.556 1.00 70.24 ? 5  SER A HG   5  
ATOM 928  N N    . LYS A 1 6  ? -2.336 -1.077 0.019  1.00 44.41 ? 6  LYS A N    5  
ATOM 929  C CA   . LYS A 1 6  ? -3.177 0.031  -0.416 1.00 22.22 ? 6  LYS A CA   5  
ATOM 930  C C    . LYS A 1 6  ? -2.462 1.365  -0.228 1.00 13.43 ? 6  LYS A C    5  
ATOM 931  O O    . LYS A 1 6  ? -2.627 2.287  -1.025 1.00 74.32 ? 6  LYS A O    5  
ATOM 932  C CB   . LYS A 1 6  ? -4.495 0.034  0.362  1.00 63.13 ? 6  LYS A CB   5  
ATOM 933  C CG   . LYS A 1 6  ? -4.375 0.610  1.762  1.00 41.11 ? 6  LYS A CG   5  
ATOM 934  C CD   . LYS A 1 6  ? -5.644 0.388  2.567  1.00 42.32 ? 6  LYS A CD   5  
ATOM 935  C CE   . LYS A 1 6  ? -6.833 1.102  1.942  1.00 55.11 ? 6  LYS A CE   5  
ATOM 936  N NZ   . LYS A 1 6  ? -7.380 2.157  2.838  1.00 31.34 ? 6  LYS A NZ   5  
ATOM 937  H H    . LYS A 1 6  ? -2.593 -1.587 0.816  1.00 11.32 ? 6  LYS A H    5  
ATOM 938  H HA   . LYS A 1 6  ? -3.388 -0.105 -1.466 1.00 42.51 ? 6  LYS A HA   5  
ATOM 939  H HB2  . LYS A 1 6  ? -5.220 0.619  -0.185 1.00 43.20 ? 6  LYS A HB2  5  
ATOM 940  H HB3  . LYS A 1 6  ? -4.853 -0.983 0.443  1.00 63.44 ? 6  LYS A HB3  5  
ATOM 941  H HG2  . LYS A 1 6  ? -3.551 0.130  2.269  1.00 32.11 ? 6  LYS A HG2  5  
ATOM 942  H HG3  . LYS A 1 6  ? -4.186 1.671  1.689  1.00 0.35  ? 6  LYS A HG3  5  
ATOM 943  H HD2  . LYS A 1 6  ? -5.855 -0.670 2.608  1.00 75.24 ? 6  LYS A HD2  5  
ATOM 944  H HD3  . LYS A 1 6  ? -5.495 0.766  3.569  1.00 1.43  ? 6  LYS A HD3  5  
ATOM 945  H HE2  . LYS A 1 6  ? -6.517 1.555  1.016  1.00 23.12 ? 6  LYS A HE2  5  
ATOM 946  H HE3  . LYS A 1 6  ? -7.607 0.375  1.741  1.00 14.41 ? 6  LYS A HE3  5  
ATOM 947  H HZ1  . LYS A 1 6  ? -7.513 3.042  2.308  1.00 12.03 ? 6  LYS A HZ1  5  
ATOM 948  H HZ2  . LYS A 1 6  ? -6.723 2.332  3.627  1.00 65.45 ? 6  LYS A HZ2  5  
ATOM 949  H HZ3  . LYS A 1 6  ? -8.297 1.857  3.226  1.00 1.03  ? 6  LYS A HZ3  5  
ATOM 950  N N    . ALA A 1 7  ? -1.665 1.459  0.832  1.00 41.22 ? 7  ALA A N    5  
ATOM 951  C CA   . ALA A 1 7  ? -0.921 2.679  1.123  1.00 61.14 ? 7  ALA A CA   5  
ATOM 952  C C    . ALA A 1 7  ? 0.395  2.716  0.352  1.00 44.52 ? 7  ALA A C    5  
ATOM 953  O O    . ALA A 1 7  ? 0.823  3.773  -0.111 1.00 53.40 ? 7  ALA A O    5  
ATOM 954  C CB   . ALA A 1 7  ? -0.664 2.795  2.618  1.00 31.34 ? 7  ALA A CB   5  
ATOM 955  H H    . ALA A 1 7  ? -1.574 0.689  1.432  1.00 64.42 ? 7  ALA A H    5  
ATOM 956  H HA   . ALA A 1 7  ? -1.528 3.520  0.820  1.00 60.21 ? 7  ALA A HA   5  
ATOM 957  H HB1  . ALA A 1 7  ? -1.508 3.273  3.092  1.00 63.02 ? 7  ALA A HB1  5  
ATOM 958  H HB2  . ALA A 1 7  ? -0.524 1.811  3.036  1.00 12.55 ? 7  ALA A HB2  5  
ATOM 959  H HB3  . ALA A 1 7  ? 0.225  3.387  2.784  1.00 23.13 ? 7  ALA A HB3  5  
ATOM 960  N N    . GLN A 1 8  ? 1.030  1.556  0.220  1.00 13.35 ? 8  GLN A N    5  
ATOM 961  C CA   . GLN A 1 8  ? 2.299  1.458  -0.494 1.00 4.44  ? 8  GLN A CA   5  
ATOM 962  C C    . GLN A 1 8  ? 2.080  1.511  -2.002 1.00 1.41  ? 8  GLN A C    5  
ATOM 963  O O    . GLN A 1 8  ? 2.953  1.952  -2.749 1.00 53.32 ? 8  GLN A O    5  
ATOM 964  C CB   . GLN A 1 8  ? 3.021  0.163  -0.116 1.00 63.01 ? 8  GLN A CB   5  
ATOM 965  C CG   . GLN A 1 8  ? 4.301  -0.070 -0.902 1.00 50.21 ? 8  GLN A CG   5  
ATOM 966  C CD   . GLN A 1 8  ? 5.367  -0.775 -0.085 1.00 62.11 ? 8  GLN A CD   5  
ATOM 967  O OE1  . GLN A 1 8  ? 5.090  -1.762 0.597  1.00 4.31  ? 8  GLN A OE1  5  
ATOM 968  N NE2  . GLN A 1 8  ? 6.593  -0.272 -0.152 1.00 73.43 ? 8  GLN A NE2  5  
ATOM 969  H H    . GLN A 1 8  ? 0.638  0.749  0.611  1.00 51.32 ? 8  GLN A H    5  
ATOM 970  H HA   . GLN A 1 8  ? 2.909  2.298  -0.201 1.00 20.04 ? 8  GLN A HA   5  
ATOM 971  H HB2  . GLN A 1 8  ? 3.269  0.197  0.935  1.00 40.15 ? 8  GLN A HB2  5  
ATOM 972  H HB3  . GLN A 1 8  ? 2.358  -0.671 -0.295 1.00 22.24 ? 8  GLN A HB3  5  
ATOM 973  H HG2  . GLN A 1 8  ? 4.073  -0.675 -1.766 1.00 65.31 ? 8  GLN A HG2  5  
ATOM 974  H HG3  . GLN A 1 8  ? 4.689  0.885  -1.225 1.00 1.21  ? 8  GLN A HG3  5  
ATOM 975  H HE21 . GLN A 1 8  ? 6.740  0.517  -0.716 1.00 52.33 ? 8  GLN A HE21 5  
ATOM 976  H HE22 . GLN A 1 8  ? 7.301  -0.708 0.365  1.00 12.14 ? 8  GLN A HE22 5  
ATOM 977  N N    . GLU A 1 9  ? 0.909  1.060  -2.441 1.00 73.23 ? 9  GLU A N    5  
ATOM 978  C CA   . GLU A 1 9  ? 0.577  1.055  -3.861 1.00 32.42 ? 9  GLU A CA   5  
ATOM 979  C C    . GLU A 1 9  ? 0.777  2.440  -4.471 1.00 53.45 ? 9  GLU A C    5  
ATOM 980  O O    . GLU A 1 9  ? 1.237  2.571  -5.605 1.00 64.24 ? 9  GLU A O    5  
ATOM 981  C CB   . GLU A 1 9  ? -0.867 0.597  -4.070 1.00 1.23  ? 9  GLU A CB   5  
ATOM 982  C CG   . GLU A 1 9  ? -1.396 0.864  -5.469 1.00 35.34 ? 9  GLU A CG   5  
ATOM 983  C CD   . GLU A 1 9  ? -0.547 0.216  -6.546 1.00 0.12  ? 9  GLU A CD   5  
ATOM 984  O OE1  . GLU A 1 9  ? -0.194 -0.972 -6.388 1.00 12.54 ? 9  GLU A OE1  5  
ATOM 985  O OE2  . GLU A 1 9  ? -0.235 0.896  -7.546 1.00 3.34  ? 9  GLU A OE2  5  
ATOM 986  H H    . GLU A 1 9  ? 0.254  0.720  -1.796 1.00 31.45 ? 9  GLU A H    5  
ATOM 987  H HA   . GLU A 1 9  ? 1.240  0.360  -4.354 1.00 52.24 ? 9  GLU A HA   5  
ATOM 988  H HB2  . GLU A 1 9  ? -0.926 -0.464 -3.881 1.00 42.51 ? 9  GLU A HB2  5  
ATOM 989  H HB3  . GLU A 1 9  ? -1.500 1.115  -3.364 1.00 51.43 ? 9  GLU A HB3  5  
ATOM 990  H HG2  . GLU A 1 9  ? -2.400 0.475  -5.541 1.00 72.52 ? 9  GLU A HG2  5  
ATOM 991  H HG3  . GLU A 1 9  ? -1.410 1.931  -5.637 1.00 45.33 ? 9  GLU A HG3  5  
ATOM 992  N N    . LYS A 1 10 ? 0.427  3.471  -3.709 1.00 70.05 ? 10 LYS A N    5  
ATOM 993  C CA   . LYS A 1 10 ? 0.567  4.846  -4.172 1.00 24.53 ? 10 LYS A CA   5  
ATOM 994  C C    . LYS A 1 10 ? 1.945  5.400  -3.825 1.00 55.20 ? 10 LYS A C    5  
ATOM 995  O O    . LYS A 1 10 ? 2.187  6.602  -3.931 1.00 11.33 ? 10 LYS A O    5  
ATOM 996  C CB   . LYS A 1 10 ? -0.519 5.728  -3.551 1.00 63.22 ? 10 LYS A CB   5  
ATOM 997  C CG   . LYS A 1 10 ? -0.434 5.822  -2.038 1.00 3.42  ? 10 LYS A CG   5  
ATOM 998  C CD   . LYS A 1 10 ? -1.575 5.077  -1.367 1.00 42.45 ? 10 LYS A CD   5  
ATOM 999  C CE   . LYS A 1 10 ? -2.099 5.831  -0.155 1.00 55.23 ? 10 LYS A CE   5  
ATOM 1000 N NZ   . LYS A 1 10 ? -1.041 6.032  0.873  1.00 34.44 ? 10 LYS A NZ   5  
ATOM 1001 H H    . LYS A 1 10 ? 0.066  3.302  -2.814 1.00 21.00 ? 10 LYS A H    5  
ATOM 1002 H HA   . LYS A 1 10 ? 0.451  4.849  -5.245 1.00 61.45 ? 10 LYS A HA   5  
ATOM 1003 H HB2  . LYS A 1 10 ? -0.434 6.724  -3.959 1.00 24.23 ? 10 LYS A HB2  5  
ATOM 1004 H HB3  . LYS A 1 10 ? -1.487 5.323  -3.812 1.00 11.22 ? 10 LYS A HB3  5  
ATOM 1005 H HG2  . LYS A 1 10 ? 0.502  5.396  -1.712 1.00 54.42 ? 10 LYS A HG2  5  
ATOM 1006 H HG3  . LYS A 1 10 ? -0.478 6.863  -1.748 1.00 73.11 ? 10 LYS A HG3  5  
ATOM 1007 H HD2  . LYS A 1 10 ? -2.380 4.954  -2.076 1.00 23.42 ? 10 LYS A HD2  5  
ATOM 1008 H HD3  . LYS A 1 10 ? -1.222 4.105  -1.051 1.00 53.22 ? 10 LYS A HD3  5  
ATOM 1009 H HE2  . LYS A 1 10 ? -2.463 6.794  -0.477 1.00 13.42 ? 10 LYS A HE2  5  
ATOM 1010 H HE3  . LYS A 1 10 ? -2.910 5.266  0.281  1.00 30.24 ? 10 LYS A HE3  5  
ATOM 1011 H HZ1  . LYS A 1 10 ? -0.519 6.911  0.682  1.00 14.41 ? 10 LYS A HZ1  5  
ATOM 1012 H HZ2  . LYS A 1 10 ? -0.371 5.235  0.858  1.00 41.44 ? 10 LYS A HZ2  5  
ATOM 1013 H HZ3  . LYS A 1 10 ? -1.467 6.093  1.819  1.00 45.20 ? 10 LYS A HZ3  5  
ATOM 1014 N N    . PHE A 1 11 ? 2.846  4.514  -3.412 1.00 72.21 ? 11 PHE A N    5  
ATOM 1015 C CA   . PHE A 1 11 ? 4.201  4.914  -3.050 1.00 21.53 ? 11 PHE A CA   5  
ATOM 1016 C C    . PHE A 1 11 ? 5.227  4.246  -3.960 1.00 71.42 ? 11 PHE A C    5  
ATOM 1017 O O    . PHE A 1 11 ? 6.286  4.807  -4.237 1.00 32.42 ? 11 PHE A O    5  
ATOM 1018 C CB   . PHE A 1 11 ? 4.488  4.557  -1.591 1.00 15.05 ? 11 PHE A CB   5  
ATOM 1019 C CG   . PHE A 1 11 ? 3.611  5.284  -0.612 1.00 53.12 ? 11 PHE A CG   5  
ATOM 1020 C CD1  . PHE A 1 11 ? 3.044  6.504  -0.942 1.00 64.30 ? 11 PHE A CD1  5  
ATOM 1021 C CD2  . PHE A 1 11 ? 3.353  4.746  0.639  1.00 4.23  ? 11 PHE A CD2  5  
ATOM 1022 C CE1  . PHE A 1 11 ? 2.236  7.175  -0.043 1.00 61.42 ? 11 PHE A CE1  5  
ATOM 1023 C CE2  . PHE A 1 11 ? 2.545  5.413  1.542  1.00 53.14 ? 11 PHE A CE2  5  
ATOM 1024 C CZ   . PHE A 1 11 ? 1.988  6.629  1.200  1.00 63.04 ? 11 PHE A CZ   5  
ATOM 1025 H H    . PHE A 1 11 ? 2.593  3.569  -3.348 1.00 71.41 ? 11 PHE A H    5  
ATOM 1026 H HA   . PHE A 1 11 ? 4.273  5.985  -3.171 1.00 53.23 ? 11 PHE A HA   5  
ATOM 1027 H HB2  . PHE A 1 11 ? 4.335  3.498  -1.450 1.00 41.21 ? 11 PHE A HB2  5  
ATOM 1028 H HB3  . PHE A 1 11 ? 5.515  4.801  -1.363 1.00 1.31  ? 11 PHE A HB3  5  
ATOM 1029 H HD1  . PHE A 1 11 ? 3.239  6.932  -1.915 1.00 41.02 ? 11 PHE A HD1  5  
ATOM 1030 H HD2  . PHE A 1 11 ? 3.790  3.795  0.908  1.00 23.03 ? 11 PHE A HD2  5  
ATOM 1031 H HE1  . PHE A 1 11 ? 1.801  8.126  -0.314 1.00 32.21 ? 11 PHE A HE1  5  
ATOM 1032 H HE2  . PHE A 1 11 ? 2.353  4.983  2.513  1.00 4.24  ? 11 PHE A HE2  5  
ATOM 1033 H HZ   . PHE A 1 11 ? 1.356  7.151  1.903  1.00 63.11 ? 11 PHE A HZ   5  
ATOM 1034 N N    . GLY A 1 12 ? 4.903  3.042  -4.423 1.00 32.20 ? 12 GLY A N    5  
ATOM 1035 C CA   . GLY A 1 12 ? 5.807  2.315  -5.296 1.00 24.11 ? 12 GLY A CA   5  
ATOM 1036 C C    . GLY A 1 12 ? 6.209  3.123  -6.514 1.00 60.32 ? 12 GLY A C    5  
ATOM 1037 O O    . GLY A 1 12 ? 5.460  3.202  -7.489 1.00 14.25 ? 12 GLY A O    5  
ATOM 1038 H H    . GLY A 1 12 ? 4.045  2.644  -4.168 1.00 60.23 ? 12 GLY A H    5  
ATOM 1039 H HA2  . GLY A 1 12 ? 6.695  2.055  -4.741 1.00 54.05 ? 12 GLY A HA2  5  
ATOM 1040 H HA3  . GLY A 1 12 ? 5.320  1.409  -5.624 1.00 53.13 ? 12 GLY A HA3  5  
ATOM 1041 N N    . TRP A 1 1  ? -0.419 -5.882 5.234  1.00 63.31 ? 1  TRP A N    6  
ATOM 1042 C CA   . TRP A 1 1  ? -1.560 -6.449 4.523  1.00 33.51 ? 1  TRP A CA   6  
ATOM 1043 C C    . TRP A 1 1  ? -2.211 -5.405 3.622  1.00 42.04 ? 1  TRP A C    6  
ATOM 1044 O O    . TRP A 1 1  ? -1.531 -4.560 3.039  1.00 4.51  ? 1  TRP A O    6  
ATOM 1045 C CB   . TRP A 1 1  ? -2.586 -6.995 5.515  1.00 53.24 ? 1  TRP A CB   6  
ATOM 1046 C CG   . TRP A 1 1  ? -3.210 -5.935 6.370  1.00 21.22 ? 1  TRP A CG   6  
ATOM 1047 C CD1  . TRP A 1 1  ? -4.490 -5.466 6.290  1.00 43.31 ? 1  TRP A CD1  6  
ATOM 1048 C CD2  . TRP A 1 1  ? -2.581 -5.209 7.433  1.00 73.34 ? 1  TRP A CD2  6  
ATOM 1049 N NE1  . TRP A 1 1  ? -4.694 -4.493 7.238  1.00 41.45 ? 1  TRP A NE1  6  
ATOM 1050 C CE2  . TRP A 1 1  ? -3.539 -4.318 7.952  1.00 2.04  ? 1  TRP A CE2  6  
ATOM 1051 C CE3  . TRP A 1 1  ? -1.302 -5.228 7.996  1.00 44.33 ? 1  TRP A CE3  6  
ATOM 1052 C CZ2  . TRP A 1 1  ? -3.256 -3.454 9.007  1.00 1.41  ? 1  TRP A CZ2  6  
ATOM 1053 C CZ3  . TRP A 1 1  ? -1.023 -4.371 9.042  1.00 2.04  ? 1  TRP A CZ3  6  
ATOM 1054 C CH2  . TRP A 1 1  ? -1.997 -3.494 9.540  1.00 32.21 ? 1  TRP A CH2  6  
ATOM 1055 H H1   . TRP A 1 1  ? -0.488 -4.977 5.603  1.00 3.45  ? 1  TRP A H1   6  
ATOM 1056 H HA   . TRP A 1 1  ? -1.196 -7.260 3.909  1.00 72.23 ? 1  TRP A HA   6  
ATOM 1057 H HB2  . TRP A 1 1  ? -3.375 -7.493 4.971  1.00 31.04 ? 1  TRP A HB2  6  
ATOM 1058 H HB3  . TRP A 1 1  ? -2.100 -7.708 6.168  1.00 20.31 ? 1  TRP A HB3  6  
ATOM 1059 H HD1  . TRP A 1 1  ? -5.223 -5.817 5.578  1.00 0.42  ? 1  TRP A HD1  6  
ATOM 1060 H HE1  . TRP A 1 1  ? -5.533 -4.005 7.381  1.00 64.22 ? 1  TRP A HE1  6  
ATOM 1061 H HE3  . TRP A 1 1  ? -0.538 -5.897 7.626  1.00 45.24 ? 1  TRP A HE3  6  
ATOM 1062 H HZ2  . TRP A 1 1  ? -3.996 -2.773 9.402  1.00 12.24 ? 1  TRP A HZ2  6  
ATOM 1063 H HZ3  . TRP A 1 1  ? -0.040 -4.370 9.490  1.00 63.42 ? 1  TRP A HZ3  6  
ATOM 1064 H HH2  . TRP A 1 1  ? -1.734 -2.841 10.358 1.00 20.43 ? 1  TRP A HH2  6  
ATOM 1065 N N    . LYS A 1 2  ? -3.534 -5.469 3.510  1.00 34.13 ? 2  LYS A N    6  
ATOM 1066 C CA   . LYS A 1 2  ? -4.279 -4.530 2.682  1.00 64.31 ? 2  LYS A CA   6  
ATOM 1067 C C    . LYS A 1 2  ? -3.953 -3.090 3.064  1.00 35.44 ? 2  LYS A C    6  
ATOM 1068 O O    . LYS A 1 2  ? -3.907 -2.204 2.208  1.00 11.14 ? 2  LYS A O    6  
ATOM 1069 C CB   . LYS A 1 2  ? -5.783 -4.776 2.820  1.00 52.30 ? 2  LYS A CB   6  
ATOM 1070 C CG   . LYS A 1 2  ? -6.584 -3.515 3.091  1.00 12.51 ? 2  LYS A CG   6  
ATOM 1071 C CD   . LYS A 1 2  ? -6.665 -3.215 4.579  1.00 24.21 ? 2  LYS A CD   6  
ATOM 1072 C CE   . LYS A 1 2  ? -7.946 -3.763 5.190  1.00 32.53 ? 2  LYS A CE   6  
ATOM 1073 N NZ   . LYS A 1 2  ? -8.077 -5.231 4.978  1.00 64.43 ? 2  LYS A NZ   6  
ATOM 1074 H H    . LYS A 1 2  ? -4.022 -6.166 3.999  1.00 15.02 ? 2  LYS A H    6  
ATOM 1075 H HA   . LYS A 1 2  ? -3.989 -4.692 1.654  1.00 24.23 ? 2  LYS A HA   6  
ATOM 1076 H HB2  . LYS A 1 2  ? -6.149 -5.221 1.906  1.00 71.11 ? 2  LYS A HB2  6  
ATOM 1077 H HB3  . LYS A 1 2  ? -5.948 -5.465 3.636  1.00 41.24 ? 2  LYS A HB3  6  
ATOM 1078 H HG2  . LYS A 1 2  ? -6.110 -2.684 2.593  1.00 22.43 ? 2  LYS A HG2  6  
ATOM 1079 H HG3  . LYS A 1 2  ? -7.585 -3.645 2.705  1.00 44.01 ? 2  LYS A HG3  6  
ATOM 1080 H HD2  . LYS A 1 2  ? -5.820 -3.669 5.075  1.00 2.14  ? 2  LYS A HD2  6  
ATOM 1081 H HD3  . LYS A 1 2  ? -6.637 -2.144 4.723  1.00 22.25 ? 2  LYS A HD3  6  
ATOM 1082 H HE2  . LYS A 1 2  ? -7.939 -3.560 6.249  1.00 15.01 ? 2  LYS A HE2  6  
ATOM 1083 H HE3  . LYS A 1 2  ? -8.789 -3.264 4.734  1.00 34.41 ? 2  LYS A HE3  6  
ATOM 1084 H HZ1  . LYS A 1 2  ? -7.209 -5.715 5.280  1.00 3.54  ? 2  LYS A HZ1  6  
ATOM 1085 H HZ2  . LYS A 1 2  ? -8.241 -5.433 3.971  1.00 61.50 ? 2  LYS A HZ2  6  
ATOM 1086 H HZ3  . LYS A 1 2  ? -8.879 -5.600 5.528  1.00 51.14 ? 2  LYS A HZ3  6  
ATOM 1087 N N    . LEU A 1 3  ? -3.724 -2.862 4.352  1.00 4.40  ? 3  LEU A N    6  
ATOM 1088 C CA   . LEU A 1 3  ? -3.400 -1.528 4.848  1.00 11.30 ? 3  LEU A CA   6  
ATOM 1089 C C    . LEU A 1 3  ? -1.968 -1.148 4.490  1.00 32.13 ? 3  LEU A C    6  
ATOM 1090 O O    . LEU A 1 3  ? -1.582 0.018  4.582  1.00 13.02 ? 3  LEU A O    6  
ATOM 1091 C CB   . LEU A 1 3  ? -3.592 -1.466 6.365  1.00 60.24 ? 3  LEU A CB   6  
ATOM 1092 C CG   . LEU A 1 3  ? -3.318 -0.112 7.021  1.00 42.33 ? 3  LEU A CG   6  
ATOM 1093 C CD1  . LEU A 1 3  ? -1.836 0.046  7.321  1.00 52.03 ? 3  LEU A CD1  6  
ATOM 1094 C CD2  . LEU A 1 3  ? -3.808 1.021  6.130  1.00 42.01 ? 3  LEU A CD2  6  
ATOM 1095 H H    . LEU A 1 3  ? -3.775 -3.607 4.987  1.00 63.10 ? 3  LEU A H    6  
ATOM 1096 H HA   . LEU A 1 3  ? -4.074 -0.827 4.379  1.00 51.21 ? 3  LEU A HA   6  
ATOM 1097 H HB2  . LEU A 1 3  ? -4.614 -1.737 6.580  1.00 0.11  ? 3  LEU A HB2  6  
ATOM 1098 H HB3  . LEU A 1 3  ? -2.927 -2.192 6.812  1.00 62.53 ? 3  LEU A HB3  6  
ATOM 1099 H HG   . LEU A 1 3  ? -3.856 -0.058 7.957  1.00 1.44  ? 3  LEU A HG   6  
ATOM 1100 H HD11 . LEU A 1 3  ? -1.707 0.332  8.353  1.00 22.34 ? 3  LEU A HD11 6  
ATOM 1101 H HD12 . LEU A 1 3  ? -1.419 0.809  6.681  1.00 71.55 ? 3  LEU A HD12 6  
ATOM 1102 H HD13 . LEU A 1 3  ? -1.331 -0.891 7.140  1.00 72.02 ? 3  LEU A HD13 6  
ATOM 1103 H HD21 . LEU A 1 3  ? -4.888 1.006  6.090  1.00 33.22 ? 3  LEU A HD21 6  
ATOM 1104 H HD22 . LEU A 1 3  ? -3.408 0.894  5.135  1.00 42.42 ? 3  LEU A HD22 6  
ATOM 1105 H HD23 . LEU A 1 3  ? -3.474 1.966  6.534  1.00 44.31 ? 3  LEU A HD23 6  
ATOM 1106 N N    . LEU A 1 4  ? -1.183 -2.138 4.079  1.00 73.21 ? 4  LEU A N    6  
ATOM 1107 C CA   . LEU A 1 4  ? 0.208  -1.907 3.703  1.00 44.51 ? 4  LEU A CA   6  
ATOM 1108 C C    . LEU A 1 4  ? 0.353  -1.802 2.188  1.00 4.41  ? 4  LEU A C    6  
ATOM 1109 O O    . LEU A 1 4  ? 1.171  -1.032 1.685  1.00 53.32 ? 4  LEU A O    6  
ATOM 1110 C CB   . LEU A 1 4  ? 1.094  -3.035 4.234  1.00 53.14 ? 4  LEU A CB   6  
ATOM 1111 C CG   . LEU A 1 4  ? 1.624  -2.858 5.657  1.00 54.54 ? 4  LEU A CG   6  
ATOM 1112 C CD1  . LEU A 1 4  ? 2.393  -1.553 5.782  1.00 4.45  ? 4  LEU A CD1  6  
ATOM 1113 C CD2  . LEU A 1 4  ? 0.482  -2.906 6.662  1.00 63.41 ? 4  LEU A CD2  6  
ATOM 1114 H H    . LEU A 1 4  ? -1.547 -3.046 4.026  1.00 73.23 ? 4  LEU A H    6  
ATOM 1115 H HA   . LEU A 1 4  ? 0.520  -0.974 4.148  1.00 14.30 ? 4  LEU A HA   6  
ATOM 1116 H HB2  . LEU A 1 4  ? 0.519  -3.948 4.207  1.00 62.12 ? 4  LEU A HB2  6  
ATOM 1117 H HB3  . LEU A 1 4  ? 1.944  -3.127 3.572  1.00 25.13 ? 4  LEU A HB3  6  
ATOM 1118 H HG   . LEU A 1 4  ? 2.304  -3.668 5.885  1.00 62.24 ? 4  LEU A HG   6  
ATOM 1119 H HD11 . LEU A 1 4  ? 3.420  -1.763 6.043  1.00 24.10 ? 4  LEU A HD11 6  
ATOM 1120 H HD12 . LEU A 1 4  ? 1.944  -0.943 6.552  1.00 43.21 ? 4  LEU A HD12 6  
ATOM 1121 H HD13 . LEU A 1 4  ? 2.361  -1.024 4.841  1.00 22.11 ? 4  LEU A HD13 6  
ATOM 1122 H HD21 . LEU A 1 4  ? 0.701  -3.640 7.422  1.00 72.15 ? 4  LEU A HD21 6  
ATOM 1123 H HD22 . LEU A 1 4  ? -0.433 -3.175 6.153  1.00 3.15  ? 4  LEU A HD22 6  
ATOM 1124 H HD23 . LEU A 1 4  ? 0.367  -1.934 7.121  1.00 44.05 ? 4  LEU A HD23 6  
ATOM 1125 N N    . SER A 1 5  ? -0.450 -2.577 1.467  1.00 52.43 ? 5  SER A N    6  
ATOM 1126 C CA   . SER A 1 5  ? -0.410 -2.572 0.009  1.00 51.24 ? 5  SER A CA   6  
ATOM 1127 C C    . SER A 1 5  ? -1.211 -1.401 -0.552 1.00 52.44 ? 5  SER A C    6  
ATOM 1128 O O    . SER A 1 5  ? -0.861 -0.835 -1.587 1.00 24.24 ? 5  SER A O    6  
ATOM 1129 C CB   . SER A 1 5  ? -0.960 -3.891 -0.542 1.00 14.04 ? 5  SER A CB   6  
ATOM 1130 O OG   . SER A 1 5  ? -0.318 -5.001 0.061  1.00 74.21 ? 5  SER A OG   6  
ATOM 1131 H H    . SER A 1 5  ? -1.082 -3.169 1.926  1.00 53.42 ? 5  SER A H    6  
ATOM 1132 H HA   . SER A 1 5  ? 0.620  -2.467 -0.294 1.00 75.53 ? 5  SER A HA   6  
ATOM 1133 H HB2  . SER A 1 5  ? -2.018 -3.949 -0.340 1.00 25.11 ? 5  SER A HB2  6  
ATOM 1134 H HB3  . SER A 1 5  ? -0.793 -3.929 -1.608 1.00 71.52 ? 5  SER A HB3  6  
ATOM 1135 H HG   . SER A 1 5  ? -0.449 -4.971 1.011  1.00 13.45 ? 5  SER A HG   6  
ATOM 1136 N N    . LYS A 1 6  ? -2.288 -1.044 0.139  1.00 61.52 ? 6  LYS A N    6  
ATOM 1137 C CA   . LYS A 1 6  ? -3.140 0.059  -0.288 1.00 23.13 ? 6  LYS A CA   6  
ATOM 1138 C C    . LYS A 1 6  ? -2.404 1.391  -0.172 1.00 51.22 ? 6  LYS A C    6  
ATOM 1139 O O    . LYS A 1 6  ? -2.506 2.245  -1.051 1.00 24.01 ? 6  LYS A O    6  
ATOM 1140 C CB   . LYS A 1 6  ? -4.419 0.098  0.552  1.00 32.21 ? 6  LYS A CB   6  
ATOM 1141 C CG   . LYS A 1 6  ? -5.149 1.428  0.488  1.00 3.22  ? 6  LYS A CG   6  
ATOM 1142 C CD   . LYS A 1 6  ? -4.977 2.221  1.773  1.00 32.24 ? 6  LYS A CD   6  
ATOM 1143 C CE   . LYS A 1 6  ? -6.291 2.357  2.524  1.00 0.24  ? 6  LYS A CE   6  
ATOM 1144 N NZ   . LYS A 1 6  ? -6.192 3.335  3.644  1.00 74.14 ? 6  LYS A NZ   6  
ATOM 1145 H H    . LYS A 1 6  ? -2.516 -1.536 0.957  1.00 63.30 ? 6  LYS A H    6  
ATOM 1146 H HA   . LYS A 1 6  ? -3.403 -0.104 -1.322 1.00 12.20 ? 6  LYS A HA   6  
ATOM 1147 H HB2  . LYS A 1 6  ? -5.088 -0.674 0.201  1.00 63.52 ? 6  LYS A HB2  6  
ATOM 1148 H HB3  . LYS A 1 6  ? -4.165 -0.100 1.583  1.00 14.04 ? 6  LYS A HB3  6  
ATOM 1149 H HG2  . LYS A 1 6  ? -4.754 2.006  -0.334 1.00 1.21  ? 6  LYS A HG2  6  
ATOM 1150 H HG3  . LYS A 1 6  ? -6.202 1.243  0.329  1.00 24.33 ? 6  LYS A HG3  6  
ATOM 1151 H HD2  . LYS A 1 6  ? -4.263 1.713  2.406  1.00 44.21 ? 6  LYS A HD2  6  
ATOM 1152 H HD3  . LYS A 1 6  ? -4.606 3.208  1.530  1.00 43.54 ? 6  LYS A HD3  6  
ATOM 1153 H HE2  . LYS A 1 6  ? -7.052 2.689  1.835  1.00 10.43 ? 6  LYS A HE2  6  
ATOM 1154 H HE3  . LYS A 1 6  ? -6.564 1.391  2.924  1.00 4.50  ? 6  LYS A HE3  6  
ATOM 1155 H HZ1  . LYS A 1 6  ? -5.578 2.957  4.395  1.00 53.13 ? 6  LYS A HZ1  6  
ATOM 1156 H HZ2  . LYS A 1 6  ? -7.135 3.519  4.042  1.00 13.03 ? 6  LYS A HZ2  6  
ATOM 1157 H HZ3  . LYS A 1 6  ? -5.791 4.231  3.302  1.00 41.35 ? 6  LYS A HZ3  6  
ATOM 1158 N N    . ALA A 1 7  ? -1.660 1.558  0.917  1.00 64.34 ? 7  ALA A N    6  
ATOM 1159 C CA   . ALA A 1 7  ? -0.904 2.783  1.144  1.00 4.40  ? 7  ALA A CA   6  
ATOM 1160 C C    . ALA A 1 7  ? 0.406  2.773  0.364  1.00 51.11 ? 7  ALA A C    6  
ATOM 1161 O O    . ALA A 1 7  ? 0.849  3.808  -0.133 1.00 12.02 ? 7  ALA A O    6  
ATOM 1162 C CB   . ALA A 1 7  ? -0.634 2.968  2.630  1.00 13.23 ? 7  ALA A CB   6  
ATOM 1163 H H    . ALA A 1 7  ? -1.619 0.839  1.582  1.00 32.45 ? 7  ALA A H    6  
ATOM 1164 H HA   . ALA A 1 7  ? -1.507 3.614  0.807  1.00 12.13 ? 7  ALA A HA   6  
ATOM 1165 H HB1  . ALA A 1 7  ? 0.160  3.688  2.765  1.00 20.41 ? 7  ALA A HB1  6  
ATOM 1166 H HB2  . ALA A 1 7  ? -1.530 3.322  3.118  1.00 30.32 ? 7  ALA A HB2  6  
ATOM 1167 H HB3  . ALA A 1 7  ? -0.339 2.023  3.062  1.00 10.43 ? 7  ALA A HB3  6  
ATOM 1168 N N    . GLN A 1 8  ? 1.019  1.598  0.261  1.00 64.31 ? 8  GLN A N    6  
ATOM 1169 C CA   . GLN A 1 8  ? 2.279  1.456  -0.459 1.00 50.33 ? 8  GLN A CA   6  
ATOM 1170 C C    . GLN A 1 8  ? 2.052  1.485  -1.967 1.00 51.41 ? 8  GLN A C    6  
ATOM 1171 O O    . GLN A 1 8  ? 2.932  1.884  -2.728 1.00 44.30 ? 8  GLN A O    6  
ATOM 1172 C CB   . GLN A 1 8  ? 2.973  0.152  -0.061 1.00 60.14 ? 8  GLN A CB   6  
ATOM 1173 C CG   . GLN A 1 8  ? 4.256  -0.115 -0.833 1.00 0.44  ? 8  GLN A CG   6  
ATOM 1174 C CD   . GLN A 1 8  ? 5.341  -0.724 0.033  1.00 44.10 ? 8  GLN A CD   6  
ATOM 1175 O OE1  . GLN A 1 8  ? 5.066  -1.549 0.905  1.00 3.35  ? 8  GLN A OE1  6  
ATOM 1176 N NE2  . GLN A 1 8  ? 6.584  -0.321 -0.205 1.00 43.12 ? 8  GLN A NE2  6  
ATOM 1177 H H    . GLN A 1 8  ? 0.615  0.810  0.679  1.00 32.15 ? 8  GLN A H    6  
ATOM 1178 H HA   . GLN A 1 8  ? 2.912  2.287  -0.187 1.00 10.52 ? 8  GLN A HA   6  
ATOM 1179 H HB2  . GLN A 1 8  ? 3.213  0.192  0.992  1.00 64.13 ? 8  GLN A HB2  6  
ATOM 1180 H HB3  . GLN A 1 8  ? 2.295  -0.670 -0.237 1.00 13.01 ? 8  GLN A HB3  6  
ATOM 1181 H HG2  . GLN A 1 8  ? 4.039  -0.795 -1.642 1.00 63.51 ? 8  GLN A HG2  6  
ATOM 1182 H HG3  . GLN A 1 8  ? 4.619  0.819  -1.235 1.00 61.40 ? 8  GLN A HG3  6  
ATOM 1183 H HE21 . GLN A 1 8  ? 6.728  0.340  -0.915 1.00 71.04 ? 8  GLN A HE21 6  
ATOM 1184 H HE22 . GLN A 1 8  ? 7.305  -0.698 0.340  1.00 42.32 ? 8  GLN A HE22 6  
ATOM 1185 N N    . GLU A 1 9  ? 0.865  1.059  -2.389 1.00 32.22 ? 9  GLU A N    6  
ATOM 1186 C CA   . GLU A 1 9  ? 0.524  1.036  -3.806 1.00 64.34 ? 9  GLU A CA   6  
ATOM 1187 C C    . GLU A 1 9  ? 0.767  2.400  -4.447 1.00 71.10 ? 9  GLU A C    6  
ATOM 1188 O O    . GLU A 1 9  ? 1.233  2.490  -5.583 1.00 31.43 ? 9  GLU A O    6  
ATOM 1189 C CB   . GLU A 1 9  ? -0.938 0.625  -3.995 1.00 5.43  ? 9  GLU A CB   6  
ATOM 1190 C CG   . GLU A 1 9  ? -1.476 0.909  -5.387 1.00 24.40 ? 9  GLU A CG   6  
ATOM 1191 C CD   . GLU A 1 9  ? -2.715 0.097  -5.711 1.00 50.21 ? 9  GLU A CD   6  
ATOM 1192 O OE1  . GLU A 1 9  ? -3.264 -0.539 -4.788 1.00 12.40 ? 9  GLU A OE1  6  
ATOM 1193 O OE2  . GLU A 1 9  ? -3.135 0.098  -6.887 1.00 1.21  ? 9  GLU A OE2  6  
ATOM 1194 H H    . GLU A 1 9  ? 0.205  0.753  -1.733 1.00 0.22  ? 9  GLU A H    6  
ATOM 1195 H HA   . GLU A 1 9  ? 1.157  0.308  -4.288 1.00 52.34 ? 9  GLU A HA   6  
ATOM 1196 H HB2  . GLU A 1 9  ? -1.030 -0.434 -3.805 1.00 15.52 ? 9  GLU A HB2  6  
ATOM 1197 H HB3  . GLU A 1 9  ? -1.546 1.163  -3.281 1.00 75.20 ? 9  GLU A HB3  6  
ATOM 1198 H HG2  . GLU A 1 9  ? -1.724 1.958  -5.457 1.00 1.01  ? 9  GLU A HG2  6  
ATOM 1199 H HG3  . GLU A 1 9  ? -0.709 0.674  -6.111 1.00 43.42 ? 9  GLU A HG3  6  
ATOM 1200 N N    . LYS A 1 10 ? 0.447  3.459  -3.711 1.00 73.23 ? 10 LYS A N    6  
ATOM 1201 C CA   . LYS A 1 10 ? 0.630  4.818  -4.205 1.00 20.02 ? 10 LYS A CA   6  
ATOM 1202 C C    . LYS A 1 10 ? 2.024  5.336  -3.865 1.00 10.01 ? 10 LYS A C    6  
ATOM 1203 O O    . LYS A 1 10 ? 2.294  6.533  -3.971 1.00 33.45 ? 10 LYS A O    6  
ATOM 1204 C CB   . LYS A 1 10 ? -0.430 5.747  -3.608 1.00 44.15 ? 10 LYS A CB   6  
ATOM 1205 C CG   . LYS A 1 10 ? -0.386 5.825  -2.093 1.00 13.33 ? 10 LYS A CG   6  
ATOM 1206 C CD   . LYS A 1 10 ? -1.543 5.068  -1.461 1.00 13.25 ? 10 LYS A CD   6  
ATOM 1207 C CE   . LYS A 1 10 ? -2.153 5.846  -0.304 1.00 61.32 ? 10 LYS A CE   6  
ATOM 1208 N NZ   . LYS A 1 10 ? -1.137 6.191  0.729  1.00 52.34 ? 10 LYS A NZ   6  
ATOM 1209 H H    . LYS A 1 10 ? 0.079  3.321  -2.812 1.00 45.12 ? 10 LYS A H    6  
ATOM 1210 H HA   . LYS A 1 10 ? 0.517  4.800  -5.278 1.00 53.05 ? 10 LYS A HA   6  
ATOM 1211 H HB2  . LYS A 1 10 ? -0.285 6.741  -4.005 1.00 1.31  ? 10 LYS A HB2  6  
ATOM 1212 H HB3  . LYS A 1 10 ? -1.408 5.391  -3.901 1.00 51.11 ? 10 LYS A HB3  6  
ATOM 1213 H HG2  . LYS A 1 10 ? 0.543  5.397  -1.745 1.00 61.21 ? 10 LYS A HG2  6  
ATOM 1214 H HG3  . LYS A 1 10 ? -0.441 6.863  -1.793 1.00 41.22 ? 10 LYS A HG3  6  
ATOM 1215 H HD2  . LYS A 1 10 ? -2.303 4.900  -2.208 1.00 25.23 ? 10 LYS A HD2  6  
ATOM 1216 H HD3  . LYS A 1 10 ? -1.181 4.118  -1.093 1.00 74.12 ? 10 LYS A HD3  6  
ATOM 1217 H HE2  . LYS A 1 10 ? -2.586 6.756  -0.689 1.00 13.24 ? 10 LYS A HE2  6  
ATOM 1218 H HE3  . LYS A 1 10 ? -2.925 5.243  0.149  1.00 45.02 ? 10 LYS A HE3  6  
ATOM 1219 H HZ1  . LYS A 1 10 ? -1.495 5.951  1.676  1.00 20.10 ? 10 LYS A HZ1  6  
ATOM 1220 H HZ2  . LYS A 1 10 ? -0.927 7.209  0.698  1.00 65.45 ? 10 LYS A HZ2  6  
ATOM 1221 H HZ3  . LYS A 1 10 ? -0.259 5.661  0.558  1.00 72.32 ? 10 LYS A HZ3  6  
ATOM 1222 N N    . PHE A 1 11 ? 2.905  4.429  -3.459 1.00 54.53 ? 11 PHE A N    6  
ATOM 1223 C CA   . PHE A 1 11 ? 4.272  4.795  -3.105 1.00 22.33 ? 11 PHE A CA   6  
ATOM 1224 C C    . PHE A 1 11 ? 5.277  4.067  -3.992 1.00 72.51 ? 11 PHE A C    6  
ATOM 1225 O O    . PHE A 1 11 ? 6.343  4.596  -4.304 1.00 50.14 ? 11 PHE A O    6  
ATOM 1226 C CB   . PHE A 1 11 ? 4.544  4.471  -1.635 1.00 13.34 ? 11 PHE A CB   6  
ATOM 1227 C CG   . PHE A 1 11 ? 3.697  5.264  -0.679 1.00 35.21 ? 11 PHE A CG   6  
ATOM 1228 C CD1  . PHE A 1 11 ? 3.207  6.509  -1.037 1.00 65.44 ? 11 PHE A CD1  6  
ATOM 1229 C CD2  . PHE A 1 11 ? 3.394  4.764  0.577  1.00 60.44 ? 11 PHE A CD2  6  
ATOM 1230 C CE1  . PHE A 1 11 ? 2.427  7.241  -0.161 1.00 52.31 ? 11 PHE A CE1  6  
ATOM 1231 C CE2  . PHE A 1 11 ? 2.615  5.490  1.457  1.00 22.53 ? 11 PHE A CE2  6  
ATOM 1232 C CZ   . PHE A 1 11 ? 2.132  6.731  1.088  1.00 12.02 ? 11 PHE A CZ   6  
ATOM 1233 H H    . PHE A 1 11 ? 2.630  3.490  -3.395 1.00 4.15  ? 11 PHE A H    6  
ATOM 1234 H HA   . PHE A 1 11 ? 4.379  5.858  -3.257 1.00 14.50 ? 11 PHE A HA   6  
ATOM 1235 H HB2  . PHE A 1 11 ? 4.347  3.424  -1.460 1.00 63.34 ? 11 PHE A HB2  6  
ATOM 1236 H HB3  . PHE A 1 11 ? 5.580  4.679  -1.413 1.00 23.33 ? 11 PHE A HB3  6  
ATOM 1237 H HD1  . PHE A 1 11 ? 3.437  6.909  -2.015 1.00 71.15 ? 11 PHE A HD1  6  
ATOM 1238 H HD2  . PHE A 1 11 ? 3.772  3.795  0.867  1.00 15.13 ? 11 PHE A HD2  6  
ATOM 1239 H HE1  . PHE A 1 11 ? 2.051  8.209  -0.453 1.00 32.14 ? 11 PHE A HE1  6  
ATOM 1240 H HE2  . PHE A 1 11 ? 2.386  5.090  2.434  1.00 62.21 ? 11 PHE A HE2  6  
ATOM 1241 H HZ   . PHE A 1 11 ? 1.523  7.300  1.774  1.00 45.23 ? 11 PHE A HZ   6  
ATOM 1242 N N    . GLY A 1 12 ? 4.929  2.848  -4.395 1.00 0.23  ? 12 GLY A N    6  
ATOM 1243 C CA   . GLY A 1 12 ? 5.811  2.067  -5.241 1.00 14.01 ? 12 GLY A CA   6  
ATOM 1244 C C    . GLY A 1 12 ? 5.400  2.106  -6.700 1.00 12.55 ? 12 GLY A C    6  
ATOM 1245 O O    . GLY A 1 12 ? 4.219  2.256  -7.015 1.00 51.30 ? 12 GLY A O    6  
ATOM 1246 H H    . GLY A 1 12 ? 4.067  2.477  -4.115 1.00 2.53  ? 12 GLY A H    6  
ATOM 1247 H HA2  . GLY A 1 12 ? 6.815  2.453  -5.151 1.00 33.00 ? 12 GLY A HA2  6  
ATOM 1248 H HA3  . GLY A 1 12 ? 5.799  1.041  -4.903 1.00 60.51 ? 12 GLY A HA3  6  
ATOM 1249 N N    . TRP A 1 1  ? -0.381 -5.851 5.335  1.00 44.41 ? 1  TRP A N    7  
ATOM 1250 C CA   . TRP A 1 1  ? -1.517 -6.438 4.632  1.00 74.22 ? 1  TRP A CA   7  
ATOM 1251 C C    . TRP A 1 1  ? -2.178 -5.415 3.716  1.00 63.12 ? 1  TRP A C    7  
ATOM 1252 O O    . TRP A 1 1  ? -1.505 -4.572 3.121  1.00 51.22 ? 1  TRP A O    7  
ATOM 1253 C CB   . TRP A 1 1  ? -2.537 -6.981 5.634  1.00 65.44 ? 1  TRP A CB   7  
ATOM 1254 C CG   . TRP A 1 1  ? -3.171 -5.912 6.472  1.00 43.24 ? 1  TRP A CG   7  
ATOM 1255 C CD1  . TRP A 1 1  ? -4.456 -5.457 6.384  1.00 10.23 ? 1  TRP A CD1  7  
ATOM 1256 C CD2  . TRP A 1 1  ? -2.549 -5.166 7.523  1.00 72.22 ? 1  TRP A CD2  7  
ATOM 1257 N NE1  . TRP A 1 1  ? -4.669 -4.471 7.318  1.00 1.21  ? 1  TRP A NE1  7  
ATOM 1258 C CE2  . TRP A 1 1  ? -3.516 -4.275 8.030  1.00 71.12 ? 1  TRP A CE2  7  
ATOM 1259 C CE3  . TRP A 1 1  ? -1.271 -5.165 8.087  1.00 31.21 ? 1  TRP A CE3  7  
ATOM 1260 C CZ2  . TRP A 1 1  ? -3.241 -3.394 9.072  1.00 23.14 ? 1  TRP A CZ2  7  
ATOM 1261 C CZ3  . TRP A 1 1  ? -0.999 -4.288 9.120  1.00 41.33 ? 1  TRP A CZ3  7  
ATOM 1262 C CH2  . TRP A 1 1  ? -1.981 -3.414 9.604  1.00 11.23 ? 1  TRP A CH2  7  
ATOM 1263 H H1   . TRP A 1 1  ? -0.458 -4.942 5.692  1.00 62.12 ? 1  TRP A H1   7  
ATOM 1264 H HA   . TRP A 1 1  ? -1.146 -7.256 4.031  1.00 2.12  ? 1  TRP A HA   7  
ATOM 1265 H HB2  . TRP A 1 1  ? -3.322 -7.492 5.096  1.00 42.13 ? 1  TRP A HB2  7  
ATOM 1266 H HB3  . TRP A 1 1  ? -2.046 -7.678 6.295  1.00 51.41 ? 1  TRP A HB3  7  
ATOM 1267 H HD1  . TRP A 1 1  ? -5.185 -5.824 5.679  1.00 44.33 ? 1  TRP A HD1  7  
ATOM 1268 H HE1  . TRP A 1 1  ? -5.512 -3.989 7.454  1.00 70.04 ? 1  TRP A HE1  7  
ATOM 1269 H HE3  . TRP A 1 1  ? -0.501 -5.832 7.728  1.00 73.42 ? 1  TRP A HE3  7  
ATOM 1270 H HZ2  . TRP A 1 1  ? -3.987 -2.713 9.456  1.00 12.44 ? 1  TRP A HZ2  7  
ATOM 1271 H HZ3  . TRP A 1 1  ? -0.016 -4.273 9.569  1.00 64.22 ? 1  TRP A HZ3  7  
ATOM 1272 H HH2  . TRP A 1 1  ? -1.724 -2.746 10.413 1.00 12.11 ? 1  TRP A HH2  7  
ATOM 1273 N N    . LYS A 1 2  ? -3.500 -5.493 3.606  1.00 31.21 ? 2  LYS A N    7  
ATOM 1274 C CA   . LYS A 1 2  ? -4.253 -4.572 2.763  1.00 41.04 ? 2  LYS A CA   7  
ATOM 1275 C C    . LYS A 1 2  ? -3.940 -3.124 3.124  1.00 20.22 ? 2  LYS A C    7  
ATOM 1276 O O    . LYS A 1 2  ? -3.903 -2.250 2.256  1.00 74.12 ? 2  LYS A O    7  
ATOM 1277 C CB   . LYS A 1 2  ? -5.755 -4.830 2.905  1.00 42.43 ? 2  LYS A CB   7  
ATOM 1278 C CG   . LYS A 1 2  ? -6.568 -3.573 3.158  1.00 71.31 ? 2  LYS A CG   7  
ATOM 1279 C CD   . LYS A 1 2  ? -6.650 -3.250 4.640  1.00 5.23  ? 2  LYS A CD   7  
ATOM 1280 C CE   . LYS A 1 2  ? -7.927 -3.799 5.260  1.00 13.10 ? 2  LYS A CE   7  
ATOM 1281 N NZ   . LYS A 1 2  ? -8.053 -5.269 5.059  1.00 12.33 ? 2  LYS A NZ   7  
ATOM 1282 H H    . LYS A 1 2  ? -3.981 -6.186 4.105  1.00 1.41  ? 2  LYS A H    7  
ATOM 1283 H HA   . LYS A 1 2  ? -3.962 -4.746 1.738  1.00 31.45 ? 2  LYS A HA   7  
ATOM 1284 H HB2  . LYS A 1 2  ? -6.116 -5.292 1.998  1.00 61.11 ? 2  LYS A HB2  7  
ATOM 1285 H HB3  . LYS A 1 2  ? -5.915 -5.509 3.731  1.00 32.22 ? 2  LYS A HB3  7  
ATOM 1286 H HG2  . LYS A 1 2  ? -6.101 -2.744 2.646  1.00 74.23 ? 2  LYS A HG2  7  
ATOM 1287 H HG3  . LYS A 1 2  ? -7.567 -3.718 2.774  1.00 64.11 ? 2  LYS A HG3  7  
ATOM 1288 H HD2  . LYS A 1 2  ? -5.802 -3.690 5.143  1.00 0.35  ? 2  LYS A HD2  7  
ATOM 1289 H HD3  . LYS A 1 2  ? -6.630 -2.177 4.768  1.00 44.25 ? 2  LYS A HD3  7  
ATOM 1290 H HE2  . LYS A 1 2  ? -7.918 -3.588 6.318  1.00 32.05 ? 2  LYS A HE2  7  
ATOM 1291 H HE3  . LYS A 1 2  ? -8.773 -3.308 4.802  1.00 12.41 ? 2  LYS A HE3  7  
ATOM 1292 H HZ1  . LYS A 1 2  ? -8.851 -5.639 5.614  1.00 31.52 ? 2  LYS A HZ1  7  
ATOM 1293 H HZ2  . LYS A 1 2  ? -7.181 -5.747 5.366  1.00 64.22 ? 2  LYS A HZ2  7  
ATOM 1294 H HZ3  . LYS A 1 2  ? -8.215 -5.480 4.054  1.00 51.51 ? 2  LYS A HZ3  7  
ATOM 1295 N N    . LEU A 1 3  ? -3.714 -2.875 4.409  1.00 34.24 ? 3  LEU A N    7  
ATOM 1296 C CA   . LEU A 1 3  ? -3.402 -1.531 4.885  1.00 74.00 ? 3  LEU A CA   7  
ATOM 1297 C C    . LEU A 1 3  ? -1.972 -1.143 4.521  1.00 62.34 ? 3  LEU A C    7  
ATOM 1298 O O    . LEU A 1 3  ? -1.597 0.028  4.595  1.00 1.22  ? 3  LEU A O    7  
ATOM 1299 C CB   . LEU A 1 3  ? -3.594 -1.448 6.401  1.00 70.35 ? 3  LEU A CB   7  
ATOM 1300 C CG   . LEU A 1 3  ? -3.333 -0.083 7.036  1.00 25.53 ? 3  LEU A CG   7  
ATOM 1301 C CD1  . LEU A 1 3  ? -1.852 0.094  7.334  1.00 23.14 ? 3  LEU A CD1  7  
ATOM 1302 C CD2  . LEU A 1 3  ? -3.832 1.032  6.128  1.00 4.40  ? 3  LEU A CD2  7  
ATOM 1303 H H    . LEU A 1 3  ? -3.757 -3.610 5.054  1.00 71.24 ? 3  LEU A H    7  
ATOM 1304 H HA   . LEU A 1 3  ? -4.082 -0.844 4.406  1.00 22.50 ? 3  LEU A HA   7  
ATOM 1305 H HB2  . LEU A 1 3  ? -4.613 -1.726 6.619  1.00 12.34 ? 3  LEU A HB2  7  
ATOM 1306 H HB3  . LEU A 1 3  ? -2.922 -2.161 6.858  1.00 61.12 ? 3  LEU A HB3  7  
ATOM 1307 H HG   . LEU A 1 3  ? -3.871 -0.019 7.972  1.00 32.40 ? 3  LEU A HG   7  
ATOM 1308 H HD11 . LEU A 1 3  ? -1.725 0.398  8.362  1.00 54.25 ? 3  LEU A HD11 7  
ATOM 1309 H HD12 . LEU A 1 3  ? -1.441 0.851  6.682  1.00 3.21  ? 3  LEU A HD12 7  
ATOM 1310 H HD13 . LEU A 1 3  ? -1.338 -0.841 7.167  1.00 15.40 ? 3  LEU A HD13 7  
ATOM 1311 H HD21 . LEU A 1 3  ? -4.911 1.007  6.088  1.00 1.34  ? 3  LEU A HD21 7  
ATOM 1312 H HD22 . LEU A 1 3  ? -3.432 0.894  5.135  1.00 42.30 ? 3  LEU A HD22 7  
ATOM 1313 H HD23 . LEU A 1 3  ? -3.508 1.987  6.518  1.00 43.10 ? 3  LEU A HD23 7  
ATOM 1314 N N    . LEU A 1 4  ? -1.179 -2.132 4.123  1.00 60.11 ? 4  LEU A N    7  
ATOM 1315 C CA   . LEU A 1 4  ? 0.209  -1.894 3.743  1.00 13.44 ? 4  LEU A CA   7  
ATOM 1316 C C    . LEU A 1 4  ? 0.354  -1.811 2.227  1.00 44.42 ? 4  LEU A C    7  
ATOM 1317 O O    . LEU A 1 4  ? 1.165  -1.044 1.711  1.00 13.34 ? 4  LEU A O    7  
ATOM 1318 C CB   . LEU A 1 4  ? 1.107  -3.004 4.293  1.00 42.21 ? 4  LEU A CB   7  
ATOM 1319 C CG   . LEU A 1 4  ? 1.634  -2.801 5.714  1.00 23.32 ? 4  LEU A CG   7  
ATOM 1320 C CD1  . LEU A 1 4  ? 2.387  -1.483 5.819  1.00 0.31  ? 4  LEU A CD1  7  
ATOM 1321 C CD2  . LEU A 1 4  ? 0.491  -2.845 6.718  1.00 54.43 ? 4  LEU A CD2  7  
ATOM 1322 H H    . LEU A 1 4  ? -1.534 -3.043 4.084  1.00 73.03 ? 4  LEU A H    7  
ATOM 1323 H HA   . LEU A 1 4  ? 0.514  -0.951 4.173  1.00 43.32 ? 4  LEU A HA   7  
ATOM 1324 H HB2  . LEU A 1 4  ? 0.540  -3.923 4.279  1.00 15.14 ? 4  LEU A HB2  7  
ATOM 1325 H HB3  . LEU A 1 4  ? 1.957  -3.097 3.633  1.00 54.13 ? 4  LEU A HB3  7  
ATOM 1326 H HG   . LEU A 1 4  ? 2.322  -3.599 5.953  1.00 32.33 ? 4  LEU A HG   7  
ATOM 1327 H HD11 . LEU A 1 4  ? 2.352  -0.972 4.869  1.00 14.02 ? 4  LEU A HD11 7  
ATOM 1328 H HD12 . LEU A 1 4  ? 3.415  -1.678 6.086  1.00 21.03 ? 4  LEU A HD12 7  
ATOM 1329 H HD13 . LEU A 1 4  ? 1.929  -0.866 6.578  1.00 53.34 ? 4  LEU A HD13 7  
ATOM 1330 H HD21 . LEU A 1 4  ? 0.717  -3.569 7.487  1.00 34.44 ? 4  LEU A HD21 7  
ATOM 1331 H HD22 . LEU A 1 4  ? -0.420 -3.129 6.213  1.00 41.33 ? 4  LEU A HD22 7  
ATOM 1332 H HD23 . LEU A 1 4  ? 0.367  -1.870 7.165  1.00 42.12 ? 4  LEU A HD23 7  
ATOM 1333 N N    . SER A 1 5  ? -0.442 -2.606 1.519  1.00 44.02 ? 5  SER A N    7  
ATOM 1334 C CA   . SER A 1 5  ? -0.403 -2.625 0.061  1.00 24.10 ? 5  SER A CA   7  
ATOM 1335 C C    . SER A 1 5  ? -1.212 -1.467 -0.519 1.00 75.14 ? 5  SER A C    7  
ATOM 1336 O O    . SER A 1 5  ? -0.866 -0.914 -1.562 1.00 34.55 ? 5  SER A O    7  
ATOM 1337 C CB   . SER A 1 5  ? -0.942 -3.955 -0.468 1.00 22.21 ? 5  SER A CB   7  
ATOM 1338 O OG   . SER A 1 5  ? -0.299 -5.051 0.159  1.00 64.14 ? 5  SER A OG   7  
ATOM 1339 H H    . SER A 1 5  ? -1.069 -3.196 1.988  1.00 24.25 ? 5  SER A H    7  
ATOM 1340 H HA   . SER A 1 5  ? 0.627  -2.516 -0.244 1.00 43.01 ? 5  SER A HA   7  
ATOM 1341 H HB2  . SER A 1 5  ? -2.002 -4.014 -0.273 1.00 51.55 ? 5  SER A HB2  7  
ATOM 1342 H HB3  . SER A 1 5  ? -0.769 -4.012 -1.533 1.00 41.03 ? 5  SER A HB3  7  
ATOM 1343 H HG   . SER A 1 5  ? -0.449 -5.848 -0.356 1.00 3.44  ? 5  SER A HG   7  
ATOM 1344 N N    . LYS A 1 6  ? -2.294 -1.109 0.165  1.00 73.22 ? 6  LYS A N    7  
ATOM 1345 C CA   . LYS A 1 6  ? -3.153 -0.018 -0.279 1.00 74.13 ? 6  LYS A CA   7  
ATOM 1346 C C    . LYS A 1 6  ? -2.429 1.320  -0.178 1.00 65.03 ? 6  LYS A C    7  
ATOM 1347 O O    . LYS A 1 6  ? -2.537 2.163  -1.069 1.00 3.41  ? 6  LYS A O    7  
ATOM 1348 C CB   . LYS A 1 6  ? -4.435 0.019  0.554  1.00 44.54 ? 6  LYS A CB   7  
ATOM 1349 C CG   . LYS A 1 6  ? -5.179 1.340  0.467  1.00 2.14  ? 6  LYS A CG   7  
ATOM 1350 C CD   . LYS A 1 6  ? -5.029 2.150  1.744  1.00 10.43 ? 6  LYS A CD   7  
ATOM 1351 C CE   . LYS A 1 6  ? -4.783 3.621  1.446  1.00 1.22  ? 6  LYS A CE   7  
ATOM 1352 N NZ   . LYS A 1 6  ? -3.925 4.260  2.482  1.00 20.51 ? 6  LYS A NZ   7  
ATOM 1353 H H    . LYS A 1 6  ? -2.518 -1.590 0.990  1.00 65.15 ? 6  LYS A H    7  
ATOM 1354 H HA   . LYS A 1 6  ? -3.410 -0.198 -1.313 1.00 12.43 ? 6  LYS A HA   7  
ATOM 1355 H HB2  . LYS A 1 6  ? -5.096 -0.765 0.213  1.00 64.34 ? 6  LYS A HB2  7  
ATOM 1356 H HB3  . LYS A 1 6  ? -4.183 -0.161 1.590  1.00 64.30 ? 6  LYS A HB3  7  
ATOM 1357 H HG2  . LYS A 1 6  ? -4.782 1.913  -0.358 1.00 45.21 ? 6  LYS A HG2  7  
ATOM 1358 H HG3  . LYS A 1 6  ? -6.228 1.143  0.299  1.00 51.05 ? 6  LYS A HG3  7  
ATOM 1359 H HD2  . LYS A 1 6  ? -5.933 2.059  2.327  1.00 41.23 ? 6  LYS A HD2  7  
ATOM 1360 H HD3  . LYS A 1 6  ? -4.194 1.761  2.310  1.00 22.13 ? 6  LYS A HD3  7  
ATOM 1361 H HE2  . LYS A 1 6  ? -4.296 3.704  0.487  1.00 65.03 ? 6  LYS A HE2  7  
ATOM 1362 H HE3  . LYS A 1 6  ? -5.734 4.132  1.414  1.00 64.14 ? 6  LYS A HE3  7  
ATOM 1363 H HZ1  . LYS A 1 6  ? -4.106 3.832  3.411  1.00 53.51 ? 6  LYS A HZ1  7  
ATOM 1364 H HZ2  . LYS A 1 6  ? -4.130 5.278  2.536  1.00 23.14 ? 6  LYS A HZ2  7  
ATOM 1365 H HZ3  . LYS A 1 6  ? -2.921 4.133  2.242  1.00 71.22 ? 6  LYS A HZ3  7  
ATOM 1366 N N    . ALA A 1 7  ? -1.692 1.508  0.911  1.00 32.23 ? 7  ALA A N    7  
ATOM 1367 C CA   . ALA A 1 7  ? -0.948 2.743  1.126  1.00 23.25 ? 7  ALA A CA   7  
ATOM 1368 C C    . ALA A 1 7  ? 0.360  2.740  0.342  1.00 61.13 ? 7  ALA A C    7  
ATOM 1369 O O    . ALA A 1 7  ? 0.790  3.773  -0.169 1.00 61.42 ? 7  ALA A O    7  
ATOM 1370 C CB   . ALA A 1 7  ? -0.676 2.944  2.610  1.00 71.54 ? 7  ALA A CB   7  
ATOM 1371 H H    . ALA A 1 7  ? -1.646 0.799  1.585  1.00 34.04 ? 7  ALA A H    7  
ATOM 1372 H HA   . ALA A 1 7  ? -1.559 3.565  0.783  1.00 43.21 ? 7  ALA A HA   7  
ATOM 1373 H HB1  . ALA A 1 7  ? -0.955 3.948  2.893  1.00 22.35 ? 7  ALA A HB1  7  
ATOM 1374 H HB2  . ALA A 1 7  ? -1.255 2.235  3.181  1.00 75.13 ? 7  ALA A HB2  7  
ATOM 1375 H HB3  . ALA A 1 7  ? 0.375  2.793  2.806  1.00 54.24 ? 7  ALA A HB3  7  
ATOM 1376 N N    . GLN A 1 8  ? 0.988  1.572  0.253  1.00 63.33 ? 8  GLN A N    7  
ATOM 1377 C CA   . GLN A 1 8  ? 2.248  1.436  -0.468 1.00 75.32 ? 8  GLN A CA   7  
ATOM 1378 C C    . GLN A 1 8  ? 2.019  1.467  -1.975 1.00 74.12 ? 8  GLN A C    7  
ATOM 1379 O O    . GLN A 1 8  ? 2.880  1.911  -2.735 1.00 11.52 ? 8  GLN A O    7  
ATOM 1380 C CB   . GLN A 1 8  ? 2.948  0.134  -0.073 1.00 22.12 ? 8  GLN A CB   7  
ATOM 1381 C CG   . GLN A 1 8  ? 4.211  -0.144 -0.872 1.00 1.22  ? 8  GLN A CG   7  
ATOM 1382 C CD   . GLN A 1 8  ? 5.343  -0.670 -0.011 1.00 3.31  ? 8  GLN A CD   7  
ATOM 1383 O OE1  . GLN A 1 8  ? 5.881  0.049  0.833  1.00 42.44 ? 8  GLN A OE1  7  
ATOM 1384 N NE2  . GLN A 1 8  ? 5.710  -1.928 -0.219 1.00 13.51 ? 8  GLN A NE2  7  
ATOM 1385 H H    . GLN A 1 8  ? 0.596  0.784  0.682  1.00 25.31 ? 8  GLN A H    7  
ATOM 1386 H HA   . GLN A 1 8  ? 2.878  2.269  -0.195 1.00 23.10 ? 8  GLN A HA   7  
ATOM 1387 H HB2  . GLN A 1 8  ? 3.213  0.184  0.972  1.00 64.10 ? 8  GLN A HB2  7  
ATOM 1388 H HB3  . GLN A 1 8  ? 2.264  -0.688 -0.225 1.00 53.22 ? 8  GLN A HB3  7  
ATOM 1389 H HG2  . GLN A 1 8  ? 3.987  -0.878 -1.632 1.00 55.45 ? 8  GLN A HG2  7  
ATOM 1390 H HG3  . GLN A 1 8  ? 4.533  0.773  -1.344 1.00 4.50  ? 8  GLN A HG3  7  
ATOM 1391 H HE21 . GLN A 1 8  ? 5.238  -2.440 -0.909 1.00 24.13 ? 8  GLN A HE21 7  
ATOM 1392 H HE22 . GLN A 1 8  ? 6.439  -2.294 0.323  1.00 23.14 ? 8  GLN A HE22 7  
ATOM 1393 N N    . GLU A 1 9  ? 0.853  0.991  -2.401 1.00 64.52 ? 9  GLU A N    7  
ATOM 1394 C CA   . GLU A 1 9  ? 0.513  0.964  -3.820 1.00 40.55 ? 9  GLU A CA   7  
ATOM 1395 C C    . GLU A 1 9  ? 0.699  2.341  -4.451 1.00 53.33 ? 9  GLU A C    7  
ATOM 1396 O O    . GLU A 1 9  ? 1.193  2.460  -5.571 1.00 31.34 ? 9  GLU A O    7  
ATOM 1397 C CB   . GLU A 1 9  ? -0.931 0.494  -4.011 1.00 0.14  ? 9  GLU A CB   7  
ATOM 1398 C CG   . GLU A 1 9  ? -1.468 0.733  -5.412 1.00 51.32 ? 9  GLU A CG   7  
ATOM 1399 C CD   . GLU A 1 9  ? -2.716 -0.078 -5.705 1.00 3.10  ? 9  GLU A CD   7  
ATOM 1400 O OE1  . GLU A 1 9  ? -3.805 0.323  -5.244 1.00 1.31  ? 9  GLU A OE1  7  
ATOM 1401 O OE2  . GLU A 1 9  ? -2.603 -1.113 -6.393 1.00 23.41 ? 9  GLU A OE2  7  
ATOM 1402 H H    . GLU A 1 9  ? 0.208  0.650  -1.748 1.00 2.32  ? 9  GLU A H    7  
ATOM 1403 H HA   . GLU A 1 9  ? 1.175  0.265  -4.306 1.00 31.21 ? 9  GLU A HA   7  
ATOM 1404 H HB2  . GLU A 1 9  ? -0.984 -0.564 -3.803 1.00 34.10 ? 9  GLU A HB2  7  
ATOM 1405 H HB3  . GLU A 1 9  ? -1.563 1.020  -3.311 1.00 62.21 ? 9  GLU A HB3  7  
ATOM 1406 H HG2  . GLU A 1 9  ? -1.705 1.781  -5.519 1.00 42.44 ? 9  GLU A HG2  7  
ATOM 1407 H HG3  . GLU A 1 9  ? -0.705 0.463  -6.127 1.00 45.14 ? 9  GLU A HG3  7  
ATOM 1408 N N    . LYS A 1 10 ? 0.298  3.378  -3.722 1.00 52.13 ? 10 LYS A N    7  
ATOM 1409 C CA   . LYS A 1 10 ? 0.421  4.747  -4.208 1.00 40.14 ? 10 LYS A CA   7  
ATOM 1410 C C    . LYS A 1 10 ? 1.754  5.356  -3.787 1.00 12.24 ? 10 LYS A C    7  
ATOM 1411 O O    . LYS A 1 10 ? 1.958  6.566  -3.899 1.00 71.14 ? 10 LYS A O    7  
ATOM 1412 C CB   . LYS A 1 10 ? -0.733 5.602  -3.681 1.00 10.14 ? 10 LYS A CB   7  
ATOM 1413 C CG   . LYS A 1 10 ? -0.683 5.832  -2.180 1.00 13.33 ? 10 LYS A CG   7  
ATOM 1414 C CD   . LYS A 1 10 ? -1.781 5.067  -1.461 1.00 41.11 ? 10 LYS A CD   7  
ATOM 1415 C CE   . LYS A 1 10 ? -2.329 5.854  -0.281 1.00 64.11 ? 10 LYS A CE   7  
ATOM 1416 N NZ   . LYS A 1 10 ? -1.302 6.052  0.779  1.00 54.20 ? 10 LYS A NZ   7  
ATOM 1417 H H    . LYS A 1 10 ? -0.088 3.217  -2.835 1.00 65.43 ? 10 LYS A H    7  
ATOM 1418 H HA   . LYS A 1 10 ? 0.375  4.721  -5.286 1.00 23.40 ? 10 LYS A HA   7  
ATOM 1419 H HB2  . LYS A 1 10 ? -0.707 6.564  -4.172 1.00 41.25 ? 10 LYS A HB2  7  
ATOM 1420 H HB3  . LYS A 1 10 ? -1.666 5.112  -3.917 1.00 43.32 ? 10 LYS A HB3  7  
ATOM 1421 H HG2  . LYS A 1 10 ? 0.275  5.501  -1.806 1.00 1.21  ? 10 LYS A HG2  7  
ATOM 1422 H HG3  . LYS A 1 10 ? -0.804 6.888  -1.982 1.00 30.21 ? 10 LYS A HG3  7  
ATOM 1423 H HD2  . LYS A 1 10 ? -2.587 4.873  -2.155 1.00 14.33 ? 10 LYS A HD2  7  
ATOM 1424 H HD3  . LYS A 1 10 ? -1.379 4.129  -1.102 1.00 25.44 ? 10 LYS A HD3  7  
ATOM 1425 H HE2  . LYS A 1 10 ? -2.661 6.819  -0.632 1.00 32.42 ? 10 LYS A HE2  7  
ATOM 1426 H HE3  . LYS A 1 10 ? -3.166 5.316  0.137  1.00 45.13 ? 10 LYS A HE3  7  
ATOM 1427 H HZ1  . LYS A 1 10 ? -1.751 6.048  1.717  1.00 55.22 ? 10 LYS A HZ1  7  
ATOM 1428 H HZ2  . LYS A 1 10 ? -0.817 6.961  0.642  1.00 42.20 ? 10 LYS A HZ2  7  
ATOM 1429 H HZ3  . LYS A 1 10 ? -0.598 5.287  0.741  1.00 22.21 ? 10 LYS A HZ3  7  
ATOM 1430 N N    . PHE A 1 11 ? 2.659  4.512  -3.302 1.00 21.41 ? 11 PHE A N    7  
ATOM 1431 C CA   . PHE A 1 11 ? 3.972  4.969  -2.864 1.00 74.41 ? 11 PHE A CA   7  
ATOM 1432 C C    . PHE A 1 11 ? 5.061  4.486  -3.818 1.00 35.42 ? 11 PHE A C    7  
ATOM 1433 O O    . PHE A 1 11 ? 6.098  5.130  -3.972 1.00 21.24 ? 11 PHE A O    7  
ATOM 1434 C CB   . PHE A 1 11 ? 4.263  4.470  -1.447 1.00 55.24 ? 11 PHE A CB   7  
ATOM 1435 C CG   . PHE A 1 11 ? 3.365  5.070  -0.405 1.00 43.33 ? 11 PHE A CG   7  
ATOM 1436 C CD1  . PHE A 1 11 ? 2.542  6.142  -0.713 1.00 33.41 ? 11 PHE A CD1  7  
ATOM 1437 C CD2  . PHE A 1 11 ? 3.342  4.563  0.885  1.00 61.11 ? 11 PHE A CD2  7  
ATOM 1438 C CE1  . PHE A 1 11 ? 1.713  6.696  0.244  1.00 52.11 ? 11 PHE A CE1  7  
ATOM 1439 C CE2  . PHE A 1 11 ? 2.514  5.113  1.846  1.00 32.10 ? 11 PHE A CE2  7  
ATOM 1440 C CZ   . PHE A 1 11 ? 1.701  6.182  1.526  1.00 63.34 ? 11 PHE A CZ   7  
ATOM 1441 H H    . PHE A 1 11 ? 2.437  3.560  -3.237 1.00 51.21 ? 11 PHE A H    7  
ATOM 1442 H HA   . PHE A 1 11 ? 3.964  6.047  -2.863 1.00 12.24 ? 11 PHE A HA   7  
ATOM 1443 H HB2  . PHE A 1 11 ? 4.135  3.398  -1.417 1.00 32.52 ? 11 PHE A HB2  7  
ATOM 1444 H HB3  . PHE A 1 11 ? 5.283  4.714  -1.189 1.00 44.01 ? 11 PHE A HB3  7  
ATOM 1445 H HD1  . PHE A 1 11 ? 2.551  6.545  -1.716 1.00 34.44 ? 11 PHE A HD1  7  
ATOM 1446 H HD2  . PHE A 1 11 ? 3.979  3.728  1.137  1.00 1.23  ? 11 PHE A HD2  7  
ATOM 1447 H HE1  . PHE A 1 11 ? 1.078  7.532  -0.010 1.00 72.52 ? 11 PHE A HE1  7  
ATOM 1448 H HE2  . PHE A 1 11 ? 2.506  4.709  2.847  1.00 14.25 ? 11 PHE A HE2  7  
ATOM 1449 H HZ   . PHE A 1 11 ? 1.053  6.613  2.275  1.00 60.51 ? 11 PHE A HZ   7  
ATOM 1450 N N    . GLY A 1 12 ? 4.818  3.347  -4.458 1.00 51.23 ? 12 GLY A N    7  
ATOM 1451 C CA   . GLY A 1 12 ? 5.786  2.796  -5.389 1.00 54.23 ? 12 GLY A CA   7  
ATOM 1452 C C    . GLY A 1 12 ? 5.637  3.366  -6.785 1.00 54.02 ? 12 GLY A C    7  
ATOM 1453 O O    . GLY A 1 12 ? 5.342  4.550  -6.952 1.00 54.52 ? 12 GLY A O    7  
ATOM 1454 H H    . GLY A 1 12 ? 3.973  2.875  -4.297 1.00 10.12 ? 12 GLY A H    7  
ATOM 1455 H HA2  . GLY A 1 12 ? 6.780  3.012  -5.026 1.00 64.32 ? 12 GLY A HA2  7  
ATOM 1456 H HA3  . GLY A 1 12 ? 5.655  1.724  -5.434 1.00 63.20 ? 12 GLY A HA3  7  
ATOM 1457 N N    . TRP A 1 1  ? -0.342 -5.955 5.271  1.00 15.03 ? 1  TRP A N    8  
ATOM 1458 C CA   . TRP A 1 1  ? -1.485 -6.535 4.575  1.00 4.35  ? 1  TRP A CA   8  
ATOM 1459 C C    . TRP A 1 1  ? -2.139 -5.510 3.657  1.00 64.32 ? 1  TRP A C    8  
ATOM 1460 O O    . TRP A 1 1  ? -1.461 -4.675 3.057  1.00 43.12 ? 1  TRP A O    8  
ATOM 1461 C CB   . TRP A 1 1  ? -2.507 -7.060 5.584  1.00 44.52 ? 1  TRP A CB   8  
ATOM 1462 C CG   . TRP A 1 1  ? -3.128 -5.980 6.419  1.00 43.15 ? 1  TRP A CG   8  
ATOM 1463 C CD1  . TRP A 1 1  ? -4.407 -5.508 6.329  1.00 55.05 ? 1  TRP A CD1  8  
ATOM 1464 C CD2  . TRP A 1 1  ? -2.497 -5.238 7.466  1.00 15.24 ? 1  TRP A CD2  8  
ATOM 1465 N NE1  . TRP A 1 1  ? -4.608 -4.518 7.259  1.00 22.32 ? 1  TRP A NE1  8  
ATOM 1466 C CE2  . TRP A 1 1  ? -3.452 -4.333 7.970  1.00 60.42 ? 1  TRP A CE2  8  
ATOM 1467 C CE3  . TRP A 1 1  ? -1.219 -5.250 8.031  1.00 35.23 ? 1  TRP A CE3  8  
ATOM 1468 C CZ2  . TRP A 1 1  ? -3.166 -3.449 9.008  1.00 51.44 ? 1  TRP A CZ2  8  
ATOM 1469 C CZ3  . TRP A 1 1  ? -0.936 -4.373 9.060  1.00 3.11  ? 1  TRP A CZ3  8  
ATOM 1470 C CH2  . TRP A 1 1  ? -1.906 -3.484 9.541  1.00 13.42 ? 1  TRP A CH2  8  
ATOM 1471 H H1   . TRP A 1 1  ? -0.411 -5.047 5.634  1.00 43.14 ? 1  TRP A H1   8  
ATOM 1472 H HA   . TRP A 1 1  ? -1.125 -7.359 3.978  1.00 61.03 ? 1  TRP A HA   8  
ATOM 1473 H HB2  . TRP A 1 1  ? -3.299 -7.568 5.053  1.00 24.03 ? 1  TRP A HB2  8  
ATOM 1474 H HB3  . TRP A 1 1  ? -2.020 -7.758 6.249  1.00 11.23 ? 1  TRP A HB3  8  
ATOM 1475 H HD1  . TRP A 1 1  ? -5.141 -5.870 5.626  1.00 70.54 ? 1  TRP A HD1  8  
ATOM 1476 H HE1  . TRP A 1 1  ? -5.445 -4.023 7.392  1.00 51.24 ? 1  TRP A HE1  8  
ATOM 1477 H HE3  . TRP A 1 1  ? -0.457 -5.928 7.674  1.00 42.45 ? 1  TRP A HE3  8  
ATOM 1478 H HZ2  . TRP A 1 1  ? -3.903 -2.759 9.390  1.00 42.11 ? 1  TRP A HZ2  8  
ATOM 1479 H HZ3  . TRP A 1 1  ? 0.047  -4.368 9.508  1.00 20.23 ? 1  TRP A HZ3  8  
ATOM 1480 H HH2  . TRP A 1 1  ? -1.642 -2.816 10.347 1.00 31.01 ? 1  TRP A HH2  8  
ATOM 1481 N N    . LYS A 1 2  ? -3.462 -5.577 3.549  1.00 72.13 ? 2  LYS A N    8  
ATOM 1482 C CA   . LYS A 1 2  ? -4.210 -4.654 2.704  1.00 25.23 ? 2  LYS A CA   8  
ATOM 1483 C C    . LYS A 1 2  ? -3.880 -3.206 3.055  1.00 44.23 ? 2  LYS A C    8  
ATOM 1484 O O    . LYS A 1 2  ? -3.841 -2.338 2.181  1.00 34.22 ? 2  LYS A O    8  
ATOM 1485 C CB   . LYS A 1 2  ? -5.714 -4.897 2.853  1.00 32.32 ? 2  LYS A CB   8  
ATOM 1486 C CG   . LYS A 1 2  ? -6.478 -3.686 3.360  1.00 52.22 ? 2  LYS A CG   8  
ATOM 1487 C CD   . LYS A 1 2  ? -6.571 -3.682 4.877  1.00 64.31 ? 2  LYS A CD   8  
ATOM 1488 C CE   . LYS A 1 2  ? -7.567 -2.643 5.370  1.00 1.42  ? 2  LYS A CE   8  
ATOM 1489 N NZ   . LYS A 1 2  ? -7.041 -1.257 5.224  1.00 43.15 ? 2  LYS A NZ   8  
ATOM 1490 H H    . LYS A 1 2  ? -3.948 -6.265 4.052  1.00 11.12 ? 2  LYS A H    8  
ATOM 1491 H HA   . LYS A 1 2  ? -3.924 -4.837 1.679  1.00 23.31 ? 2  LYS A HA   8  
ATOM 1492 H HB2  . LYS A 1 2  ? -6.118 -5.174 1.891  1.00 62.43 ? 2  LYS A HB2  8  
ATOM 1493 H HB3  . LYS A 1 2  ? -5.868 -5.710 3.547  1.00 32.25 ? 2  LYS A HB3  8  
ATOM 1494 H HG2  . LYS A 1 2  ? -5.968 -2.789 3.040  1.00 64.25 ? 2  LYS A HG2  8  
ATOM 1495 H HG3  . LYS A 1 2  ? -7.476 -3.702 2.947  1.00 53.01 ? 2  LYS A HG3  8  
ATOM 1496 H HD2  . LYS A 1 2  ? -6.890 -4.657 5.213  1.00 61.13 ? 2  LYS A HD2  8  
ATOM 1497 H HD3  . LYS A 1 2  ? -5.597 -3.457 5.289  1.00 72.44 ? 2  LYS A HD3  8  
ATOM 1498 H HE2  . LYS A 1 2  ? -8.478 -2.736 4.799  1.00 14.13 ? 2  LYS A HE2  8  
ATOM 1499 H HE3  . LYS A 1 2  ? -7.776 -2.830 6.413  1.00 53.44 ? 2  LYS A HE3  8  
ATOM 1500 H HZ1  . LYS A 1 2  ? -7.426 -0.818 4.363  1.00 74.43 ? 2  LYS A HZ1  8  
ATOM 1501 H HZ2  . LYS A 1 2  ? -6.004 -1.273 5.159  1.00 53.43 ? 2  LYS A HZ2  8  
ATOM 1502 H HZ3  . LYS A 1 2  ? -7.317 -0.682 6.045  1.00 30.42 ? 2  LYS A HZ3  8  
ATOM 1503 N N    . LEU A 1 3  ? -3.645 -2.952 4.337  1.00 32.10 ? 3  LEU A N    8  
ATOM 1504 C CA   . LEU A 1 3  ? -3.317 -1.610 4.804  1.00 45.11 ? 3  LEU A CA   8  
ATOM 1505 C C    . LEU A 1 3  ? -1.891 -1.232 4.418  1.00 70.45 ? 3  LEU A C    8  
ATOM 1506 O O    . LEU A 1 3  ? -1.523 -0.056 4.428  1.00 51.54 ? 3  LEU A O    8  
ATOM 1507 C CB   . LEU A 1 3  ? -3.487 -1.520 6.322  1.00 65.35 ? 3  LEU A CB   8  
ATOM 1508 C CG   . LEU A 1 3  ? -3.190 -0.159 6.951  1.00 62.53 ? 3  LEU A CG   8  
ATOM 1509 C CD1  . LEU A 1 3  ? -1.700 -0.003 7.207  1.00 14.20 ? 3  LEU A CD1  8  
ATOM 1510 C CD2  . LEU A 1 3  ? -3.700 0.964  6.059  1.00 71.35 ? 3  LEU A CD2  8  
ATOM 1511 H H    . LEU A 1 3  ? -3.692 -3.684 4.986  1.00 12.11 ? 3  LEU A H    8  
ATOM 1512 H HA   . LEU A 1 3  ? -4.000 -0.919 4.331  1.00 54.41 ? 3  LEU A HA   8  
ATOM 1513 H HB2  . LEU A 1 3  ? -4.509 -1.776 6.555  1.00 64.22 ? 3  LEU A HB2  8  
ATOM 1514 H HB3  . LEU A 1 3  ? -2.825 -2.246 6.771  1.00 20.44 ? 3  LEU A HB3  8  
ATOM 1515 H HG   . LEU A 1 3  ? -3.700 -0.089 7.901  1.00 42.52 ? 3  LEU A HG   8  
ATOM 1516 H HD11 . LEU A 1 3  ? -1.291 0.726  6.526  1.00 24.22 ? 3  LEU A HD11 8  
ATOM 1517 H HD12 . LEU A 1 3  ? -1.207 -0.953 7.055  1.00 12.44 ? 3  LEU A HD12 8  
ATOM 1518 H HD13 . LEU A 1 3  ? -1.542 0.325  8.225  1.00 30.54 ? 3  LEU A HD13 8  
ATOM 1519 H HD21 . LEU A 1 3  ? -3.338 0.816  5.053  1.00 65.33 ? 3  LEU A HD21 8  
ATOM 1520 H HD22 . LEU A 1 3  ? -3.342 1.912  6.435  1.00 61.43 ? 3  LEU A HD22 8  
ATOM 1521 H HD23 . LEU A 1 3  ? -4.780 0.961  6.059  1.00 31.25 ? 3  LEU A HD23 8  
ATOM 1522 N N    . LEU A 1 4  ? -1.091 -2.236 4.075  1.00 14.11 ? 4  LEU A N    8  
ATOM 1523 C CA   . LEU A 1 4  ? 0.296  -2.009 3.683  1.00 50.34 ? 4  LEU A CA   8  
ATOM 1524 C C    . LEU A 1 4  ? 0.427  -1.934 2.165  1.00 51.13 ? 4  LEU A C    8  
ATOM 1525 O O    . LEU A 1 4  ? 1.249  -1.184 1.639  1.00 20.03 ? 4  LEU A O    8  
ATOM 1526 C CB   . LEU A 1 4  ? 1.190  -3.124 4.229  1.00 43.13 ? 4  LEU A CB   8  
ATOM 1527 C CG   . LEU A 1 4  ? 1.719  -2.925 5.649  1.00 13.14 ? 4  LEU A CG   8  
ATOM 1528 C CD1  . LEU A 1 4  ? 2.468  -1.605 5.760  1.00 65.35 ? 4  LEU A CD1  8  
ATOM 1529 C CD2  . LEU A 1 4  ? 0.580  -2.981 6.656  1.00 12.24 ? 4  LEU A CD2  8  
ATOM 1530 H H    . LEU A 1 4  ? -1.439 -3.151 4.086  1.00 41.33 ? 4  LEU A H    8  
ATOM 1531 H HA   . LEU A 1 4  ? 0.611  -1.066 4.106  1.00 50.44 ? 4  LEU A HA   8  
ATOM 1532 H HB2  . LEU A 1 4  ? 0.621  -4.040 4.213  1.00 54.41 ? 4  LEU A HB2  8  
ATOM 1533 H HB3  . LEU A 1 4  ? 2.040  -3.219 3.568  1.00 70.20 ? 4  LEU A HB3  8  
ATOM 1534 H HG   . LEU A 1 4  ? 2.413  -3.721 5.883  1.00 61.12 ? 4  LEU A HG   8  
ATOM 1535 H HD11 . LEU A 1 4  ? 2.452  -1.101 4.805  1.00 74.33 ? 4  LEU A HD11 8  
ATOM 1536 H HD12 . LEU A 1 4  ? 3.490  -1.793 6.051  1.00 53.04 ? 4  LEU A HD12 8  
ATOM 1537 H HD13 . LEU A 1 4  ? 1.991  -0.982 6.503  1.00 50.44 ? 4  LEU A HD13 8  
ATOM 1538 H HD21 . LEU A 1 4  ? 0.474  -2.018 7.133  1.00 23.23 ? 4  LEU A HD21 8  
ATOM 1539 H HD22 . LEU A 1 4  ? 0.797  -3.730 7.403  1.00 51.44 ? 4  LEU A HD22 8  
ATOM 1540 H HD23 . LEU A 1 4  ? -0.338 -3.235 6.147  1.00 51.44 ? 4  LEU A HD23 8  
ATOM 1541 N N    . SER A 1 5  ? -0.390 -2.715 1.466  1.00 43.41 ? 5  SER A N    8  
ATOM 1542 C CA   . SER A 1 5  ? -0.365 -2.738 0.009  1.00 73.24 ? 5  SER A CA   8  
ATOM 1543 C C    . SER A 1 5  ? -1.156 -1.568 -0.568 1.00 31.24 ? 5  SER A C    8  
ATOM 1544 O O    . SER A 1 5  ? -0.777 -0.987 -1.585 1.00 41.24 ? 5  SER A O    8  
ATOM 1545 C CB   . SER A 1 5  ? -0.935 -4.059 -0.512 1.00 41.44 ? 5  SER A CB   8  
ATOM 1546 O OG   . SER A 1 5  ? -0.325 -5.166 0.129  1.00 30.21 ? 5  SER A OG   8  
ATOM 1547 H H    . SER A 1 5  ? -1.024 -3.292 1.943  1.00 62.21 ? 5  SER A H    8  
ATOM 1548 H HA   . SER A 1 5  ? 0.665  -2.651 -0.307 1.00 41.02 ? 5  SER A HA   8  
ATOM 1549 H HB2  . SER A 1 5  ? -1.997 -4.089 -0.323 1.00 12.23 ? 5  SER A HB2  8  
ATOM 1550 H HB3  . SER A 1 5  ? -0.757 -4.131 -1.575 1.00 20.01 ? 5  SER A HB3  8  
ATOM 1551 H HG   . SER A 1 5  ? -0.932 -5.910 0.131  1.00 23.00 ? 5  SER A HG   8  
ATOM 1552 N N    . LYS A 1 6  ? -2.258 -1.226 0.092  1.00 63.23 ? 6  LYS A N    8  
ATOM 1553 C CA   . LYS A 1 6  ? -3.104 -0.124 -0.352 1.00 64.20 ? 6  LYS A CA   8  
ATOM 1554 C C    . LYS A 1 6  ? -2.398 1.215  -0.162 1.00 43.42 ? 6  LYS A C    8  
ATOM 1555 O O    . LYS A 1 6  ? -2.566 2.134  -0.963 1.00 1.54  ? 6  LYS A O    8  
ATOM 1556 C CB   . LYS A 1 6  ? -4.428 -0.128 0.417  1.00 54.14 ? 6  LYS A CB   8  
ATOM 1557 C CG   . LYS A 1 6  ? -4.322 0.461  1.813  1.00 41.44 ? 6  LYS A CG   8  
ATOM 1558 C CD   . LYS A 1 6  ? -5.582 0.205  2.623  1.00 42.32 ? 6  LYS A CD   8  
ATOM 1559 C CE   . LYS A 1 6  ? -6.768 0.979  2.068  1.00 32.11 ? 6  LYS A CE   8  
ATOM 1560 N NZ   . LYS A 1 6  ? -7.358 1.894  3.085  1.00 52.12 ? 6  LYS A NZ   8  
ATOM 1561 H H    . LYS A 1 6  ? -2.509 -1.726 0.897  1.00 73.30 ? 6  LYS A H    8  
ATOM 1562 H HA   . LYS A 1 6  ? -3.308 -0.264 -1.403 1.00 50.34 ? 6  LYS A HA   8  
ATOM 1563 H HB2  . LYS A 1 6  ? -5.155 0.443  -0.139 1.00 23.10 ? 6  LYS A HB2  8  
ATOM 1564 H HB3  . LYS A 1 6  ? -4.775 -1.148 0.505  1.00 54.31 ? 6  LYS A HB3  8  
ATOM 1565 H HG2  . LYS A 1 6  ? -3.482 0.011  2.322  1.00 70.34 ? 6  LYS A HG2  8  
ATOM 1566 H HG3  . LYS A 1 6  ? -4.167 1.528  1.732  1.00 53.30 ? 6  LYS A HG3  8  
ATOM 1567 H HD2  . LYS A 1 6  ? -5.811 -0.850 2.595  1.00 74.42 ? 6  LYS A HD2  8  
ATOM 1568 H HD3  . LYS A 1 6  ? -5.410 0.510  3.646  1.00 21.53 ? 6  LYS A HD3  8  
ATOM 1569 H HE2  . LYS A 1 6  ? -6.437 1.562  1.222  1.00 30.31 ? 6  LYS A HE2  8  
ATOM 1570 H HE3  . LYS A 1 6  ? -7.523 0.276  1.748  1.00 35.31 ? 6  LYS A HE3  8  
ATOM 1571 H HZ1  . LYS A 1 6  ? -8.310 2.190  2.789  1.00 13.11 ? 6  LYS A HZ1  8  
ATOM 1572 H HZ2  . LYS A 1 6  ? -6.761 2.739  3.194  1.00 23.43 ? 6  LYS A HZ2  8  
ATOM 1573 H HZ3  . LYS A 1 6  ? -7.425 1.411  4.003  1.00 51.42 ? 6  LYS A HZ3  8  
ATOM 1574 N N    . ALA A 1 7  ? -1.608 1.316  0.902  1.00 22.11 ? 7  ALA A N    8  
ATOM 1575 C CA   . ALA A 1 7  ? -0.874 2.541  1.195  1.00 24.31 ? 7  ALA A CA   8  
ATOM 1576 C C    . ALA A 1 7  ? 0.437  2.595  0.418  1.00 41.34 ? 7  ALA A C    8  
ATOM 1577 O O    . ALA A 1 7  ? 0.859  3.660  -0.032 1.00 54.32 ? 7  ALA A O    8  
ATOM 1578 C CB   . ALA A 1 7  ? -0.610 2.655  2.689  1.00 51.54 ? 7  ALA A CB   8  
ATOM 1579 H H    . ALA A 1 7  ? -1.515 0.548  1.503  1.00 42.30 ? 7  ALA A H    8  
ATOM 1580 H HA   . ALA A 1 7  ? -1.490 3.378  0.899  1.00 43.24 ? 7  ALA A HA   8  
ATOM 1581 H HB1  . ALA A 1 7  ? 0.405  2.988  2.850  1.00 40.54 ? 7  ALA A HB1  8  
ATOM 1582 H HB2  . ALA A 1 7  ? -1.298 3.365  3.123  1.00 31.53 ? 7  ALA A HB2  8  
ATOM 1583 H HB3  . ALA A 1 7  ? -0.751 1.689  3.153  1.00 11.01 ? 7  ALA A HB3  8  
ATOM 1584 N N    . GLN A 1 8  ? 1.076  1.439  0.266  1.00 13.41 ? 8  GLN A N    8  
ATOM 1585 C CA   . GLN A 1 8  ? 2.341  1.356  -0.455 1.00 52.30 ? 8  GLN A CA   8  
ATOM 1586 C C    . GLN A 1 8  ? 2.114  1.422  -1.961 1.00 61.14 ? 8  GLN A C    8  
ATOM 1587 O O    . GLN A 1 8  ? 2.958  1.923  -2.704 1.00 51.41 ? 8  GLN A O    8  
ATOM 1588 C CB   . GLN A 1 8  ? 3.074  0.063  -0.093 1.00 42.12 ? 8  GLN A CB   8  
ATOM 1589 C CG   . GLN A 1 8  ? 4.330  -0.174 -0.915 1.00 74.23 ? 8  GLN A CG   8  
ATOM 1590 C CD   . GLN A 1 8  ? 5.456  -0.781 -0.100 1.00 41.34 ? 8  GLN A CD   8  
ATOM 1591 O OE1  . GLN A 1 8  ? 5.929  -0.183 0.867  1.00 12.31 ? 8  GLN A OE1  8  
ATOM 1592 N NE2  . GLN A 1 8  ? 5.890  -1.974 -0.486 1.00 55.23 ? 8  GLN A NE2  8  
ATOM 1593 H H    . GLN A 1 8  ? 0.689  0.624  0.648  1.00 0.23  ? 8  GLN A H    8  
ATOM 1594 H HA   . GLN A 1 8  ? 2.948  2.198  -0.157 1.00 71.54 ? 8  GLN A HA   8  
ATOM 1595 H HB2  . GLN A 1 8  ? 3.353  0.100  0.949  1.00 11.23 ? 8  GLN A HB2  8  
ATOM 1596 H HB3  . GLN A 1 8  ? 2.406  -0.772 -0.249 1.00 31.34 ? 8  GLN A HB3  8  
ATOM 1597 H HG2  . GLN A 1 8  ? 4.093  -0.845 -1.727 1.00 51.13 ? 8  GLN A HG2  8  
ATOM 1598 H HG3  . GLN A 1 8  ? 4.666  0.771  -1.317 1.00 52.34 ? 8  GLN A HG3  8  
ATOM 1599 H HE21 . GLN A 1 8  ? 5.466  -2.391 -1.267 1.00 42.41 ? 8  GLN A HE21 8  
ATOM 1600 H HE22 . GLN A 1 8  ? 6.617  -2.390 0.022  1.00 43.12 ? 8  GLN A HE22 8  
ATOM 1601 N N    . GLU A 1 9  ? 0.969  0.912  -2.405 1.00 71.44 ? 9  GLU A N    8  
ATOM 1602 C CA   . GLU A 1 9  ? 0.633  0.911  -3.824 1.00 4.14  ? 9  GLU A CA   8  
ATOM 1603 C C    . GLU A 1 9  ? 0.769  2.312  -4.416 1.00 41.41 ? 9  GLU A C    8  
ATOM 1604 O O    . GLU A 1 9  ? 1.265  2.483  -5.529 1.00 64.22 ? 9  GLU A O    8  
ATOM 1605 C CB   . GLU A 1 9  ? -0.792 0.394  -4.034 1.00 11.54 ? 9  GLU A CB   8  
ATOM 1606 C CG   . GLU A 1 9  ? -1.324 0.626  -5.438 1.00 20.34 ? 9  GLU A CG   8  
ATOM 1607 C CD   . GLU A 1 9  ? -2.381 -0.384 -5.835 1.00 41.15 ? 9  GLU A CD   8  
ATOM 1608 O OE1  . GLU A 1 9  ? -2.015 -1.542 -6.128 1.00 64.22 ? 9  GLU A OE1  8  
ATOM 1609 O OE2  . GLU A 1 9  ? -3.575 -0.018 -5.854 1.00 71.41 ? 9  GLU A OE2  8  
ATOM 1610 H H    . GLU A 1 9  ? 0.336  0.526  -1.764 1.00 34.41 ? 9  GLU A H    8  
ATOM 1611 H HA   . GLU A 1 9  ? 1.323  0.253  -4.329 1.00 1.01  ? 9  GLU A HA   8  
ATOM 1612 H HB2  . GLU A 1 9  ? -0.809 -0.668 -3.835 1.00 4.54  ? 9  GLU A HB2  8  
ATOM 1613 H HB3  . GLU A 1 9  ? -1.449 0.892  -3.336 1.00 21.14 ? 9  GLU A HB3  8  
ATOM 1614 H HG2  . GLU A 1 9  ? -1.755 1.615  -5.487 1.00 52.54 ? 9  GLU A HG2  8  
ATOM 1615 H HG3  . GLU A 1 9  ? -0.502 0.560  -6.135 1.00 71.25 ? 9  GLU A HG3  8  
ATOM 1616 N N    . LYS A 1 10 ? 0.325  3.312  -3.661 1.00 61.01 ? 10 LYS A N    8  
ATOM 1617 C CA   . LYS A 1 10 ? 0.397  4.698  -4.108 1.00 41.54 ? 10 LYS A CA   8  
ATOM 1618 C C    . LYS A 1 10 ? 1.679  5.362  -3.617 1.00 5.42  ? 10 LYS A C    8  
ATOM 1619 O O    . LYS A 1 10 ? 1.799  6.587  -3.630 1.00 33.54 ? 10 LYS A O    8  
ATOM 1620 C CB   . LYS A 1 10 ? -0.820 5.480  -3.607 1.00 42.04 ? 10 LYS A CB   8  
ATOM 1621 C CG   . LYS A 1 10 ? -1.003 5.421  -2.100 1.00 52.22 ? 10 LYS A CG   8  
ATOM 1622 C CD   . LYS A 1 10 ? -0.751 6.773  -1.454 1.00 43.14 ? 10 LYS A CD   8  
ATOM 1623 C CE   . LYS A 1 10 ? -1.774 7.805  -1.905 1.00 14.00 ? 10 LYS A CE   8  
ATOM 1624 N NZ   . LYS A 1 10 ? -1.724 9.037  -1.070 1.00 54.22 ? 10 LYS A NZ   8  
ATOM 1625 H H    . LYS A 1 10 ? -0.060 3.112  -2.781 1.00 50.02 ? 10 LYS A H    8  
ATOM 1626 H HA   . LYS A 1 10 ? 0.395  4.700  -5.187 1.00 52.42 ? 10 LYS A HA   8  
ATOM 1627 H HB2  . LYS A 1 10 ? -0.711 6.515  -3.895 1.00 43.12 ? 10 LYS A HB2  8  
ATOM 1628 H HB3  . LYS A 1 10 ? -1.709 5.078  -4.072 1.00 34.10 ? 10 LYS A HB3  8  
ATOM 1629 H HG2  . LYS A 1 10 ? -2.015 5.113  -1.881 1.00 34.32 ? 10 LYS A HG2  8  
ATOM 1630 H HG3  . LYS A 1 10 ? -0.309 4.702  -1.690 1.00 33.40 ? 10 LYS A HG3  8  
ATOM 1631 H HD2  . LYS A 1 10 ? -0.812 6.667  -0.382 1.00 3.42  ? 10 LYS A HD2  8  
ATOM 1632 H HD3  . LYS A 1 10 ? 0.237  7.115  -1.728 1.00 71.32 ? 10 LYS A HD3  8  
ATOM 1633 H HE2  . LYS A 1 10 ? -1.571 8.068  -2.932 1.00 24.21 ? 10 LYS A HE2  8  
ATOM 1634 H HE3  . LYS A 1 10 ? -2.760 7.371  -1.833 1.00 52.10 ? 10 LYS A HE3  8  
ATOM 1635 H HZ1  . LYS A 1 10 ? -1.693 8.784  -0.061 1.00 63.50 ? 10 LYS A HZ1  8  
ATOM 1636 H HZ2  . LYS A 1 10 ? -2.567 9.621  -1.245 1.00 0.04  ? 10 LYS A HZ2  8  
ATOM 1637 H HZ3  . LYS A 1 10 ? -0.877 9.593  -1.303 1.00 14.15 ? 10 LYS A HZ3  8  
ATOM 1638 N N    . PHE A 1 11 ? 2.634  4.547  -3.184 1.00 50.21 ? 11 PHE A N    8  
ATOM 1639 C CA   . PHE A 1 11 ? 3.907  5.056  -2.689 1.00 14.42 ? 11 PHE A CA   8  
ATOM 1640 C C    . PHE A 1 11 ? 5.035  4.745  -3.670 1.00 14.35 ? 11 PHE A C    8  
ATOM 1641 O O    . PHE A 1 11 ? 5.993  5.507  -3.791 1.00 74.40 ? 11 PHE A O    8  
ATOM 1642 C CB   . PHE A 1 11 ? 4.226  4.450  -1.320 1.00 61.40 ? 11 PHE A CB   8  
ATOM 1643 C CG   . PHE A 1 11 ? 3.360  4.982  -0.214 1.00 43.33 ? 11 PHE A CG   8  
ATOM 1644 C CD1  . PHE A 1 11 ? 2.478  6.025  -0.447 1.00 55.03 ? 11 PHE A CD1  8  
ATOM 1645 C CD2  . PHE A 1 11 ? 3.427  4.438  1.058  1.00 13.14 ? 11 PHE A CD2  8  
ATOM 1646 C CE1  . PHE A 1 11 ? 1.681  6.517  0.570  1.00 73.14 ? 11 PHE A CE1  8  
ATOM 1647 C CE2  . PHE A 1 11 ? 2.632  4.925  2.079  1.00 44.32 ? 11 PHE A CE2  8  
ATOM 1648 C CZ   . PHE A 1 11 ? 1.757  5.965  1.833  1.00 55.42 ? 11 PHE A CZ   8  
ATOM 1649 H H    . PHE A 1 11 ? 2.478  3.579  -3.197 1.00 71.24 ? 11 PHE A H    8  
ATOM 1650 H HA   . PHE A 1 11 ? 3.819  6.126  -2.588 1.00 61.33 ? 11 PHE A HA   8  
ATOM 1651 H HB2  . PHE A 1 11 ? 4.085  3.381  -1.365 1.00 62.45 ? 11 PHE A HB2  8  
ATOM 1652 H HB3  . PHE A 1 11 ? 5.254  4.664  -1.071 1.00 11.34 ? 11 PHE A HB3  8  
ATOM 1653 H HD1  . PHE A 1 11 ? 2.416  6.456  -1.435 1.00 12.15 ? 11 PHE A HD1  8  
ATOM 1654 H HD2  . PHE A 1 11 ? 4.112  3.624  1.252  1.00 43.03 ? 11 PHE A HD2  8  
ATOM 1655 H HE1  . PHE A 1 11 ? 0.997  7.329  0.375  1.00 72.21 ? 11 PHE A HE1  8  
ATOM 1656 H HE2  . PHE A 1 11 ? 2.694  4.491  3.066  1.00 34.22 ? 11 PHE A HE2  8  
ATOM 1657 H HZ   . PHE A 1 11 ? 1.136  6.347  2.629  1.00 3.43  ? 11 PHE A HZ   8  
ATOM 1658 N N    . GLY A 1 12 ? 4.913  3.619  -4.366 1.00 25.14 ? 12 GLY A N    8  
ATOM 1659 C CA   . GLY A 1 12 ? 5.929  3.227  -5.326 1.00 42.54 ? 12 GLY A CA   8  
ATOM 1660 C C    . GLY A 1 12 ? 5.943  4.119  -6.551 1.00 61.12 ? 12 GLY A C    8  
ATOM 1661 O O    . GLY A 1 12 ? 6.022  3.634  -7.679 1.00 54.11 ? 12 GLY A O    8  
ATOM 1662 H H    . GLY A 1 12 ? 4.127  3.050  -4.227 1.00 5.44  ? 12 GLY A H    8  
ATOM 1663 H HA2  . GLY A 1 12 ? 6.895  3.271  -4.849 1.00 13.23 ? 12 GLY A HA2  8  
ATOM 1664 H HA3  . GLY A 1 12 ? 5.739  2.210  -5.638 1.00 45.30 ? 12 GLY A HA3  8  
ATOM 1665 N N    . TRP A 1 1  ? -0.208 -6.024 5.377  1.00 35.21 ? 1  TRP A N    9  
ATOM 1666 C CA   . TRP A 1 1  ? -1.325 -6.643 4.671  1.00 34.52 ? 1  TRP A CA   9  
ATOM 1667 C C    . TRP A 1 1  ? -2.015 -5.637 3.757  1.00 21.13 ? 1  TRP A C    9  
ATOM 1668 O O    . TRP A 1 1  ? -1.368 -4.773 3.166  1.00 1.21  ? 1  TRP A O    9  
ATOM 1669 C CB   . TRP A 1 1  ? -2.329 -7.219 5.670  1.00 64.34 ? 1  TRP A CB   9  
ATOM 1670 C CG   . TRP A 1 1  ? -2.995 -6.174 6.512  1.00 65.21 ? 1  TRP A CG   9  
ATOM 1671 C CD1  . TRP A 1 1  ? -4.294 -5.756 6.425  1.00 31.43 ? 1  TRP A CD1  9  
ATOM 1672 C CD2  . TRP A 1 1  ? -2.396 -5.413 7.565  1.00 3.03  ? 1  TRP A CD2  9  
ATOM 1673 N NE1  . TRP A 1 1  ? -4.537 -4.781 7.362  1.00 71.43 ? 1  TRP A NE1  9  
ATOM 1674 C CE2  . TRP A 1 1  ? -3.389 -4.553 8.075  1.00 43.41 ? 1  TRP A CE2  9  
ATOM 1675 C CE3  . TRP A 1 1  ? -1.119 -5.375 8.130  1.00 23.04 ? 1  TRP A CE3  9  
ATOM 1676 C CZ2  . TRP A 1 1  ? -3.142 -3.666 9.120  1.00 33.31 ? 1  TRP A CZ2  9  
ATOM 1677 C CZ3  . TRP A 1 1  ? -0.874 -4.494 9.167  1.00 63.24 ? 1  TRP A CZ3  9  
ATOM 1678 C CH2  . TRP A 1 1  ? -1.882 -3.650 9.654  1.00 64.23 ? 1  TRP A CH2  9  
ATOM 1679 H H1   . TRP A 1 1  ? -0.312 -5.119 5.736  1.00 4.42  ? 1  TRP A H1   9  
ATOM 1680 H HA   . TRP A 1 1  ? -0.928 -7.447 4.067  1.00 44.00 ? 1  TRP A HA   9  
ATOM 1681 H HB2  . TRP A 1 1  ? -3.097 -7.753 5.130  1.00 65.12 ? 1  TRP A HB2  9  
ATOM 1682 H HB3  . TRP A 1 1  ? -1.817 -7.903 6.330  1.00 74.22 ? 1  TRP A HB3  9  
ATOM 1683 H HD1  . TRP A 1 1  ? -5.010 -6.144 5.718  1.00 64.20 ? 1  TRP A HD1  9  
ATOM 1684 H HE1  . TRP A 1 1  ? -5.394 -4.325 7.498  1.00 0.23  ? 1  TRP A HE1  9  
ATOM 1685 H HE3  . TRP A 1 1  ? -0.329 -6.017 7.769  1.00 23.00 ? 1  TRP A HE3  9  
ATOM 1686 H HZ2  . TRP A 1 1  ? -3.909 -3.010 9.506  1.00 14.14 ? 1  TRP A HZ2  9  
ATOM 1687 H HZ3  . TRP A 1 1  ? 0.107  -4.450 9.616  1.00 62.51 ? 1  TRP A HZ3  9  
ATOM 1688 H HH2  . TRP A 1 1  ? -1.646 -2.978 10.464 1.00 50.12 ? 1  TRP A HH2  9  
ATOM 1689 N N    . LYS A 1 2  ? -3.335 -5.754 3.646  1.00 34.12 ? 2  LYS A N    9  
ATOM 1690 C CA   . LYS A 1 2  ? -4.115 -4.853 2.806  1.00 55.24 ? 2  LYS A CA   9  
ATOM 1691 C C    . LYS A 1 2  ? -3.845 -3.398 3.172  1.00 23.44 ? 2  LYS A C    9  
ATOM 1692 O O    . LYS A 1 2  ? -3.834 -2.521 2.307  1.00 63.23 ? 2  LYS A O    9  
ATOM 1693 C CB   . LYS A 1 2  ? -5.608 -5.158 2.945  1.00 13.42 ? 2  LYS A CB   9  
ATOM 1694 C CG   . LYS A 1 2  ? -6.459 -3.926 3.202  1.00 75.51 ? 2  LYS A CG   9  
ATOM 1695 C CD   . LYS A 1 2  ? -6.551 -3.611 4.685  1.00 1.10  ? 2  LYS A CD   9  
ATOM 1696 C CE   . LYS A 1 2  ? -7.812 -4.198 5.301  1.00 64.12 ? 2  LYS A CE   9  
ATOM 1697 N NZ   . LYS A 1 2  ? -9.035 -3.476 4.854  1.00 4.54  ? 2  LYS A NZ   9  
ATOM 1698 H H    . LYS A 1 2  ? -3.794 -6.464 4.142  1.00 2.34  ? 2  LYS A H    9  
ATOM 1699 H HA   . LYS A 1 2  ? -3.818 -5.016 1.781  1.00 32.31 ? 2  LYS A HA   9  
ATOM 1700 H HB2  . LYS A 1 2  ? -5.954 -5.627 2.036  1.00 41.33 ? 2  LYS A HB2  9  
ATOM 1701 H HB3  . LYS A 1 2  ? -5.748 -5.844 3.770  1.00 21.22 ? 2  LYS A HB3  9  
ATOM 1702 H HG2  . LYS A 1 2  ? -6.017 -3.083 2.692  1.00 21.43 ? 2  LYS A HG2  9  
ATOM 1703 H HG3  . LYS A 1 2  ? -7.454 -4.101 2.816  1.00 14.54 ? 2  LYS A HG3  9  
ATOM 1704 H HD2  . LYS A 1 2  ? -5.692 -4.027 5.187  1.00 32.11 ? 2  LYS A HD2  9  
ATOM 1705 H HD3  . LYS A 1 2  ? -6.563 -2.538 4.816  1.00 34.31 ? 2  LYS A HD3  9  
ATOM 1706 H HE2  . LYS A 1 2  ? -7.890 -5.235 5.012  1.00 25.20 ? 2  LYS A HE2  9  
ATOM 1707 H HE3  . LYS A 1 2  ? -7.736 -4.129 6.377  1.00 73.12 ? 2  LYS A HE3  9  
ATOM 1708 H HZ1  . LYS A 1 2  ? -8.835 -2.461 4.753  1.00 1.21  ? 2  LYS A HZ1  9  
ATOM 1709 H HZ2  . LYS A 1 2  ? -9.798 -3.600 5.551  1.00 50.33 ? 2  LYS A HZ2  9  
ATOM 1710 H HZ3  . LYS A 1 2  ? -9.356 -3.849 3.938  1.00 32.41 ? 2  LYS A HZ3  9  
ATOM 1711 N N    . LEU A 1 3  ? -3.628 -3.147 4.458  1.00 21.44 ? 3  LEU A N    9  
ATOM 1712 C CA   . LEU A 1 3  ? -3.356 -1.796 4.939  1.00 42.20 ? 3  LEU A CA   9  
ATOM 1713 C C    . LEU A 1 3  ? -1.939 -1.364 4.576  1.00 25.53 ? 3  LEU A C    9  
ATOM 1714 O O    . LEU A 1 3  ? -1.600 -0.181 4.654  1.00 1.31  ? 3  LEU A O    9  
ATOM 1715 C CB   . LEU A 1 3  ? -3.551 -1.724 6.454  1.00 41.40 ? 3  LEU A CB   9  
ATOM 1716 C CG   . LEU A 1 3  ? -3.332 -0.354 7.095  1.00 23.31 ? 3  LEU A CG   9  
ATOM 1717 C CD1  . LEU A 1 3  ? -1.857 -0.133 7.394  1.00 53.11 ? 3  LEU A CD1  9  
ATOM 1718 C CD2  . LEU A 1 3  ? -3.864 0.749  6.191  1.00 24.01 ? 3  LEU A CD2  9  
ATOM 1719 H H    . LEU A 1 3  ? -3.649 -3.885 5.100  1.00 55.01 ? 3  LEU A H    9  
ATOM 1720 H HA   . LEU A 1 3  ? -4.058 -1.128 4.461  1.00 13.00 ? 3  LEU A HA   9  
ATOM 1721 H HB2  . LEU A 1 3  ? -4.562 -2.033 6.672  1.00 25.21 ? 3  LEU A HB2  9  
ATOM 1722 H HB3  . LEU A 1 3  ? -2.859 -2.417 6.909  1.00 54.32 ? 3  LEU A HB3  9  
ATOM 1723 H HG   . LEU A 1 3  ? -3.872 -0.310 8.031  1.00 33.05 ? 3  LEU A HG   9  
ATOM 1724 H HD11 . LEU A 1 3  ? -1.469 0.637  6.746  1.00 62.11 ? 3  LEU A HD11 9  
ATOM 1725 H HD12 . LEU A 1 3  ? -1.315 -1.052 7.224  1.00 15.31 ? 3  LEU A HD12 9  
ATOM 1726 H HD13 . LEU A 1 3  ? -1.739 0.169  8.424  1.00 61.04 ? 3  LEU A HD13 9  
ATOM 1727 H HD21 . LEU A 1 3  ? -3.461 0.626  5.198  1.00 23.53 ? 3  LEU A HD21 9  
ATOM 1728 H HD22 . LEU A 1 3  ? -3.568 1.711  6.584  1.00 52.53 ? 3  LEU A HD22 9  
ATOM 1729 H HD23 . LEU A 1 3  ? -4.943 0.693  6.153  1.00 43.12 ? 3  LEU A HD23 9  
ATOM 1730 N N    . LEU A 1 4  ? -1.117 -2.326 4.176  1.00 13.32 ? 4  LEU A N    9  
ATOM 1731 C CA   . LEU A 1 4  ? 0.264  -2.045 3.798  1.00 33.22 ? 4  LEU A CA   9  
ATOM 1732 C C    . LEU A 1 4  ? 0.406  -1.955 2.282  1.00 74.32 ? 4  LEU A C    9  
ATOM 1733 O O    . LEU A 1 4  ? 1.195  -1.162 1.769  1.00 21.41 ? 4  LEU A O    9  
ATOM 1734 C CB   . LEU A 1 4  ? 1.195  -3.128 4.345  1.00 3.31  ? 4  LEU A CB   9  
ATOM 1735 C CG   . LEU A 1 4  ? 1.714  -2.911 5.767  1.00 53.34 ? 4  LEU A CG   9  
ATOM 1736 C CD1  . LEU A 1 4  ? 2.423  -1.570 5.878  1.00 64.11 ? 4  LEU A CD1  9  
ATOM 1737 C CD2  . LEU A 1 4  ? 0.573  -2.998 6.771  1.00 71.23 ? 4  LEU A CD2  9  
ATOM 1738 H H    . LEU A 1 4  ? -1.444 -3.248 4.133  1.00 14.23 ? 4  LEU A H    9  
ATOM 1739 H HA   . LEU A 1 4  ? 0.539  -1.093 4.230  1.00 41.54 ? 4  LEU A HA   9  
ATOM 1740 H HB2  . LEU A 1 4  ? 0.657  -4.064 4.330  1.00 35.31 ? 4  LEU A HB2  9  
ATOM 1741 H HB3  . LEU A 1 4  ? 2.049  -3.193 3.687  1.00 74.23 ? 4  LEU A HB3  9  
ATOM 1742 H HG   . LEU A 1 4  ? 2.430  -3.686 6.005  1.00 62.34 ? 4  LEU A HG   9  
ATOM 1743 H HD11 . LEU A 1 4  ? 2.376  -1.059 4.928  1.00 51.24 ? 4  LEU A HD11 9  
ATOM 1744 H HD12 . LEU A 1 4  ? 3.456  -1.730 6.150  1.00 1.33  ? 4  LEU A HD12 9  
ATOM 1745 H HD13 . LEU A 1 4  ? 1.940  -0.970 6.635  1.00 22.22 ? 4  LEU A HD13 9  
ATOM 1746 H HD21 . LEU A 1 4  ? 0.419  -2.031 7.225  1.00 10.02 ? 4  LEU A HD21 9  
ATOM 1747 H HD22 . LEU A 1 4  ? 0.822  -3.720 7.536  1.00 65.54 ? 4  LEU A HD22 9  
ATOM 1748 H HD23 . LEU A 1 4  ? -0.329 -3.307 6.263  1.00 3.44  ? 4  LEU A HD23 9  
ATOM 1749 N N    . SER A 1 5  ? -0.365 -2.772 1.572  1.00 74.42 ? 5  SER A N    9  
ATOM 1750 C CA   . SER A 1 5  ? -0.323 -2.786 0.113  1.00 54.42 ? 5  SER A CA   9  
ATOM 1751 C C    . SER A 1 5  ? -1.162 -1.651 -0.465 1.00 1.42  ? 5  SER A C    9  
ATOM 1752 O O    . SER A 1 5  ? -0.827 -1.083 -1.504 1.00 25.23 ? 5  SER A O    9  
ATOM 1753 C CB   . SER A 1 5  ? -0.826 -4.130 -0.419 1.00 4.13  ? 5  SER A CB   9  
ATOM 1754 O OG   . SER A 1 5  ? -0.152 -5.209 0.204  1.00 70.13 ? 5  SER A OG   9  
ATOM 1755 H H    . SER A 1 5  ? -0.973 -3.382 2.038  1.00 51.50 ? 5  SER A H    9  
ATOM 1756 H HA   . SER A 1 5  ? 0.704  -2.650 -0.191 1.00 14.52 ? 5  SER A HA   9  
ATOM 1757 H HB2  . SER A 1 5  ? -1.883 -4.219 -0.221 1.00 0.30  ? 5  SER A HB2  9  
ATOM 1758 H HB3  . SER A 1 5  ? -0.653 -4.178 -1.484 1.00 64.13 ? 5  SER A HB3  9  
ATOM 1759 H HG   . SER A 1 5  ? 0.447  -5.619 -0.425 1.00 33.43 ? 5  SER A HG   9  
ATOM 1760 N N    . LYS A 1 6  ? -2.255 -1.325 0.217  1.00 1.21  ? 6  LYS A N    9  
ATOM 1761 C CA   . LYS A 1 6  ? -3.144 -0.257 -0.226 1.00 43.23 ? 6  LYS A CA   9  
ATOM 1762 C C    . LYS A 1 6  ? -2.461 1.102  -0.110 1.00 74.04 ? 6  LYS A C    9  
ATOM 1763 O O    . LYS A 1 6  ? -2.590 1.949  -0.993 1.00 73.33 ? 6  LYS A O    9  
ATOM 1764 C CB   . LYS A 1 6  ? -4.433 -0.264 0.599  1.00 3.31  ? 6  LYS A CB   9  
ATOM 1765 C CG   . LYS A 1 6  ? -5.215 1.036  0.517  1.00 64.13 ? 6  LYS A CG   9  
ATOM 1766 C CD   . LYS A 1 6  ? -5.100 1.838  1.802  1.00 60.03 ? 6  LYS A CD   9  
ATOM 1767 C CE   . LYS A 1 6  ? -4.882 3.316  1.518  1.00 33.12 ? 6  LYS A CE   9  
ATOM 1768 N NZ   . LYS A 1 6  ? -5.780 4.177  2.336  1.00 0.11  ? 6  LYS A NZ   9  
ATOM 1769 H H    . LYS A 1 6  ? -2.469 -1.815 1.039  1.00 60.03 ? 6  LYS A H    9  
ATOM 1770 H HA   . LYS A 1 6  ? -3.389 -0.437 -1.261 1.00 70.21 ? 6  LYS A HA   9  
ATOM 1771 H HB2  . LYS A 1 6  ? -5.067 -1.064 0.247  1.00 53.22 ? 6  LYS A HB2  9  
ATOM 1772 H HB3  . LYS A 1 6  ? -4.183 -0.444 1.635  1.00 70.42 ? 6  LYS A HB3  9  
ATOM 1773 H HG2  . LYS A 1 6  ? -4.828 1.627  -0.300 1.00 53.43 ? 6  LYS A HG2  9  
ATOM 1774 H HG3  . LYS A 1 6  ? -6.256 0.808  0.337  1.00 61.42 ? 6  LYS A HG3  9  
ATOM 1775 H HD2  . LYS A 1 6  ? -6.011 1.723  2.370  1.00 3.24  ? 6  LYS A HD2  9  
ATOM 1776 H HD3  . LYS A 1 6  ? -4.265 1.463  2.377  1.00 45.14 ? 6  LYS A HD3  9  
ATOM 1777 H HE2  . LYS A 1 6  ? -3.856 3.564  1.743  1.00 4.15  ? 6  LYS A HE2  9  
ATOM 1778 H HE3  . LYS A 1 6  ? -5.076 3.501  0.471  1.00 12.11 ? 6  LYS A HE3  9  
ATOM 1779 H HZ1  . LYS A 1 6  ? -5.262 4.561  3.152  1.00 2.42  ? 6  LYS A HZ1  9  
ATOM 1780 H HZ2  . LYS A 1 6  ? -6.588 3.622  2.682  1.00 51.41 ? 6  LYS A HZ2  9  
ATOM 1781 H HZ3  . LYS A 1 6  ? -6.138 4.967  1.763  1.00 32.31 ? 6  LYS A HZ3  9  
ATOM 1782 N N    . ALA A 1 7  ? -1.734 1.302  0.985  1.00 61.12 ? 7  ALA A N    9  
ATOM 1783 C CA   . ALA A 1 7  ? -1.029 2.557  1.213  1.00 11.14 ? 7  ALA A CA   9  
ATOM 1784 C C    . ALA A 1 7  ? 0.280  2.601  0.432  1.00 31.51 ? 7  ALA A C    9  
ATOM 1785 O O    . ALA A 1 7  ? 0.684  3.655  -0.061 1.00 41.41 ? 7  ALA A O    9  
ATOM 1786 C CB   . ALA A 1 7  ? -0.765 2.751  2.699  1.00 14.50 ? 7  ALA A CB   9  
ATOM 1787 H H    . ALA A 1 7  ? -1.670 0.589  1.652  1.00 1.55  ? 7  ALA A H    9  
ATOM 1788 H HA   . ALA A 1 7  ? -1.664 3.364  0.877  1.00 44.02 ? 7  ALA A HA   9  
ATOM 1789 H HB1  . ALA A 1 7  ? -0.201 3.660  2.848  1.00 32.33 ? 7  ALA A HB1  9  
ATOM 1790 H HB2  . ALA A 1 7  ? -1.705 2.819  3.226  1.00 71.11 ? 7  ALA A HB2  9  
ATOM 1791 H HB3  . ALA A 1 7  ? -0.200 1.912  3.076  1.00 52.02 ? 7  ALA A HB3  9  
ATOM 1792 N N    . GLN A 1 8  ? 0.938  1.452  0.322  1.00 73.34 ? 8  GLN A N    9  
ATOM 1793 C CA   . GLN A 1 8  ? 2.202  1.361  -0.400 1.00 44.55 ? 8  GLN A CA   9  
ATOM 1794 C C    . GLN A 1 8  ? 1.973  1.405  -1.907 1.00 4.35  ? 8  GLN A C    9  
ATOM 1795 O O    . GLN A 1 8  ? 2.813  1.901  -2.656 1.00 24.31 ? 8  GLN A O    9  
ATOM 1796 C CB   . GLN A 1 8  ? 2.938  0.074  -0.021 1.00 41.24 ? 8  GLN A CB   9  
ATOM 1797 C CG   . GLN A 1 8  ? 4.198  -0.168 -0.835 1.00 71.23 ? 8  GLN A CG   9  
ATOM 1798 C CD   . GLN A 1 8  ? 5.321  -0.764 -0.010 1.00 33.23 ? 8  GLN A CD   9  
ATOM 1799 O OE1  . GLN A 1 8  ? 5.954  -0.072 0.788  1.00 54.41 ? 8  GLN A OE1  9  
ATOM 1800 N NE2  . GLN A 1 8  ? 5.574  -2.054 -0.198 1.00 12.00 ? 8  GLN A NE2  9  
ATOM 1801 H H    . GLN A 1 8  ? 0.564  0.646  0.736  1.00 73.30 ? 8  GLN A H    9  
ATOM 1802 H HA   . GLN A 1 8  ? 2.807  2.207  -0.115 1.00 24.14 ? 8  GLN A HA   9  
ATOM 1803 H HB2  . GLN A 1 8  ? 3.212  0.124  1.022  1.00 72.33 ? 8  GLN A HB2  9  
ATOM 1804 H HB3  . GLN A 1 8  ? 2.273  -0.764 -0.171 1.00 44.41 ? 8  GLN A HB3  9  
ATOM 1805 H HG2  . GLN A 1 8  ? 3.966  -0.847 -1.643 1.00 11.23 ? 8  GLN A HG2  9  
ATOM 1806 H HG3  . GLN A 1 8  ? 4.532  0.774  -1.245 1.00 10.11 ? 8  GLN A HG3  9  
ATOM 1807 H HE21 . GLN A 1 8  ? 5.030  -2.541 -0.851 1.00 62.05 ? 8  GLN A HE21 9  
ATOM 1808 H HE22 . GLN A 1 8  ? 6.295  -2.464 0.322  1.00 54.11 ? 8  GLN A HE22 9  
ATOM 1809 N N    . GLU A 1 9  ? 0.831  0.884  -2.343 1.00 13.41 ? 9  GLU A N    9  
ATOM 1810 C CA   . GLU A 1 9  ? 0.493  0.863  -3.761 1.00 34.32 ? 9  GLU A CA   9  
ATOM 1811 C C    . GLU A 1 9  ? 0.562  2.266  -4.357 1.00 1.03  ? 9  GLU A C    9  
ATOM 1812 O O    . GLU A 1 9  ? 0.946  2.445  -5.512 1.00 63.24 ? 9  GLU A O    9  
ATOM 1813 C CB   . GLU A 1 9  ? -0.905 0.278  -3.967 1.00 4.24  ? 9  GLU A CB   9  
ATOM 1814 C CG   . GLU A 1 9  ? -1.442 0.466  -5.377 1.00 52.41 ? 9  GLU A CG   9  
ATOM 1815 C CD   . GLU A 1 9  ? -2.751 -0.266 -5.604 1.00 31.12 ? 9  GLU A CD   9  
ATOM 1816 O OE1  . GLU A 1 9  ? -3.184 -1.003 -4.694 1.00 74.22 ? 9  GLU A OE1  9  
ATOM 1817 O OE2  . GLU A 1 9  ? -3.342 -0.101 -6.691 1.00 33.44 ? 9  GLU A OE2  9  
ATOM 1818 H H    . GLU A 1 9  ? 0.201  0.503  -1.696 1.00 12.50 ? 9  GLU A H    9  
ATOM 1819 H HA   . GLU A 1 9  ? 1.213  0.236  -4.265 1.00 73.11 ? 9  GLU A HA   9  
ATOM 1820 H HB2  . GLU A 1 9  ? -0.875 -0.780 -3.753 1.00 33.43 ? 9  GLU A HB2  9  
ATOM 1821 H HB3  . GLU A 1 9  ? -1.586 0.755  -3.279 1.00 5.11  ? 9  GLU A HB3  9  
ATOM 1822 H HG2  . GLU A 1 9  ? -1.602 1.519  -5.549 1.00 22.42 ? 9  GLU A HG2  9  
ATOM 1823 H HG3  . GLU A 1 9  ? -0.711 0.093  -6.079 1.00 24.20 ? 9  GLU A HG3  9  
ATOM 1824 N N    . LYS A 1 10 ? 0.187  3.261  -3.558 1.00 61.14 ? 10 LYS A N    9  
ATOM 1825 C CA   . LYS A 1 10 ? 0.206  4.649  -4.003 1.00 73.41 ? 10 LYS A CA   9  
ATOM 1826 C C    . LYS A 1 10 ? 1.544  5.306  -3.680 1.00 71.43 ? 10 LYS A C    9  
ATOM 1827 O O    . LYS A 1 10 ? 1.682  6.527  -3.757 1.00 31.01 ? 10 LYS A O    9  
ATOM 1828 C CB   . LYS A 1 10 ? -0.932 5.433  -3.345 1.00 60.54 ? 10 LYS A CB   9  
ATOM 1829 C CG   . LYS A 1 10 ? -0.651 5.815  -1.903 1.00 11.43 ? 10 LYS A CG   9  
ATOM 1830 C CD   . LYS A 1 10 ? -0.284 7.284  -1.776 1.00 24.04 ? 10 LYS A CD   9  
ATOM 1831 C CE   . LYS A 1 10 ? -0.761 7.866  -0.454 1.00 24.42 ? 10 LYS A CE   9  
ATOM 1832 N NZ   . LYS A 1 10 ? -2.236 8.073  -0.439 1.00 72.22 ? 10 LYS A NZ   9  
ATOM 1833 H H    . LYS A 1 10 ? -0.110 3.055  -2.646 1.00 74.50 ? 10 LYS A H    9  
ATOM 1834 H HA   . LYS A 1 10 ? 0.065  4.656  -5.074 1.00 42.54 ? 10 LYS A HA   9  
ATOM 1835 H HB2  . LYS A 1 10 ? -1.102 6.338  -3.909 1.00 64.03 ? 10 LYS A HB2  9  
ATOM 1836 H HB3  . LYS A 1 10 ? -1.829 4.830  -3.368 1.00 31.35 ? 10 LYS A HB3  9  
ATOM 1837 H HG2  . LYS A 1 10 ? -1.533 5.623  -1.310 1.00 24.22 ? 10 LYS A HG2  9  
ATOM 1838 H HG3  . LYS A 1 10 ? 0.169  5.216  -1.534 1.00 33.13 ? 10 LYS A HG3  9  
ATOM 1839 H HD2  . LYS A 1 10 ? 0.789  7.386  -1.834 1.00 54.53 ? 10 LYS A HD2  9  
ATOM 1840 H HD3  . LYS A 1 10 ? -0.744 7.832  -2.587 1.00 54.01 ? 10 LYS A HD3  9  
ATOM 1841 H HE2  . LYS A 1 10 ? -0.493 7.187  0.341  1.00 5.11  ? 10 LYS A HE2  9  
ATOM 1842 H HE3  . LYS A 1 10 ? -0.271 8.816  -0.296 1.00 53.11 ? 10 LYS A HE3  9  
ATOM 1843 H HZ1  . LYS A 1 10 ? -2.473 8.989  -0.870 1.00 4.13  ? 10 LYS A HZ1  9  
ATOM 1844 H HZ2  . LYS A 1 10 ? -2.587 8.061  0.540  1.00 63.25 ? 10 LYS A HZ2  9  
ATOM 1845 H HZ3  . LYS A 1 10 ? -2.708 7.317  -0.974 1.00 63.05 ? 10 LYS A HZ3  9  
ATOM 1846 N N    . PHE A 1 11 ? 2.528  4.488  -3.321 1.00 10.40 ? 11 PHE A N    9  
ATOM 1847 C CA   . PHE A 1 11 ? 3.855  4.991  -2.986 1.00 54.23 ? 11 PHE A CA   9  
ATOM 1848 C C    . PHE A 1 11 ? 4.899  4.466  -3.968 1.00 45.43 ? 11 PHE A C    9  
ATOM 1849 O O    . PHE A 1 11 ? 5.888  5.137  -4.257 1.00 75.02 ? 11 PHE A O    9  
ATOM 1850 C CB   . PHE A 1 11 ? 4.232  4.586  -1.559 1.00 34.22 ? 11 PHE A CB   9  
ATOM 1851 C CG   . PHE A 1 11 ? 3.459  5.321  -0.503 1.00 44.20 ? 11 PHE A CG   9  
ATOM 1852 C CD1  . PHE A 1 11 ? 3.014  6.615  -0.726 1.00 22.13 ? 11 PHE A CD1  9  
ATOM 1853 C CD2  . PHE A 1 11 ? 3.174  4.719  0.712  1.00 31.35 ? 11 PHE A CD2  9  
ATOM 1854 C CE1  . PHE A 1 11 ? 2.303  7.295  0.244  1.00 44.45 ? 11 PHE A CE1  9  
ATOM 1855 C CE2  . PHE A 1 11 ? 2.463  5.394  1.686  1.00 42.42 ? 11 PHE A CE2  9  
ATOM 1856 C CZ   . PHE A 1 11 ? 2.025  6.683  1.451  1.00 11.43 ? 11 PHE A CZ   9  
ATOM 1857 H H    . PHE A 1 11 ? 2.357  3.523  -3.278 1.00 24.13 ? 11 PHE A H    9  
ATOM 1858 H HA   . PHE A 1 11 ? 3.827  6.067  -3.050 1.00 72.21 ? 11 PHE A HA   9  
ATOM 1859 H HB2  . PHE A 1 11 ? 4.047  3.530  -1.431 1.00 53.12 ? 11 PHE A HB2  9  
ATOM 1860 H HB3  . PHE A 1 11 ? 5.282  4.785  -1.402 1.00 71.23 ? 11 PHE A HB3  9  
ATOM 1861 H HD1  . PHE A 1 11 ? 3.229  7.094  -1.670 1.00 23.22 ? 11 PHE A HD1  9  
ATOM 1862 H HD2  . PHE A 1 11 ? 3.516  3.710  0.896  1.00 11.24 ? 11 PHE A HD2  9  
ATOM 1863 H HE1  . PHE A 1 11 ? 1.962  8.302  0.059  1.00 3.00  ? 11 PHE A HE1  9  
ATOM 1864 H HE2  . PHE A 1 11 ? 2.248  4.913  2.629  1.00 50.24 ? 11 PHE A HE2  9  
ATOM 1865 H HZ   . PHE A 1 11 ? 1.470  7.212  2.211  1.00 44.43 ? 11 PHE A HZ   9  
ATOM 1866 N N    . GLY A 1 12 ? 4.669  3.259  -4.478 1.00 53.15 ? 12 GLY A N    9  
ATOM 1867 C CA   . GLY A 1 12 ? 5.597  2.663  -5.422 1.00 11.42 ? 12 GLY A CA   9  
ATOM 1868 C C    . GLY A 1 12 ? 5.391  3.170  -6.834 1.00 71.52 ? 12 GLY A C    9  
ATOM 1869 O O    . GLY A 1 12 ? 4.547  2.656  -7.568 1.00 25.33 ? 12 GLY A O    9  
ATOM 1870 H H    . GLY A 1 12 ? 3.863  2.769  -4.211 1.00 3.42  ? 12 GLY A H    9  
ATOM 1871 H HA2  . GLY A 1 12 ? 6.606  2.892  -5.111 1.00 63.11 ? 12 GLY A HA2  9  
ATOM 1872 H HA3  . GLY A 1 12 ? 5.463  1.591  -5.412 1.00 12.03 ? 12 GLY A HA3  9  
ATOM 1873 N N    . TRP A 1 1  ? -0.264 -6.025 5.212  1.00 32.30 ? 1  TRP A N    10 
ATOM 1874 C CA   . TRP A 1 1  ? -1.404 -6.597 4.504  1.00 71.34 ? 1  TRP A CA   10 
ATOM 1875 C C    . TRP A 1 1  ? -2.078 -5.551 3.623  1.00 40.21 ? 1  TRP A C    10 
ATOM 1876 O O    . TRP A 1 1  ? -1.416 -4.686 3.050  1.00 21.13 ? 1  TRP A O    10 
ATOM 1877 C CB   . TRP A 1 1  ? -2.413 -7.172 5.499  1.00 12.12 ? 1  TRP A CB   10 
ATOM 1878 C CG   . TRP A 1 1  ? -3.045 -6.130 6.371  1.00 13.51 ? 1  TRP A CG   10 
ATOM 1879 C CD1  . TRP A 1 1  ? -4.331 -5.676 6.305  1.00 10.14 ? 1  TRP A CD1  10 
ATOM 1880 C CD2  . TRP A 1 1  ? -2.418 -5.413 7.441  1.00 30.31 ? 1  TRP A CD2  10 
ATOM 1881 N NE1  . TRP A 1 1  ? -4.541 -4.719 7.269  1.00 43.11 ? 1  TRP A NE1  10 
ATOM 1882 C CE2  . TRP A 1 1  ? -3.384 -4.540 7.978  1.00 2.15  ? 1  TRP A CE2  10 
ATOM 1883 C CE3  . TRP A 1 1  ? -1.137 -5.424 7.997  1.00 35.14 ? 1  TRP A CE3  10 
ATOM 1884 C CZ2  . TRP A 1 1  ? -3.106 -3.687 9.043  1.00 54.31 ? 1  TRP A CZ2  10 
ATOM 1885 C CZ3  . TRP A 1 1  ? -0.861 -4.577 9.053  1.00 51.50 ? 1  TRP A CZ3  10 
ATOM 1886 C CH2  . TRP A 1 1  ? -1.842 -3.719 9.568  1.00 2.23  ? 1  TRP A CH2  10 
ATOM 1887 H H1   . TRP A 1 1  ? -0.345 -5.129 5.603  1.00 54.22 ? 1  TRP A H1   10 
ATOM 1888 H HA   . TRP A 1 1  ? -1.036 -7.396 3.876  1.00 0.11  ? 1  TRP A HA   10 
ATOM 1889 H HB2  . TRP A 1 1  ? -3.199 -7.673 4.956  1.00 62.03 ? 1  TRP A HB2  10 
ATOM 1890 H HB3  . TRP A 1 1  ? -1.910 -7.884 6.139  1.00 45.05 ? 1  TRP A HB3  10 
ATOM 1891 H HD1  . TRP A 1 1  ? -5.063 -6.025 5.593  1.00 3.03  ? 1  TRP A HD1  10 
ATOM 1892 H HE1  . TRP A 1 1  ? -5.385 -4.243 7.423  1.00 62.43 ? 1  TRP A HE1  10 
ATOM 1893 H HE3  . TRP A 1 1  ? -0.367 -6.077 7.614  1.00 74.22 ? 1  TRP A HE3  10 
ATOM 1894 H HZ2  . TRP A 1 1  ? -3.850 -3.020 9.452  1.00 43.32 ? 1  TRP A HZ2  10 
ATOM 1895 H HZ3  . TRP A 1 1  ? 0.125  -4.571 9.496  1.00 44.42 ? 1  TRP A HZ3  10 
ATOM 1896 H HH2  . TRP A 1 1  ? -1.583 -3.074 10.395 1.00 70.22 ? 1  TRP A HH2  10 
ATOM 1897 N N    . LYS A 1 2  ? -3.400 -5.636 3.519  1.00 64.44 ? 2  LYS A N    10 
ATOM 1898 C CA   . LYS A 1 2  ? -4.167 -4.697 2.709  1.00 33.23 ? 2  LYS A CA   10 
ATOM 1899 C C    . LYS A 1 2  ? -3.857 -3.257 3.106  1.00 31.35 ? 2  LYS A C    10 
ATOM 1900 O O    . LYS A 1 2  ? -3.826 -2.361 2.261  1.00 5.51  ? 2  LYS A O    10 
ATOM 1901 C CB   . LYS A 1 2  ? -5.665 -4.966 2.858  1.00 70.55 ? 2  LYS A CB   10 
ATOM 1902 C CG   . LYS A 1 2  ? -6.444 -3.785 3.411  1.00 63.22 ? 2  LYS A CG   10 
ATOM 1903 C CD   . LYS A 1 2  ? -6.534 -3.836 4.926  1.00 54.14 ? 2  LYS A CD   10 
ATOM 1904 C CE   . LYS A 1 2  ? -7.549 -2.836 5.458  1.00 53.52 ? 2  LYS A CE   10 
ATOM 1905 N NZ   . LYS A 1 2  ? -8.942 -3.354 5.357  1.00 11.23 ? 2  LYS A NZ   10 
ATOM 1906 H H    . LYS A 1 2  ? -3.872 -6.349 4.000  1.00 65.35 ? 2  LYS A H    10 
ATOM 1907 H HA   . LYS A 1 2  ? -3.884 -4.841 1.677  1.00 25.23 ? 2  LYS A HA   10 
ATOM 1908 H HB2  . LYS A 1 2  ? -6.071 -5.218 1.889  1.00 4.02  ? 2  LYS A HB2  10 
ATOM 1909 H HB3  . LYS A 1 2  ? -5.803 -5.805 3.525  1.00 71.34 ? 2  LYS A HB3  10 
ATOM 1910 H HG2  . LYS A 1 2  ? -5.948 -2.870 3.121  1.00 74.13 ? 2  LYS A HG2  10 
ATOM 1911 H HG3  . LYS A 1 2  ? -7.444 -3.800 2.999  1.00 74.52 ? 2  LYS A HG3  10 
ATOM 1912 H HD2  . LYS A 1 2  ? -6.832 -4.830 5.228  1.00 32.41 ? 2  LYS A HD2  10 
ATOM 1913 H HD3  . LYS A 1 2  ? -5.563 -3.607 5.343  1.00 42.52 ? 2  LYS A HD3  10 
ATOM 1914 H HE2  . LYS A 1 2  ? -7.325 -2.632 6.494  1.00 31.31 ? 2  LYS A HE2  10 
ATOM 1915 H HE3  . LYS A 1 2  ? -7.471 -1.924 4.886  1.00 54.14 ? 2  LYS A HE3  10 
ATOM 1916 H HZ1  . LYS A 1 2  ? -9.622 -2.573 5.455  1.00 2.14  ? 2  LYS A HZ1  10 
ATOM 1917 H HZ2  . LYS A 1 2  ? -9.120 -4.050 6.109  1.00 51.42 ? 2  LYS A HZ2  10 
ATOM 1918 H HZ3  . LYS A 1 2  ? -9.087 -3.812 4.435  1.00 51.01 ? 2  LYS A HZ3  10 
ATOM 1919 N N    . LEU A 1 3  ? -3.624 -3.041 4.396  1.00 15.02 ? 3  LEU A N    10 
ATOM 1920 C CA   . LEU A 1 3  ? -3.314 -1.710 4.907  1.00 72.31 ? 3  LEU A CA   10 
ATOM 1921 C C    . LEU A 1 3  ? -1.896 -1.297 4.524  1.00 45.32 ? 3  LEU A C    10 
ATOM 1922 O O    . LEU A 1 3  ? -1.550 -0.116 4.564  1.00 0.15  ? 3  LEU A O    10 
ATOM 1923 C CB   . LEU A 1 3  ? -3.476 -1.674 6.427  1.00 71.02 ? 3  LEU A CB   10 
ATOM 1924 C CG   . LEU A 1 3  ? -3.195 -0.331 7.100  1.00 32.11 ? 3  LEU A CG   10 
ATOM 1925 C CD1  . LEU A 1 3  ? -1.705 -0.159 7.348  1.00 1.03  ? 3  LEU A CD1  10 
ATOM 1926 C CD2  . LEU A 1 3  ? -3.732 0.813  6.252  1.00 4.11  ? 3  LEU A CD2  10 
ATOM 1927 H H    . LEU A 1 3  ? -3.662 -3.795 5.022  1.00 71.31 ? 3  LEU A H    10 
ATOM 1928 H HA   . LEU A 1 3  ? -4.010 -1.015 4.462  1.00 62.40 ? 3  LEU A HA   10 
ATOM 1929 H HB2  . LEU A 1 3  ? -4.492 -1.954 6.658  1.00 21.02 ? 3  LEU A HB2  10 
ATOM 1930 H HB3  . LEU A 1 3  ? -2.799 -2.405 6.848  1.00 3.23  ? 3  LEU A HB3  10 
ATOM 1931 H HG   . LEU A 1 3  ? -3.697 -0.304 8.058  1.00 24.34 ? 3  LEU A HG   10 
ATOM 1932 H HD11 . LEU A 1 3  ? -1.542 0.141  8.373  1.00 70.15 ? 3  LEU A HD11 10 
ATOM 1933 H HD12 . LEU A 1 3  ? -1.315 0.599  6.685  1.00 12.24 ? 3  LEU A HD12 10 
ATOM 1934 H HD13 . LEU A 1 3  ? -1.199 -1.095 7.162  1.00 70.33 ? 3  LEU A HD13 10 
ATOM 1935 H HD21 . LEU A 1 3  ? -3.371 0.711  5.241  1.00 60.53 ? 3  LEU A HD21 10 
ATOM 1936 H HD22 . LEU A 1 3  ? -3.394 1.753  6.662  1.00 34.44 ? 3  LEU A HD22 10 
ATOM 1937 H HD23 . LEU A 1 3  ? -4.813 0.787  6.256  1.00 75.30 ? 3  LEU A HD23 10 
ATOM 1938 N N    . LEU A 1 4  ? -1.080 -2.277 4.153  1.00 12.21 ? 4  LEU A N    10 
ATOM 1939 C CA   . LEU A 1 4  ? 0.301  -2.017 3.762  1.00 64.33 ? 4  LEU A CA   10 
ATOM 1940 C C    . LEU A 1 4  ? 0.420  -1.880 2.246  1.00 14.43 ? 4  LEU A C    10 
ATOM 1941 O O    . LEU A 1 4  ? 1.221  -1.091 1.746  1.00 30.21 ? 4  LEU A O    10 
ATOM 1942 C CB   . LEU A 1 4  ? 1.213  -3.139 4.257  1.00 14.45 ? 4  LEU A CB   10 
ATOM 1943 C CG   . LEU A 1 4  ? 1.756  -2.984 5.678  1.00 51.43 ? 4  LEU A CG   10 
ATOM 1944 C CD1  . LEU A 1 4  ? 2.499  -1.666 5.827  1.00 64.41 ? 4  LEU A CD1  10 
ATOM 1945 C CD2  . LEU A 1 4  ? 0.626  -3.080 6.693  1.00 32.14 ? 4  LEU A CD2  10 
ATOM 1946 H H    . LEU A 1 4  ? -1.413 -3.199 4.141  1.00 13.15 ? 4  LEU A H    10 
ATOM 1947 H HA   . LEU A 1 4  ? 0.604  -1.087 4.219  1.00 33.13 ? 4  LEU A HA   10 
ATOM 1948 H HB2  . LEU A 1 4  ? 0.656  -4.062 4.215  1.00 64.42 ? 4  LEU A HB2  10 
ATOM 1949 H HB3  . LEU A 1 4  ? 2.058  -3.200 3.585  1.00 64.03 ? 4  LEU A HB3  10 
ATOM 1950 H HG   . LEU A 1 4  ? 2.455  -3.785 5.880  1.00 72.35 ? 4  LEU A HG   10 
ATOM 1951 H HD11 . LEU A 1 4  ? 2.041  -1.081 6.609  1.00 45.12 ? 4  LEU A HD11 10 
ATOM 1952 H HD12 . LEU A 1 4  ? 2.452  -1.120 4.895  1.00 14.42 ? 4  LEU A HD12 10 
ATOM 1953 H HD13 . LEU A 1 4  ? 3.531  -1.861 6.078  1.00 23.25 ? 4  LEU A HD13 10 
ATOM 1954 H HD21 . LEU A 1 4  ? 0.506  -2.127 7.189  1.00 32.10 ? 4  LEU A HD21 10 
ATOM 1955 H HD22 . LEU A 1 4  ? 0.862  -3.838 7.425  1.00 70.35 ? 4  LEU A HD22 10 
ATOM 1956 H HD23 . LEU A 1 4  ? -0.291 -3.341 6.187  1.00 45.22 ? 4  LEU A HD23 10 
ATOM 1957 N N    . SER A 1 5  ? -0.383 -2.653 1.523  1.00 44.20 ? 5  SER A N    10 
ATOM 1958 C CA   . SER A 1 5  ? -0.367 -2.619 0.065  1.00 73.30 ? 5  SER A CA   10 
ATOM 1959 C C    . SER A 1 5  ? -1.189 -1.447 -0.462 1.00 4.42  ? 5  SER A C    10 
ATOM 1960 O O    . SER A 1 5  ? -0.849 -0.840 -1.478 1.00 12.45 ? 5  SER A O    10 
ATOM 1961 C CB   . SER A 1 5  ? -0.908 -3.933 -0.503 1.00 24.04 ? 5  SER A CB   10 
ATOM 1962 O OG   . SER A 1 5  ? -0.245 -5.046 0.069  1.00 53.05 ? 5  SER A OG   10 
ATOM 1963 H H    . SER A 1 5  ? -1.000 -3.262 1.980  1.00 4.14  ? 5  SER A H    10 
ATOM 1964 H HA   . SER A 1 5  ? 0.658  -2.494 -0.252 1.00 55.45 ? 5  SER A HA   10 
ATOM 1965 H HB2  . SER A 1 5  ? -1.963 -4.008 -0.287 1.00 22.44 ? 5  SER A HB2  10 
ATOM 1966 H HB3  . SER A 1 5  ? -0.757 -3.949 -1.572 1.00 70.32 ? 5  SER A HB3  10 
ATOM 1967 H HG   . SER A 1 5  ? -0.890 -5.718 0.303  1.00 44.41 ? 5  SER A HG   10 
ATOM 1968 N N    . LYS A 1 6  ? -2.275 -1.133 0.238  1.00 10.42 ? 6  LYS A N    10 
ATOM 1969 C CA   . LYS A 1 6  ? -3.148 -0.034 -0.155 1.00 35.23 ? 6  LYS A CA   10 
ATOM 1970 C C    . LYS A 1 6  ? -2.427 1.305  -0.032 1.00 14.02 ? 6  LYS A C    10 
ATOM 1971 O O    . LYS A 1 6  ? -2.554 2.171  -0.897 1.00 15.43 ? 6  LYS A O    10 
ATOM 1972 C CB   . LYS A 1 6  ? -4.411 -0.025 0.707  1.00 65.12 ? 6  LYS A CB   10 
ATOM 1973 C CG   . LYS A 1 6  ? -5.157 1.299  0.681  1.00 55.33 ? 6  LYS A CG   10 
ATOM 1974 C CD   . LYS A 1 6  ? -4.963 2.073  1.973  1.00 10.02 ? 6  LYS A CD   10 
ATOM 1975 C CE   . LYS A 1 6  ? -4.707 3.549  1.706  1.00 72.23 ? 6  LYS A CE   10 
ATOM 1976 N NZ   . LYS A 1 6  ? -5.975 4.303  1.502  1.00 13.14 ? 6  LYS A NZ   10 
ATOM 1977 H H    . LYS A 1 6  ? -2.494 -1.654 1.039  1.00 51.21 ? 6  LYS A H    10 
ATOM 1978 H HA   . LYS A 1 6  ? -3.427 -0.185 -1.187 1.00 34.01 ? 6  LYS A HA   10 
ATOM 1979 H HB2  . LYS A 1 6  ? -5.079 -0.797 0.355  1.00 73.34 ? 6  LYS A HB2  10 
ATOM 1980 H HB3  . LYS A 1 6  ? -4.136 -0.239 1.730  1.00 24.14 ? 6  LYS A HB3  10 
ATOM 1981 H HG2  . LYS A 1 6  ? -4.788 1.893  -0.141 1.00 74.33 ? 6  LYS A HG2  10 
ATOM 1982 H HG3  . LYS A 1 6  ? -6.211 1.104  0.542  1.00 12.42 ? 6  LYS A HG3  10 
ATOM 1983 H HD2  . LYS A 1 6  ? -5.853 1.977  2.577  1.00 24.23 ? 6  LYS A HD2  10 
ATOM 1984 H HD3  . LYS A 1 6  ? -4.118 1.661  2.507  1.00 74.32 ? 6  LYS A HD3  10 
ATOM 1985 H HE2  . LYS A 1 6  ? -4.180 3.967  2.548  1.00 14.03 ? 6  LYS A HE2  10 
ATOM 1986 H HE3  . LYS A 1 6  ? -4.098 3.639  0.818  1.00 1.53  ? 6  LYS A HE3  10 
ATOM 1987 H HZ1  . LYS A 1 6  ? -6.343 4.133  0.546  1.00 64.22 ? 6  LYS A HZ1  10 
ATOM 1988 H HZ2  . LYS A 1 6  ? -5.805 5.323  1.621  1.00 50.32 ? 6  LYS A HZ2  10 
ATOM 1989 H HZ3  . LYS A 1 6  ? -6.687 3.999  2.196  1.00 71.21 ? 6  LYS A HZ3  10 
ATOM 1990 N N    . ALA A 1 7  ? -1.668 1.465  1.046  1.00 14.55 ? 7  ALA A N    10 
ATOM 1991 C CA   . ALA A 1 7  ? -0.923 2.697  1.281  1.00 71.13 ? 7  ALA A CA   10 
ATOM 1992 C C    . ALA A 1 7  ? 0.372  2.716  0.476  1.00 71.32 ? 7  ALA A C    10 
ATOM 1993 O O    . ALA A 1 7  ? 0.782  3.760  -0.031 1.00 73.04 ? 7  ALA A O    10 
ATOM 1994 C CB   . ALA A 1 7  ? -0.627 2.861  2.765  1.00 74.23 ? 7  ALA A CB   10 
ATOM 1995 H H    . ALA A 1 7  ? -1.605 0.738  1.700  1.00 52.42 ? 7  ALA A H    10 
ATOM 1996 H HA   . ALA A 1 7  ? -1.542 3.525  0.969  1.00 74.54 ? 7  ALA A HA   10 
ATOM 1997 H HB1  . ALA A 1 7  ? -1.554 2.985  3.304  1.00 45.54 ? 7  ALA A HB1  10 
ATOM 1998 H HB2  . ALA A 1 7  ? -0.113 1.983  3.128  1.00 21.30 ? 7  ALA A HB2  10 
ATOM 1999 H HB3  . ALA A 1 7  ? -0.005 3.731  2.913  1.00 55.14 ? 7  ALA A HB3  10 
ATOM 2000 N N    . GLN A 1 8  ? 1.012  1.556  0.364  1.00 12.15 ? 8  GLN A N    10 
ATOM 2001 C CA   . GLN A 1 8  ? 2.262  1.442  -0.378 1.00 25.32 ? 8  GLN A CA   10 
ATOM 2002 C C    . GLN A 1 8  ? 2.011  1.517  -1.880 1.00 72.42 ? 8  GLN A C    10 
ATOM 2003 O O    . GLN A 1 8  ? 2.868  1.966  -2.640 1.00 31.41 ? 8  GLN A O    10 
ATOM 2004 C CB   . GLN A 1 8  ? 2.968  0.130  -0.031 1.00 23.12 ? 8  GLN A CB   10 
ATOM 2005 C CG   . GLN A 1 8  ? 4.226  -0.118 -0.847 1.00 11.43 ? 8  GLN A CG   10 
ATOM 2006 C CD   . GLN A 1 8  ? 5.320  -0.793 -0.043 1.00 42.40 ? 8  GLN A CD   10 
ATOM 2007 O OE1  . GLN A 1 8  ? 5.771  -0.269 0.976  1.00 23.42 ? 8  GLN A OE1  10 
ATOM 2008 N NE2  . GLN A 1 8  ? 5.752  -1.963 -0.497 1.00 61.21 ? 8  GLN A NE2  10 
ATOM 2009 H H    . GLN A 1 8  ? 0.635  0.759  0.791  1.00 1.24  ? 8  GLN A H    10 
ATOM 2010 H HA   . GLN A 1 8  ? 2.894  2.268  -0.089 1.00 72.43 ? 8  GLN A HA   10 
ATOM 2011 H HB2  . GLN A 1 8  ? 3.239  0.147  1.014  1.00 30.21 ? 8  GLN A HB2  10 
ATOM 2012 H HB3  . GLN A 1 8  ? 2.285  -0.688 -0.204 1.00 51.54 ? 8  GLN A HB3  10 
ATOM 2013 H HG2  . GLN A 1 8  ? 3.976  -0.750 -1.687 1.00 30.23 ? 8  GLN A HG2  10 
ATOM 2014 H HG3  . GLN A 1 8  ? 4.597  0.829  -1.209 1.00 34.34 ? 8  GLN A HG3  10 
ATOM 2015 H HE21 . GLN A 1 8  ? 5.347  -2.320 -1.316 1.00 31.22 ? 8  GLN A HE21 10 
ATOM 2016 H HE22 . GLN A 1 8  ? 6.459  -2.421 0.003  1.00 22.40 ? 8  GLN A HE22 10 
ATOM 2017 N N    . GLU A 1 9  ? 0.831  1.072  -2.301 1.00 24.33 ? 9  GLU A N    10 
ATOM 2018 C CA   . GLU A 1 9  ? 0.469  1.087  -3.714 1.00 33.55 ? 9  GLU A CA   10 
ATOM 2019 C C    . GLU A 1 9  ? 0.646  2.484  -4.306 1.00 51.52 ? 9  GLU A C    10 
ATOM 2020 O O    . GLU A 1 9  ? 1.068  2.636  -5.452 1.00 11.51 ? 9  GLU A O    10 
ATOM 2021 C CB   . GLU A 1 9  ? -0.977 0.623  -3.899 1.00 15.45 ? 9  GLU A CB   10 
ATOM 2022 C CG   . GLU A 1 9  ? -1.527 0.882  -5.290 1.00 64.44 ? 9  GLU A CG   10 
ATOM 2023 C CD   . GLU A 1 9  ? -0.702 0.220  -6.376 1.00 61.13 ? 9  GLU A CD   10 
ATOM 2024 O OE1  . GLU A 1 9  ? -0.518 -1.014 -6.314 1.00 11.52 ? 9  GLU A OE1  10 
ATOM 2025 O OE2  . GLU A 1 9  ? -0.241 0.935  -7.290 1.00 21.41 ? 9  GLU A OE2  10 
ATOM 2026 H H    . GLU A 1 9  ? 0.189  0.725  -1.647 1.00 73.10 ? 9  GLU A H    10 
ATOM 2027 H HA   . GLU A 1 9  ? 1.126  0.405  -4.231 1.00 71.35 ? 9  GLU A HA   10 
ATOM 2028 H HB2  . GLU A 1 9  ? -1.029 -0.439 -3.704 1.00 73.42 ? 9  GLU A HB2  10 
ATOM 2029 H HB3  . GLU A 1 9  ? -1.601 1.140  -3.184 1.00 61.31 ? 9  GLU A HB3  10 
ATOM 2030 H HG2  . GLU A 1 9  ? -2.535 0.500  -5.342 1.00 25.21 ? 9  GLU A HG2  10 
ATOM 2031 H HG3  . GLU A 1 9  ? -1.537 1.948  -5.466 1.00 64.02 ? 9  GLU A HG3  10 
ATOM 2032 N N    . LYS A 1 10 ? 0.319  3.500  -3.515 1.00 1.52  ? 10 LYS A N    10 
ATOM 2033 C CA   . LYS A 1 10 ? 0.441  4.884  -3.957 1.00 60.02 ? 10 LYS A CA   10 
ATOM 2034 C C    . LYS A 1 10 ? 1.830  5.433  -3.650 1.00 51.50 ? 10 LYS A C    10 
ATOM 2035 O O    . LYS A 1 10 ? 2.065  6.639  -3.737 1.00 34.21 ? 10 LYS A O    10 
ATOM 2036 C CB   . LYS A 1 10 ? -0.624 5.752  -3.282 1.00 62.11 ? 10 LYS A CB   10 
ATOM 2037 C CG   . LYS A 1 10 ? -0.411 5.924  -1.789 1.00 14.13 ? 10 LYS A CG   10 
ATOM 2038 C CD   . LYS A 1 10 ? -1.483 5.208  -0.986 1.00 51.24 ? 10 LYS A CD   10 
ATOM 2039 C CE   . LYS A 1 10 ? -2.858 5.810  -1.229 1.00 21.40 ? 10 LYS A CE   10 
ATOM 2040 N NZ   . LYS A 1 10 ? -3.383 6.499  -0.017 1.00 63.03 ? 10 LYS A NZ   10 
ATOM 2041 H H    . LYS A 1 10 ? -0.012 3.315  -2.610 1.00 63.32 ? 10 LYS A H    10 
ATOM 2042 H HA   . LYS A 1 10 ? 0.287  4.905  -5.026 1.00 5.22  ? 10 LYS A HA   10 
ATOM 2043 H HB2  . LYS A 1 10 ? -0.617 6.730  -3.742 1.00 10.53 ? 10 LYS A HB2  10 
ATOM 2044 H HB3  . LYS A 1 10 ? -1.592 5.298  -3.437 1.00 2.44  ? 10 LYS A HB3  10 
ATOM 2045 H HG2  . LYS A 1 10 ? 0.555  5.518  -1.523 1.00 5.35  ? 10 LYS A HG2  10 
ATOM 2046 H HG3  . LYS A 1 10 ? -0.439 6.978  -1.549 1.00 63.42 ? 10 LYS A HG3  10 
ATOM 2047 H HD2  . LYS A 1 10 ? -1.503 4.167  -1.276 1.00 10.41 ? 10 LYS A HD2  10 
ATOM 2048 H HD3  . LYS A 1 10 ? -1.246 5.285  0.066  1.00 1.02  ? 10 LYS A HD3  10 
ATOM 2049 H HE2  . LYS A 1 10 ? -2.786 6.524  -2.035 1.00 63.54 ? 10 LYS A HE2  10 
ATOM 2050 H HE3  . LYS A 1 10 ? -3.539 5.020  -1.507 1.00 23.32 ? 10 LYS A HE3  10 
ATOM 2051 H HZ1  . LYS A 1 10 ? -2.711 7.227  0.300  1.00 41.13 ? 10 LYS A HZ1  10 
ATOM 2052 H HZ2  . LYS A 1 10 ? -3.524 5.812  0.751  1.00 32.32 ? 10 LYS A HZ2  10 
ATOM 2053 H HZ3  . LYS A 1 10 ? -4.294 6.953  -0.231 1.00 11.10 ? 10 LYS A HZ3  10 
ATOM 2054 N N    . PHE A 1 11 ? 2.748  4.541  -3.292 1.00 20.01 ? 11 PHE A N    10 
ATOM 2055 C CA   . PHE A 1 11 ? 4.115  4.937  -2.972 1.00 44.22 ? 11 PHE A CA   10 
ATOM 2056 C C    . PHE A 1 11 ? 5.110  4.254  -3.904 1.00 74.32 ? 11 PHE A C    10 
ATOM 2057 O O    . PHE A 1 11 ? 6.151  4.819  -4.240 1.00 71.33 ? 11 PHE A O    10 
ATOM 2058 C CB   . PHE A 1 11 ? 4.441  4.593  -1.517 1.00 21.01 ? 11 PHE A CB   10 
ATOM 2059 C CG   . PHE A 1 11 ? 3.610  5.350  -0.521 1.00 21.31 ? 11 PHE A CG   10 
ATOM 2060 C CD1  . PHE A 1 11 ? 3.141  6.621  -0.813 1.00 74.34 ? 11 PHE A CD1  10 
ATOM 2061 C CD2  . PHE A 1 11 ? 3.299  4.792  0.709  1.00 63.22 ? 11 PHE A CD2  10 
ATOM 2062 C CE1  . PHE A 1 11 ? 2.377  7.321  0.100  1.00 0.32  ? 11 PHE A CE1  10 
ATOM 2063 C CE2  . PHE A 1 11 ? 2.534  5.487  1.626  1.00 14.45 ? 11 PHE A CE2  10 
ATOM 2064 C CZ   . PHE A 1 11 ? 2.074  6.753  1.322  1.00 21.15 ? 11 PHE A CZ   10 
ATOM 2065 H H    . PHE A 1 11 ? 2.500  3.594  -3.240 1.00 25.54 ? 11 PHE A H    10 
ATOM 2066 H HA   . PHE A 1 11 ? 4.189  6.005  -3.105 1.00 23.34 ? 11 PHE A HA   10 
ATOM 2067 H HB2  . PHE A 1 11 ? 4.270  3.538  -1.357 1.00 23.53 ? 11 PHE A HB2  10 
ATOM 2068 H HB3  . PHE A 1 11 ? 5.478  4.818  -1.326 1.00 74.11 ? 11 PHE A HB3  10 
ATOM 2069 H HD1  . PHE A 1 11 ? 3.379  7.066  -1.770 1.00 24.43 ? 11 PHE A HD1  10 
ATOM 2070 H HD2  . PHE A 1 11 ? 3.659  3.803  0.948  1.00 63.32 ? 11 PHE A HD2  10 
ATOM 2071 H HE1  . PHE A 1 11 ? 2.018  8.311  -0.141 1.00 13.54 ? 11 PHE A HE1  10 
ATOM 2072 H HE2  . PHE A 1 11 ? 2.299  5.041  2.581  1.00 3.13  ? 11 PHE A HE2  10 
ATOM 2073 H HZ   . PHE A 1 11 ? 1.476  7.298  2.038  1.00 0.10  ? 11 PHE A HZ   10 
ATOM 2074 N N    . GLY A 1 12 ? 4.784  3.033  -4.317 1.00 75.32 ? 12 GLY A N    10 
ATOM 2075 C CA   . GLY A 1 12 ? 5.660  2.292  -5.206 1.00 53.45 ? 12 GLY A CA   10 
ATOM 2076 C C    . GLY A 1 12 ? 5.516  2.719  -6.653 1.00 3.44  ? 12 GLY A C    10 
ATOM 2077 O O    . GLY A 1 12 ? 5.987  2.034  -7.560 1.00 53.23 ? 12 GLY A O    10 
ATOM 2078 H H    . GLY A 1 12 ? 3.942  2.632  -4.016 1.00 1.03  ? 12 GLY A H    10 
ATOM 2079 H HA2  . GLY A 1 12 ? 6.683  2.445  -4.895 1.00 65.23 ? 12 GLY A HA2  10 
ATOM 2080 H HA3  . GLY A 1 12 ? 5.425  1.240  -5.129 1.00 34.21 ? 12 GLY A HA3  10 
# 
